data_7VF2
#
_entry.id   7VF2
#
loop_
_entity.id
_entity.type
_entity.pdbx_description
1 polymer 'Protein virilizer homolog'
2 polymer 'Zinc finger CCCH domain-containing protein 13'
3 polymer 'Pre-mRNA-splicing regulator WTAP'
#
loop_
_entity_poly.entity_id
_entity_poly.type
_entity_poly.pdbx_seq_one_letter_code
_entity_poly.pdbx_strand_id
1 'polypeptide(L)'
;MAVDSAMELLFLDTFKHPSAEQSSHIDVVRFPCVVYINEVRVIPPGVRAHSSLPDNRAYGETSPHTFQLDLFFNNVSKPS
APVFDRLGSLEYDENTSIIFRPNSKVNTDGLVLRGWYNCLTLAIYGSVDRVISHDRDSPPPPPPPPPPPQPQPSLKRNPK
HADGEKEDQFNGSPPRPQPRGPRTPPGPPPPDDDEDDPVPLPVSGDKEEDAPHREDYFEPISPDRNSVPQEGQYSDEGEV
EEEQQEEGEEDEDDVDVEEEEDEDEDDRRTVDSIPEEEEEDEEEEGEEDEEGEGDDGYEQISSDEDGIADLERETFKYPN
FDVEYTAEDLASVPPMTYDPYDRELVPLLYFSCPYKTTFEIEISRMKDQGPDKENSGAIEASVKLTELLDLYREDRGAKW
VTALEEIPSLIIKGLSYLQLKNTKQDSLGQLVDWTMQALNLQVALRQPIALNVRQLKAGTKLVSSLAECGAQGVTGLLQA
GVISGLFELLFADHVSSSLKLNAFKALDSVISMTEGMEAFLRGRQNEKSGYQKLLELILLDQTVRVVTAGSAILQKCHFY
EVLSEIKRLGDHLAEKTSSLPNHSEPDHDTDAGLERTNPEYENEVEASMDMDLLESSNISEGEIERLINLLEEVFHLMET
APHTMIQQPVKSFPTMARITGPPERDDPYPVLFRYLHSHHFLELVTLLLSIPVTSAHPGVLQATKDVLKFLAQSQKGLLF
FMSEYEATNLLIRALCHFYDQDEEEGLQSDGVIDDAFALWLQDSTQTLQCITELFSHFQRCTASEETDHSDLLGTLHNLY
LITFNPVGRSAVGHVFSLEKNLQSLITLMEYYSKEALGDSKSKKSVAYNYACILILVVVQSSSDVQMLEQHAASLLKLCK
ADENNAKLQELGKWLEPLKNLRFEINCIPNLIEYVKQNIDNLMTPEGVGLTTALRVLCNVACPPPPVEGQQKDLKWNLAV
IQLFSAEGMDTFIRVLQKLNSILTQPWRLHVNMGTTLHRVTTISMARCTLTLLKTMLTELLRGGSFEFKDMRVPSALVTL
HMLLCSIPLSGRLDSDEQKIQNDIIDILLTFTQGVNEKLTISEETLANNTWSLMLKEVLSSILKVPEGFFSGLILLSELL
PLPLPMQTTQVIEPHDISVALNTRKLWSMHLHVQAKLLQEIVRSFSGTTCQPIQHMLRRICVQLCDLASPTALLIMRTVL
DLIVEDLQSTSEDKEKQYTSQTTRLLALLDALASHKACKLAILHLINGTIKGDERYAEIFQDLLALVRSPGDSVIRQQCV
EYVTSILQSLCDQDIALILPSSSEGSISELEQLSNSLPNKELMTSICDCLLATLANSESSYNCLLTCVRTMMFLAEHDYG
LFHLKSSLRKNSSALHSLLKRVVSTFSKDTGELASSFLEFMRQILNSDTIGCCGDDNGLMEVEGAHTSRTMSINAAELKQ
LLQSKEESPENLFLELEKLVLEHSKDDDNLDSLLDSVVGLKQMLESSGDPLPLSDQDVEPVLSAPESLQNLFNNRTAYVL
ADVMDDQLKSMWFTPFQAEEIDTDLDLVKVDLIELSEKCCSDFDLHSELERSFLSEPSSPGRTKTTKGFKLGKHKHETFI
TSSGKSEYIEPAKRAHVVPPPRGRGRGGFGQGIRPHDIFRQRKQNTSRPPSMHVDDFVAAESKEVVPQDGIPPPKRPLKV
SQKISSRGGFSGNRGGRGAFHSQNRFFTPPASKGNYSRREGTRGSSWSAQNTPRGNYNESRGGQSNFNRGPLPPLRPLSS
TGYRPSPRDRASRGRGGLGPSWASANSGSGGSRGKFVSGGSGRGRHVRSFTR
;
A
2 'polypeptide(L)'
;PVATATATTVPATLAATTAAAATSFSTSAITISTSATPTNTTNNTFANEDSHRKCHRTRVEKVETPHVTIEDAQHRKPMD
QKRSSSLGSNRSNRSHTSGRLRSPSNDSAHRSGDDQSGRKRVLHSGSRDREKTKSLEITGERKSRIDQLKRGEPSRSTSS
DRQDSRSHSSRRSSPESDRQVHSRSGSFDSRDRLQERDRYEHDRERERERRDTRQREWDRDADKDWPRNRDRDRLRERER
ERERDKRRDLDRERERLISDSVERDRDRDRDRTFESSQIESVKRCEAKLEGEHERDLESTSRDSLALDKERMDKDLGSVQ
GFEETNKSERTESLEGDDESKLDDAHSLGSGAGEGYEPISDDELDEILAGDAEKREDQQDEEKMPDPLDVIDVDWSGLMP
KHPKEPREPGAALLKFTPGAVMLRVGISKKLAGSELFAKVKETCQRLLEKPKDADNLFEHELGALNMAALLRKEERASLL
SNLGPCCKALCFRRDSAIRKQLVKNEKGTIKQAYTSAPMVDNELLRLSLRLFKRKTTCHAPGHEKTEDNKLSQSSIQQEL
CVS
;
B
3 'polypeptide(L)'
;MTNEEPLPKKVRLSETDFKVMARDELILRWKQYEAYVQALEGKYTDLNSNDVTGLRESEEKLKQQQQESARRENILVMRL
ATKEQEMQECTTQIQYLKQVQQPSVAQLRSTMVDPAINLFFLKMKGELEQTKDKLEQAQNELSAWKFTPDSQTGKKLMAK
CRMLIQENQELGRQLSQGRIAQLEAELALQKKYSEELKSSQDELNDFIIQLDEEVEGMQSTILVLQQQLKETRQQLAQYQ
QQQSQASAPSTSRTTASEPVEQSEATSKDCSRLTNGPSNGSSSRQRTSGSGFHREGNTTEDDFPSSPGNGNKSSNSSEER
TGRGGSGYVNQLSAGYESVDSPTGSENSLTHQSNDTDSSHDPQEEKAVSGKGNRTVGSRHVQNGLDSSVNVQGSVL
;
C,D
#
# COMPACT_ATOMS: atom_id res chain seq x y z
N VAL A 333 37.63 -23.83 15.20
CA VAL A 333 36.47 -23.15 15.75
C VAL A 333 35.86 -22.26 14.67
N PRO A 334 34.53 -22.27 14.55
CA PRO A 334 33.89 -21.44 13.54
C PRO A 334 34.07 -19.97 13.85
N PRO A 335 34.10 -19.12 12.83
CA PRO A 335 34.26 -17.67 13.06
C PRO A 335 32.98 -17.07 13.64
N MET A 336 33.06 -16.67 14.91
CA MET A 336 31.90 -16.04 15.55
C MET A 336 31.57 -14.70 14.91
N THR A 337 32.51 -14.08 14.21
CA THR A 337 32.21 -12.94 13.37
C THR A 337 31.71 -13.42 12.01
N TYR A 338 30.82 -12.62 11.41
CA TYR A 338 30.10 -13.05 10.23
C TYR A 338 30.20 -12.00 9.13
N ASP A 339 30.79 -12.39 8.01
CA ASP A 339 30.67 -11.64 6.76
C ASP A 339 29.61 -12.33 5.93
N PRO A 340 28.42 -11.74 5.77
CA PRO A 340 27.28 -12.51 5.24
C PRO A 340 27.50 -13.06 3.83
N TYR A 341 28.25 -12.37 2.97
CA TYR A 341 28.35 -12.79 1.59
C TYR A 341 29.54 -13.70 1.33
N ASP A 342 30.23 -14.17 2.37
CA ASP A 342 31.36 -15.08 2.15
C ASP A 342 30.87 -16.49 1.82
N ARG A 343 29.77 -16.91 2.42
CA ARG A 343 29.20 -18.21 2.10
C ARG A 343 28.36 -18.08 0.83
N GLU A 344 28.37 -19.13 0.00
CA GLU A 344 27.65 -19.13 -1.26
C GLU A 344 26.88 -20.44 -1.41
N LEU A 345 25.94 -20.44 -2.34
CA LEU A 345 25.03 -21.56 -2.50
C LEU A 345 25.70 -22.72 -3.24
N VAL A 346 25.24 -23.92 -2.95
CA VAL A 346 25.65 -25.14 -3.65
C VAL A 346 24.38 -25.79 -4.17
N PRO A 347 24.50 -26.79 -5.05
CA PRO A 347 23.30 -27.46 -5.56
C PRO A 347 22.47 -28.06 -4.43
N LEU A 348 21.16 -28.14 -4.68
CA LEU A 348 20.24 -28.68 -3.69
C LEU A 348 20.65 -30.08 -3.24
N LEU A 349 20.32 -30.42 -2.01
CA LEU A 349 20.66 -31.71 -1.44
C LEU A 349 19.45 -32.51 -0.99
N TYR A 350 18.45 -31.87 -0.38
CA TYR A 350 17.33 -32.61 0.18
C TYR A 350 16.04 -32.32 -0.59
N PHE A 351 15.68 -31.05 -0.70
CA PHE A 351 14.48 -30.69 -1.43
C PHE A 351 14.69 -30.84 -2.92
N SER A 352 13.76 -31.53 -3.58
CA SER A 352 13.80 -31.64 -5.04
C SER A 352 13.57 -30.28 -5.67
N CYS A 353 14.09 -30.08 -6.88
CA CYS A 353 13.91 -28.82 -7.57
C CYS A 353 12.43 -28.49 -7.68
N PRO A 354 12.04 -27.21 -7.67
CA PRO A 354 10.62 -26.87 -7.66
C PRO A 354 9.92 -27.07 -9.00
N TYR A 355 10.65 -27.05 -10.11
CA TYR A 355 10.04 -27.21 -11.42
C TYR A 355 10.04 -28.65 -11.92
N LYS A 356 10.86 -29.51 -11.34
CA LYS A 356 10.85 -30.92 -11.73
C LYS A 356 9.51 -31.55 -11.39
N THR A 357 9.02 -32.38 -12.30
CA THR A 357 7.76 -33.08 -12.10
C THR A 357 7.98 -34.29 -11.18
N THR A 358 6.87 -34.92 -10.80
CA THR A 358 6.96 -36.05 -9.88
C THR A 358 7.73 -37.20 -10.50
N PHE A 359 7.54 -37.44 -11.79
CA PHE A 359 8.25 -38.52 -12.46
C PHE A 359 9.74 -38.25 -12.49
N GLU A 360 10.14 -37.03 -12.83
CA GLU A 360 11.56 -36.71 -12.87
C GLU A 360 12.19 -36.77 -11.49
N ILE A 361 11.45 -36.35 -10.47
CA ILE A 361 11.94 -36.46 -9.09
C ILE A 361 12.17 -37.92 -8.73
N GLU A 362 11.19 -38.78 -9.03
CA GLU A 362 11.32 -40.19 -8.70
C GLU A 362 12.46 -40.84 -9.47
N ILE A 363 12.61 -40.51 -10.76
CA ILE A 363 13.65 -41.13 -11.55
C ILE A 363 15.03 -40.66 -11.11
N SER A 364 15.17 -39.39 -10.71
CA SER A 364 16.46 -38.93 -10.22
C SER A 364 16.79 -39.56 -8.87
N ARG A 365 15.80 -39.66 -7.99
CA ARG A 365 16.01 -40.30 -6.70
C ARG A 365 16.45 -41.75 -6.88
N MET A 366 15.77 -42.50 -7.75
CA MET A 366 16.14 -43.88 -7.95
C MET A 366 17.45 -44.02 -8.74
N LYS A 367 17.85 -42.98 -9.48
CA LYS A 367 19.13 -43.03 -10.17
C LYS A 367 20.28 -42.83 -9.19
N ASP A 368 20.32 -41.70 -8.50
CA ASP A 368 21.49 -41.39 -7.68
C ASP A 368 21.53 -42.22 -6.41
N GLN A 369 20.40 -42.36 -5.71
CA GLN A 369 20.39 -43.16 -4.49
C GLN A 369 20.66 -44.62 -4.77
N GLY A 370 20.55 -45.04 -6.03
CA GLY A 370 20.89 -46.39 -6.42
C GLY A 370 19.79 -47.39 -6.15
N PRO A 371 20.15 -48.68 -6.14
CA PRO A 371 19.14 -49.73 -6.01
C PRO A 371 18.78 -50.07 -4.58
N ASP A 372 18.09 -49.14 -3.91
CA ASP A 372 17.56 -49.42 -2.58
C ASP A 372 16.33 -50.32 -2.70
N LYS A 373 15.84 -50.79 -1.55
CA LYS A 373 14.62 -51.60 -1.58
C LYS A 373 13.38 -50.74 -1.83
N GLU A 374 13.54 -49.43 -1.98
CA GLU A 374 12.46 -48.60 -2.53
C GLU A 374 12.08 -49.05 -3.93
N ASN A 375 12.95 -49.84 -4.57
CA ASN A 375 12.61 -50.45 -5.86
C ASN A 375 11.43 -51.41 -5.72
N SER A 376 11.17 -51.90 -4.52
CA SER A 376 10.11 -52.89 -4.33
C SER A 376 8.77 -52.37 -4.83
N GLY A 377 8.28 -51.29 -4.22
CA GLY A 377 7.06 -50.68 -4.71
C GLY A 377 7.08 -50.35 -6.19
N ALA A 378 8.28 -50.23 -6.75
CA ALA A 378 8.41 -50.03 -8.19
C ALA A 378 8.11 -51.30 -8.97
N ILE A 379 8.75 -52.41 -8.59
CA ILE A 379 8.73 -53.59 -9.45
C ILE A 379 7.31 -54.14 -9.59
N GLU A 380 6.59 -54.30 -8.47
CA GLU A 380 5.22 -54.79 -8.56
C GLU A 380 4.34 -53.86 -9.37
N ALA A 381 4.71 -52.60 -9.49
CA ALA A 381 4.06 -51.72 -10.46
C ALA A 381 4.63 -51.93 -11.86
N SER A 382 5.96 -51.90 -11.99
CA SER A 382 6.59 -52.01 -13.30
C SER A 382 6.18 -53.29 -14.01
N VAL A 383 6.38 -54.44 -13.34
CA VAL A 383 6.01 -55.71 -13.96
C VAL A 383 4.53 -55.74 -14.28
N LYS A 384 3.71 -54.99 -13.52
CA LYS A 384 2.30 -54.91 -13.85
C LYS A 384 2.08 -54.00 -15.06
N LEU A 385 2.78 -52.86 -15.10
CA LEU A 385 2.63 -51.94 -16.21
C LEU A 385 3.00 -52.59 -17.53
N THR A 386 4.04 -53.42 -17.52
CA THR A 386 4.43 -54.14 -18.73
C THR A 386 3.56 -55.37 -18.98
N GLU A 387 2.81 -55.83 -18.00
CA GLU A 387 1.84 -56.90 -18.23
C GLU A 387 0.55 -56.39 -18.84
N LEU A 388 0.23 -55.11 -18.66
CA LEU A 388 -0.90 -54.52 -19.36
C LEU A 388 -0.51 -54.05 -20.76
N LEU A 389 0.73 -53.62 -20.94
CA LEU A 389 1.21 -53.19 -22.24
C LEU A 389 1.53 -54.36 -23.17
N ASP A 390 1.61 -55.58 -22.63
CA ASP A 390 1.84 -56.77 -23.46
C ASP A 390 0.60 -57.66 -23.52
N LEU A 391 -0.48 -57.28 -22.84
CA LEU A 391 -1.74 -57.98 -22.93
C LEU A 391 -2.76 -57.29 -23.83
N TYR A 392 -2.71 -55.97 -23.94
CA TYR A 392 -3.60 -55.24 -24.83
C TYR A 392 -2.78 -54.56 -25.92
N ARG A 393 -1.79 -55.28 -26.47
CA ARG A 393 -0.95 -54.73 -27.53
C ARG A 393 -1.79 -54.32 -28.73
N GLU A 394 -2.82 -55.11 -29.06
CA GLU A 394 -3.70 -54.75 -30.16
C GLU A 394 -5.18 -54.88 -29.80
N ASP A 395 -5.50 -55.22 -28.56
CA ASP A 395 -6.89 -55.30 -28.10
C ASP A 395 -7.32 -53.92 -27.64
N ARG A 396 -8.52 -53.50 -28.06
CA ARG A 396 -9.04 -52.19 -27.71
C ARG A 396 -10.47 -52.27 -27.17
N GLY A 397 -10.78 -53.32 -26.42
CA GLY A 397 -12.14 -53.52 -25.93
C GLY A 397 -12.39 -52.91 -24.57
N ALA A 398 -13.46 -53.35 -23.92
CA ALA A 398 -13.80 -52.84 -22.59
C ALA A 398 -12.67 -53.08 -21.61
N LYS A 399 -12.02 -54.23 -21.69
CA LYS A 399 -10.90 -54.51 -20.81
C LYS A 399 -9.75 -53.53 -21.04
N TRP A 400 -9.56 -53.12 -22.30
CA TRP A 400 -8.56 -52.11 -22.59
C TRP A 400 -8.91 -50.78 -21.92
N VAL A 401 -10.20 -50.43 -21.88
CA VAL A 401 -10.61 -49.20 -21.24
C VAL A 401 -10.38 -49.28 -19.74
N THR A 402 -10.69 -50.43 -19.14
CA THR A 402 -10.42 -50.59 -17.71
C THR A 402 -8.93 -50.61 -17.42
N ALA A 403 -8.10 -50.99 -18.39
CA ALA A 403 -6.65 -50.90 -18.22
C ALA A 403 -6.17 -49.46 -18.34
N LEU A 404 -6.77 -48.71 -19.27
CA LEU A 404 -6.48 -47.28 -19.38
C LEU A 404 -6.81 -46.57 -18.07
N GLU A 405 -7.90 -46.96 -17.43
CA GLU A 405 -8.27 -46.35 -16.15
C GLU A 405 -7.28 -46.69 -15.05
N GLU A 406 -6.45 -47.70 -15.23
CA GLU A 406 -5.48 -48.11 -14.22
C GLU A 406 -4.07 -47.62 -14.50
N ILE A 407 -3.72 -47.39 -15.76
CA ILE A 407 -2.34 -47.00 -16.09
C ILE A 407 -1.87 -45.76 -15.34
N PRO A 408 -2.65 -44.68 -15.21
CA PRO A 408 -2.11 -43.46 -14.57
C PRO A 408 -1.56 -43.67 -13.17
N SER A 409 -2.03 -44.69 -12.45
CA SER A 409 -1.53 -44.95 -11.10
C SER A 409 -0.26 -45.78 -11.10
N LEU A 410 0.27 -46.14 -12.26
CA LEU A 410 1.50 -46.91 -12.35
C LEU A 410 2.60 -46.24 -13.16
N ILE A 411 2.35 -45.09 -13.77
CA ILE A 411 3.36 -44.45 -14.60
C ILE A 411 4.44 -43.80 -13.74
N ILE A 412 4.06 -43.30 -12.56
CA ILE A 412 5.03 -42.60 -11.71
C ILE A 412 6.11 -43.56 -11.25
N LYS A 413 5.73 -44.65 -10.60
CA LYS A 413 6.70 -45.61 -10.08
C LYS A 413 7.13 -46.60 -11.14
N GLY A 414 6.18 -47.28 -11.77
CA GLY A 414 6.47 -48.29 -12.76
C GLY A 414 7.32 -47.82 -13.94
N LEU A 415 6.81 -46.82 -14.67
CA LEU A 415 7.51 -46.37 -15.88
C LEU A 415 8.90 -45.84 -15.57
N SER A 416 9.09 -45.24 -14.40
CA SER A 416 10.42 -44.75 -14.03
C SER A 416 11.39 -45.90 -13.83
N TYR A 417 10.96 -46.93 -13.10
CA TYR A 417 11.78 -48.12 -12.93
C TYR A 417 12.10 -48.75 -14.28
N LEU A 418 11.11 -48.81 -15.17
CA LEU A 418 11.33 -49.34 -16.51
C LEU A 418 12.40 -48.55 -17.25
N GLN A 419 12.26 -47.23 -17.28
CA GLN A 419 13.17 -46.38 -18.03
C GLN A 419 14.59 -46.39 -17.45
N LEU A 420 14.74 -46.48 -16.13
CA LEU A 420 16.08 -46.44 -15.58
C LEU A 420 16.74 -47.80 -15.56
N LYS A 421 15.98 -48.89 -15.40
CA LYS A 421 16.51 -50.23 -15.59
C LYS A 421 16.84 -50.52 -17.05
N ASN A 422 16.49 -49.61 -17.96
CA ASN A 422 16.84 -49.70 -19.38
C ASN A 422 16.32 -50.98 -20.02
N THR A 423 15.33 -51.61 -19.38
CA THR A 423 14.59 -52.71 -19.97
C THR A 423 13.49 -52.14 -20.85
N LYS A 424 13.85 -51.80 -22.09
CA LYS A 424 13.00 -50.94 -22.90
C LYS A 424 12.55 -51.60 -24.20
N GLN A 425 11.30 -52.05 -24.23
CA GLN A 425 10.58 -52.28 -25.46
C GLN A 425 9.92 -51.01 -25.97
N ASP A 426 10.43 -49.85 -25.55
CA ASP A 426 9.78 -48.56 -25.70
C ASP A 426 8.38 -48.61 -25.10
N SER A 427 8.30 -48.91 -23.80
CA SER A 427 7.01 -48.91 -23.12
C SER A 427 6.40 -47.52 -23.12
N LEU A 428 7.23 -46.48 -23.09
CA LEU A 428 6.71 -45.11 -23.24
C LEU A 428 6.07 -44.92 -24.60
N GLY A 429 6.66 -45.49 -25.65
CA GLY A 429 6.06 -45.39 -26.97
C GLY A 429 4.73 -46.10 -27.04
N GLN A 430 4.63 -47.29 -26.45
CA GLN A 430 3.36 -48.00 -26.42
C GLN A 430 2.32 -47.24 -25.61
N LEU A 431 2.75 -46.59 -24.53
CA LEU A 431 1.84 -45.79 -23.74
C LEU A 431 1.33 -44.58 -24.52
N VAL A 432 2.22 -43.93 -25.28
CA VAL A 432 1.80 -42.77 -26.07
C VAL A 432 0.85 -43.21 -27.17
N ASP A 433 1.09 -44.36 -27.78
CA ASP A 433 0.18 -44.84 -28.81
C ASP A 433 -1.16 -45.26 -28.23
N TRP A 434 -1.15 -45.88 -27.04
CA TRP A 434 -2.38 -46.13 -26.32
C TRP A 434 -3.15 -44.84 -26.09
N THR A 435 -2.43 -43.80 -25.70
CA THR A 435 -3.06 -42.51 -25.42
C THR A 435 -3.68 -41.93 -26.68
N MET A 436 -2.98 -41.99 -27.79
CA MET A 436 -3.53 -41.49 -29.05
C MET A 436 -4.72 -42.32 -29.51
N GLN A 437 -4.71 -43.62 -29.19
CA GLN A 437 -5.88 -44.44 -29.50
C GLN A 437 -7.06 -44.05 -28.63
N ALA A 438 -6.80 -43.72 -27.36
CA ALA A 438 -7.88 -43.37 -26.44
C ALA A 438 -8.48 -42.01 -26.75
N LEU A 439 -7.67 -41.01 -27.05
CA LEU A 439 -8.20 -39.70 -27.40
C LEU A 439 -8.91 -39.70 -28.75
N ASN A 440 -8.83 -40.79 -29.50
CA ASN A 440 -9.44 -40.84 -30.82
C ASN A 440 -10.94 -41.05 -30.67
N LEU A 441 -11.73 -40.27 -31.42
CA LEU A 441 -13.17 -40.39 -31.33
C LEU A 441 -13.70 -41.54 -32.15
N GLN A 442 -13.02 -41.89 -33.25
CA GLN A 442 -13.41 -43.06 -34.03
C GLN A 442 -13.20 -44.35 -33.24
N VAL A 443 -12.05 -44.48 -32.57
CA VAL A 443 -11.84 -45.60 -31.67
C VAL A 443 -12.86 -45.55 -30.54
N ALA A 444 -13.30 -44.35 -30.16
CA ALA A 444 -14.19 -44.21 -29.02
C ALA A 444 -15.58 -44.72 -29.35
N LEU A 445 -16.12 -44.38 -30.52
CA LEU A 445 -17.48 -44.79 -30.82
C LEU A 445 -17.60 -46.28 -31.14
N ARG A 446 -16.49 -47.02 -31.16
CA ARG A 446 -16.59 -48.47 -31.35
C ARG A 446 -16.66 -49.22 -30.04
N GLN A 447 -17.08 -48.57 -28.97
CA GLN A 447 -17.10 -49.18 -27.65
C GLN A 447 -18.53 -49.37 -27.16
N PRO A 448 -18.74 -50.17 -26.10
CA PRO A 448 -20.07 -50.27 -25.50
C PRO A 448 -20.57 -48.94 -24.94
N ILE A 449 -21.80 -48.93 -24.43
CA ILE A 449 -22.44 -47.66 -24.09
C ILE A 449 -21.82 -46.99 -22.87
N ALA A 450 -21.64 -47.71 -21.77
CA ALA A 450 -21.21 -47.10 -20.52
C ALA A 450 -19.76 -46.62 -20.56
N LEU A 451 -18.96 -47.08 -21.52
CA LEU A 451 -17.54 -46.81 -21.46
C LEU A 451 -16.92 -46.44 -22.80
N ASN A 452 -17.68 -45.76 -23.67
CA ASN A 452 -17.07 -45.13 -24.83
C ASN A 452 -16.55 -43.74 -24.45
N VAL A 453 -17.20 -43.09 -23.48
CA VAL A 453 -16.68 -41.84 -22.95
C VAL A 453 -15.72 -42.08 -21.81
N ARG A 454 -15.84 -43.23 -21.13
CA ARG A 454 -14.84 -43.61 -20.15
C ARG A 454 -13.47 -43.75 -20.80
N GLN A 455 -13.43 -44.23 -22.05
CA GLN A 455 -12.18 -44.34 -22.76
C GLN A 455 -11.58 -42.96 -23.03
N LEU A 456 -12.41 -42.01 -23.44
CA LEU A 456 -11.92 -40.66 -23.69
C LEU A 456 -11.41 -40.02 -22.41
N LYS A 457 -12.13 -40.18 -21.31
CA LYS A 457 -11.68 -39.65 -20.02
C LYS A 457 -10.37 -40.29 -19.60
N ALA A 458 -10.23 -41.61 -19.80
CA ALA A 458 -9.02 -42.29 -19.40
C ALA A 458 -7.84 -41.90 -20.27
N GLY A 459 -8.08 -41.63 -21.56
CA GLY A 459 -7.02 -41.14 -22.40
C GLY A 459 -6.61 -39.72 -22.05
N THR A 460 -7.57 -38.91 -21.60
CA THR A 460 -7.23 -37.61 -21.05
C THR A 460 -6.34 -37.73 -19.83
N LYS A 461 -6.71 -38.60 -18.89
CA LYS A 461 -5.86 -38.82 -17.72
C LYS A 461 -4.49 -39.36 -18.12
N LEU A 462 -4.45 -40.16 -19.19
CA LEU A 462 -3.17 -40.66 -19.68
C LEU A 462 -2.31 -39.53 -20.22
N VAL A 463 -2.91 -38.59 -20.95
CA VAL A 463 -2.17 -37.42 -21.39
C VAL A 463 -1.62 -36.66 -20.20
N SER A 464 -2.46 -36.44 -19.19
CA SER A 464 -2.04 -35.66 -18.03
C SER A 464 -0.94 -36.36 -17.25
N SER A 465 -0.94 -37.70 -17.24
CA SER A 465 0.06 -38.45 -16.47
C SER A 465 1.31 -38.75 -17.28
N LEU A 466 1.25 -38.67 -18.61
CA LEU A 466 2.41 -38.90 -19.45
C LEU A 466 3.13 -37.62 -19.83
N ALA A 467 2.43 -36.49 -19.84
CA ALA A 467 3.13 -35.22 -20.03
C ALA A 467 3.94 -34.84 -18.80
N GLU A 468 3.48 -35.24 -17.61
CA GLU A 468 4.26 -35.05 -16.40
C GLU A 468 5.27 -36.18 -16.27
N CYS A 469 6.05 -36.42 -17.33
CA CYS A 469 6.98 -37.54 -17.33
C CYS A 469 8.31 -37.15 -17.98
N GLY A 470 8.64 -35.87 -18.03
CA GLY A 470 9.89 -35.43 -18.60
C GLY A 470 9.80 -35.11 -20.08
N ALA A 471 10.91 -34.59 -20.60
CA ALA A 471 11.00 -34.29 -22.02
C ALA A 471 10.73 -35.53 -22.86
N GLN A 472 11.19 -36.69 -22.40
CA GLN A 472 10.94 -37.94 -23.10
C GLN A 472 9.45 -38.13 -23.36
N GLY A 473 8.65 -38.14 -22.29
CA GLY A 473 7.23 -38.39 -22.43
C GLY A 473 6.50 -37.28 -23.18
N VAL A 474 6.85 -36.02 -22.91
CA VAL A 474 6.10 -34.94 -23.52
C VAL A 474 6.40 -34.85 -25.02
N THR A 475 7.64 -35.13 -25.41
CA THR A 475 7.95 -35.15 -26.85
C THR A 475 7.40 -36.40 -27.51
N GLY A 476 7.32 -37.52 -26.80
CA GLY A 476 6.60 -38.67 -27.32
C GLY A 476 5.15 -38.33 -27.64
N LEU A 477 4.48 -37.64 -26.72
CA LEU A 477 3.10 -37.24 -26.96
C LEU A 477 3.00 -36.24 -28.11
N LEU A 478 3.89 -35.26 -28.15
CA LEU A 478 3.81 -34.22 -29.17
C LEU A 478 4.07 -34.77 -30.57
N GLN A 479 5.05 -35.67 -30.70
CA GLN A 479 5.33 -36.26 -32.00
C GLN A 479 4.14 -37.04 -32.52
N ALA A 480 3.45 -37.75 -31.62
CA ALA A 480 2.26 -38.49 -32.00
C ALA A 480 1.03 -37.60 -32.21
N GLY A 481 1.18 -36.28 -32.08
CA GLY A 481 0.08 -35.37 -32.33
C GLY A 481 -0.96 -35.35 -31.22
N VAL A 482 -0.57 -34.88 -30.04
CA VAL A 482 -1.53 -34.79 -28.94
C VAL A 482 -2.25 -33.46 -28.96
N ILE A 483 -1.59 -32.38 -29.40
CA ILE A 483 -2.26 -31.08 -29.45
C ILE A 483 -3.44 -31.14 -30.42
N SER A 484 -3.18 -31.57 -31.65
CA SER A 484 -4.26 -31.75 -32.62
C SER A 484 -5.09 -32.99 -32.34
N GLY A 485 -4.77 -33.74 -31.29
CA GLY A 485 -5.60 -34.86 -30.86
C GLY A 485 -6.55 -34.42 -29.76
N LEU A 486 -6.03 -33.66 -28.80
CA LEU A 486 -6.89 -33.05 -27.80
C LEU A 486 -7.83 -32.03 -28.41
N PHE A 487 -7.40 -31.35 -29.47
CA PHE A 487 -8.28 -30.39 -30.13
C PHE A 487 -9.24 -31.06 -31.09
N GLU A 488 -9.42 -32.38 -30.99
CA GLU A 488 -10.52 -33.07 -31.64
C GLU A 488 -11.70 -33.20 -30.69
N LEU A 489 -11.42 -33.56 -29.42
CA LEU A 489 -12.47 -33.61 -28.42
C LEU A 489 -13.00 -32.21 -28.11
N LEU A 490 -12.12 -31.21 -28.12
CA LEU A 490 -12.55 -29.85 -27.81
C LEU A 490 -13.36 -29.24 -28.95
N PHE A 491 -13.20 -29.74 -30.16
CA PHE A 491 -13.91 -29.22 -31.31
C PHE A 491 -15.03 -30.13 -31.80
N ALA A 492 -15.06 -31.38 -31.35
CA ALA A 492 -16.12 -32.28 -31.76
C ALA A 492 -17.48 -31.77 -31.30
N ASP A 493 -18.53 -32.21 -31.99
CA ASP A 493 -19.89 -31.82 -31.64
C ASP A 493 -20.50 -32.89 -30.74
N HIS A 494 -21.47 -32.47 -29.93
CA HIS A 494 -22.14 -33.37 -28.99
C HIS A 494 -21.13 -34.06 -28.10
N VAL A 495 -20.37 -33.27 -27.35
CA VAL A 495 -19.36 -33.77 -26.43
C VAL A 495 -19.58 -33.12 -25.07
N SER A 496 -19.53 -33.93 -24.02
CA SER A 496 -19.79 -33.45 -22.67
C SER A 496 -18.86 -32.30 -22.31
N SER A 497 -19.40 -31.30 -21.61
CA SER A 497 -18.57 -30.21 -21.15
C SER A 497 -17.58 -30.66 -20.09
N SER A 498 -17.91 -31.70 -19.33
CA SER A 498 -16.94 -32.27 -18.42
C SER A 498 -15.79 -32.93 -19.17
N LEU A 499 -16.10 -33.50 -20.34
CA LEU A 499 -15.04 -34.08 -21.16
C LEU A 499 -14.16 -32.99 -21.75
N LYS A 500 -14.73 -31.83 -22.06
CA LYS A 500 -13.92 -30.70 -22.50
C LYS A 500 -13.06 -30.17 -21.37
N LEU A 501 -13.60 -30.12 -20.15
CA LEU A 501 -12.77 -29.73 -19.01
C LEU A 501 -11.62 -30.72 -18.80
N ASN A 502 -11.89 -32.01 -18.98
CA ASN A 502 -10.82 -33.00 -18.86
C ASN A 502 -9.77 -32.81 -19.94
N ALA A 503 -10.19 -32.65 -21.19
CA ALA A 503 -9.25 -32.39 -22.27
C ALA A 503 -8.45 -31.12 -22.02
N PHE A 504 -9.05 -30.13 -21.35
CA PHE A 504 -8.31 -28.92 -21.05
C PHE A 504 -7.31 -29.14 -19.93
N LYS A 505 -7.64 -29.98 -18.95
CA LYS A 505 -6.64 -30.38 -17.97
C LYS A 505 -5.47 -31.07 -18.65
N ALA A 506 -5.78 -31.93 -19.64
CA ALA A 506 -4.74 -32.64 -20.36
C ALA A 506 -3.89 -31.67 -21.18
N LEU A 507 -4.52 -30.67 -21.79
CA LEU A 507 -3.77 -29.68 -22.56
C LEU A 507 -2.92 -28.81 -21.63
N ASP A 508 -3.41 -28.52 -20.43
CA ASP A 508 -2.61 -27.76 -19.48
C ASP A 508 -1.45 -28.59 -18.95
N SER A 509 -1.61 -29.90 -18.92
CA SER A 509 -0.49 -30.76 -18.53
C SER A 509 0.52 -30.92 -19.65
N VAL A 510 0.08 -30.87 -20.91
CA VAL A 510 1.03 -30.92 -22.02
C VAL A 510 1.84 -29.63 -22.09
N ILE A 511 1.18 -28.48 -22.08
CA ILE A 511 1.88 -27.21 -22.23
C ILE A 511 2.52 -26.74 -20.94
N SER A 512 2.42 -27.50 -19.85
CA SER A 512 3.18 -27.17 -18.66
C SER A 512 4.64 -27.54 -18.83
N MET A 513 4.93 -28.46 -19.74
CA MET A 513 6.30 -28.69 -20.17
C MET A 513 6.65 -27.74 -21.29
N THR A 514 7.90 -27.27 -21.31
CA THR A 514 8.27 -26.23 -22.26
C THR A 514 8.33 -26.76 -23.68
N GLU A 515 8.64 -28.04 -23.87
CA GLU A 515 8.49 -28.64 -25.19
C GLU A 515 7.04 -28.57 -25.64
N GLY A 516 6.11 -28.89 -24.73
CA GLY A 516 4.71 -28.78 -25.06
C GLY A 516 4.28 -27.36 -25.37
N MET A 517 4.80 -26.40 -24.62
CA MET A 517 4.40 -25.02 -24.86
C MET A 517 4.95 -24.49 -26.17
N GLU A 518 6.17 -24.92 -26.52
CA GLU A 518 6.72 -24.56 -27.82
C GLU A 518 5.90 -25.17 -28.95
N ALA A 519 5.57 -26.45 -28.84
CA ALA A 519 4.74 -27.08 -29.87
C ALA A 519 3.34 -26.51 -29.91
N PHE A 520 2.88 -25.90 -28.82
CA PHE A 520 1.54 -25.35 -28.76
C PHE A 520 1.48 -23.94 -29.33
N LEU A 521 2.53 -23.14 -29.12
CA LEU A 521 2.52 -21.76 -29.59
C LEU A 521 2.85 -21.69 -31.08
N ARG A 522 3.85 -22.46 -31.52
CA ARG A 522 4.26 -22.49 -32.92
C ARG A 522 4.01 -23.90 -33.44
N GLY A 523 2.83 -24.12 -34.01
CA GLY A 523 2.49 -25.43 -34.51
C GLY A 523 3.18 -25.76 -35.81
N ARG A 524 2.85 -26.92 -36.36
CA ARG A 524 3.46 -27.36 -37.62
C ARG A 524 3.11 -26.41 -38.75
N GLN A 525 3.86 -26.53 -39.85
CA GLN A 525 3.63 -25.70 -41.01
C GLN A 525 2.33 -26.11 -41.70
N ASN A 526 1.70 -25.15 -42.39
CA ASN A 526 0.45 -25.38 -43.11
C ASN A 526 -0.65 -25.88 -42.17
N GLU A 527 -0.54 -25.50 -40.90
CA GLU A 527 -1.51 -25.88 -39.88
C GLU A 527 -1.64 -24.75 -38.87
N LYS A 528 -2.84 -24.63 -38.31
CA LYS A 528 -3.05 -23.69 -37.21
C LYS A 528 -2.38 -24.23 -35.96
N SER A 529 -1.71 -23.35 -35.22
CA SER A 529 -1.05 -23.76 -33.99
C SER A 529 -2.10 -24.05 -32.91
N GLY A 530 -1.64 -24.70 -31.84
CA GLY A 530 -2.53 -24.93 -30.71
C GLY A 530 -3.15 -23.67 -30.19
N TYR A 531 -2.39 -22.57 -30.18
CA TYR A 531 -2.91 -21.30 -29.72
C TYR A 531 -4.00 -20.78 -30.66
N GLN A 532 -3.80 -20.92 -31.97
CA GLN A 532 -4.82 -20.48 -32.91
C GLN A 532 -6.05 -21.37 -32.84
N LYS A 533 -5.87 -22.67 -32.68
CA LYS A 533 -7.00 -23.56 -32.48
C LYS A 533 -7.77 -23.18 -31.23
N LEU A 534 -7.07 -22.83 -30.15
CA LEU A 534 -7.75 -22.44 -28.93
C LEU A 534 -8.51 -21.13 -29.10
N LEU A 535 -7.90 -20.14 -29.77
CA LEU A 535 -8.61 -18.89 -30.03
C LEU A 535 -9.84 -19.13 -30.89
N GLU A 536 -9.75 -20.05 -31.85
CA GLU A 536 -10.92 -20.36 -32.67
C GLU A 536 -11.97 -21.09 -31.85
N LEU A 537 -11.55 -21.87 -30.85
CA LEU A 537 -12.50 -22.59 -30.02
C LEU A 537 -13.24 -21.63 -29.08
N ILE A 538 -12.53 -20.65 -28.52
CA ILE A 538 -13.17 -19.70 -27.64
C ILE A 538 -14.15 -18.82 -28.41
N LEU A 539 -13.83 -18.49 -29.67
CA LEU A 539 -14.72 -17.67 -30.47
C LEU A 539 -16.05 -18.35 -30.77
N LEU A 540 -16.18 -19.63 -30.49
CA LEU A 540 -17.47 -20.28 -30.42
C LEU A 540 -17.97 -20.20 -28.98
N ASP A 541 -19.28 -19.95 -28.82
CA ASP A 541 -19.85 -19.74 -27.50
C ASP A 541 -19.76 -21.03 -26.71
N GLN A 542 -18.87 -21.04 -25.72
CA GLN A 542 -18.57 -22.23 -24.94
C GLN A 542 -19.23 -22.13 -23.56
N THR A 543 -19.46 -23.29 -22.96
CA THR A 543 -19.91 -23.35 -21.58
C THR A 543 -18.97 -22.54 -20.69
N VAL A 544 -19.50 -22.05 -19.57
CA VAL A 544 -18.78 -21.08 -18.76
C VAL A 544 -17.45 -21.67 -18.26
N ARG A 545 -17.50 -22.88 -17.72
CA ARG A 545 -16.26 -23.46 -17.20
C ARG A 545 -15.32 -23.88 -18.33
N VAL A 546 -15.85 -24.19 -19.50
CA VAL A 546 -14.98 -24.51 -20.64
C VAL A 546 -14.21 -23.28 -21.09
N VAL A 547 -14.89 -22.14 -21.21
CA VAL A 547 -14.19 -20.94 -21.62
C VAL A 547 -13.31 -20.43 -20.49
N THR A 548 -13.61 -20.80 -19.25
CA THR A 548 -12.68 -20.47 -18.16
C THR A 548 -11.41 -21.30 -18.24
N ALA A 549 -11.52 -22.58 -18.59
CA ALA A 549 -10.32 -23.38 -18.80
C ALA A 549 -9.53 -22.86 -20.00
N GLY A 550 -10.22 -22.42 -21.04
CA GLY A 550 -9.54 -21.80 -22.17
C GLY A 550 -8.79 -20.53 -21.76
N SER A 551 -9.43 -19.70 -20.94
CA SER A 551 -8.77 -18.52 -20.40
C SER A 551 -7.55 -18.90 -19.58
N ALA A 552 -7.64 -20.00 -18.84
CA ALA A 552 -6.51 -20.42 -18.01
C ALA A 552 -5.38 -21.00 -18.84
N ILE A 553 -5.67 -21.51 -20.03
CA ILE A 553 -4.60 -21.91 -20.94
C ILE A 553 -3.97 -20.68 -21.59
N LEU A 554 -4.80 -19.73 -22.00
CA LEU A 554 -4.30 -18.54 -22.70
C LEU A 554 -3.45 -17.68 -21.79
N GLN A 555 -3.80 -17.60 -20.51
CA GLN A 555 -2.99 -16.80 -19.59
C GLN A 555 -1.60 -17.39 -19.43
N LYS A 556 -1.49 -18.70 -19.37
CA LYS A 556 -0.20 -19.36 -19.29
C LYS A 556 0.59 -19.23 -20.58
N CYS A 557 -0.09 -19.28 -21.72
CA CYS A 557 0.57 -19.04 -22.99
C CYS A 557 1.14 -17.62 -23.06
N HIS A 558 0.38 -16.63 -22.59
CA HIS A 558 0.88 -15.27 -22.57
C HIS A 558 2.03 -15.10 -21.61
N PHE A 559 2.01 -15.80 -20.47
CA PHE A 559 3.14 -15.74 -19.57
C PHE A 559 4.40 -16.29 -20.24
N TYR A 560 4.28 -17.46 -20.88
CA TYR A 560 5.44 -18.01 -21.58
C TYR A 560 5.92 -17.08 -22.66
N GLU A 561 5.00 -16.39 -23.35
CA GLU A 561 5.40 -15.50 -24.43
C GLU A 561 6.13 -14.27 -23.89
N VAL A 562 5.65 -13.71 -22.78
CA VAL A 562 6.35 -12.59 -22.15
C VAL A 562 7.75 -13.01 -21.73
N LEU A 563 7.86 -14.21 -21.16
CA LEU A 563 9.18 -14.71 -20.79
C LEU A 563 10.08 -14.88 -22.01
N SER A 564 9.51 -15.33 -23.13
CA SER A 564 10.33 -15.50 -24.33
C SER A 564 10.77 -14.16 -24.90
N GLU A 565 9.92 -13.14 -24.84
CA GLU A 565 10.32 -11.82 -25.31
C GLU A 565 11.36 -11.20 -24.40
N ILE A 566 11.25 -11.44 -23.09
CA ILE A 566 12.31 -10.99 -22.18
C ILE A 566 13.62 -11.69 -22.51
N LYS A 567 13.56 -12.99 -22.79
CA LYS A 567 14.78 -13.71 -23.15
C LYS A 567 15.37 -13.19 -24.44
N ARG A 568 14.52 -12.81 -25.39
CA ARG A 568 15.01 -12.25 -26.65
C ARG A 568 15.69 -10.91 -26.43
N LEU A 569 15.03 -10.00 -25.72
CA LEU A 569 15.64 -8.72 -25.40
C LEU A 569 16.95 -8.91 -24.64
N GLY A 570 17.00 -9.87 -23.72
CA GLY A 570 18.21 -10.10 -22.96
C GLY A 570 19.34 -10.66 -23.77
N ASP A 571 19.04 -11.55 -24.72
CA ASP A 571 20.09 -12.06 -25.59
C ASP A 571 20.59 -10.96 -26.52
N HIS A 572 19.68 -10.10 -26.99
CA HIS A 572 20.07 -8.92 -27.75
C HIS A 572 21.05 -8.06 -26.95
N LEU A 573 20.70 -7.74 -25.71
CA LEU A 573 21.58 -6.93 -24.87
C LEU A 573 22.90 -7.65 -24.59
N ALA A 574 22.87 -8.96 -24.42
CA ALA A 574 24.09 -9.72 -24.16
C ALA A 574 25.04 -9.65 -25.34
N GLU A 575 24.50 -9.78 -26.56
CA GLU A 575 25.36 -9.72 -27.74
C GLU A 575 25.82 -8.29 -28.01
N LYS A 576 25.00 -7.30 -27.65
CA LYS A 576 25.41 -5.91 -27.87
C LYS A 576 26.44 -5.45 -26.86
N THR A 577 26.43 -6.00 -25.64
CA THR A 577 27.37 -5.58 -24.61
C THR A 577 28.64 -6.42 -24.63
N SER A 578 28.54 -7.69 -25.02
CA SER A 578 29.72 -8.52 -25.15
C SER A 578 30.68 -7.95 -26.18
N SER A 579 30.24 -7.86 -27.43
CA SER A 579 31.06 -7.32 -28.50
C SER A 579 30.20 -6.81 -29.65
N ILE A 619 22.41 0.75 -27.17
CA ILE A 619 21.17 0.19 -26.63
C ILE A 619 20.16 1.28 -26.36
N SER A 620 19.04 1.23 -27.07
CA SER A 620 18.02 2.25 -26.94
C SER A 620 17.40 2.23 -25.54
N GLU A 621 16.98 3.41 -25.09
CA GLU A 621 16.20 3.53 -23.88
C GLU A 621 14.78 3.04 -24.06
N GLY A 622 14.28 2.98 -25.29
CA GLY A 622 12.96 2.47 -25.56
C GLY A 622 12.85 0.99 -25.27
N GLU A 623 13.81 0.21 -25.77
CA GLU A 623 13.77 -1.23 -25.51
C GLU A 623 14.05 -1.53 -24.04
N ILE A 624 14.77 -0.64 -23.35
CA ILE A 624 14.99 -0.85 -21.92
C ILE A 624 13.72 -0.56 -21.14
N GLU A 625 12.97 0.48 -21.53
CA GLU A 625 11.66 0.69 -20.92
C GLU A 625 10.71 -0.46 -21.24
N ARG A 626 10.82 -1.03 -22.44
CA ARG A 626 10.03 -2.20 -22.78
C ARG A 626 10.40 -3.38 -21.91
N LEU A 627 11.70 -3.54 -21.61
CA LEU A 627 12.13 -4.61 -20.72
C LEU A 627 11.63 -4.39 -19.30
N ILE A 628 11.60 -3.14 -18.85
CA ILE A 628 11.03 -2.84 -17.53
C ILE A 628 9.55 -3.19 -17.50
N ASN A 629 8.83 -2.86 -18.57
CA ASN A 629 7.41 -3.19 -18.65
C ASN A 629 7.21 -4.70 -18.66
N LEU A 630 8.06 -5.42 -19.38
CA LEU A 630 7.95 -6.88 -19.41
C LEU A 630 8.28 -7.50 -18.06
N LEU A 631 9.20 -6.89 -17.32
CA LEU A 631 9.53 -7.43 -16.00
C LEU A 631 8.40 -7.19 -15.00
N GLU A 632 7.82 -5.99 -15.01
CA GLU A 632 6.67 -5.77 -14.13
C GLU A 632 5.48 -6.60 -14.58
N GLU A 633 5.42 -6.94 -15.87
CA GLU A 633 4.37 -7.84 -16.35
C GLU A 633 4.60 -9.25 -15.84
N VAL A 634 5.83 -9.74 -15.87
CA VAL A 634 6.14 -11.05 -15.29
C VAL A 634 5.77 -11.07 -13.81
N PHE A 635 6.07 -9.99 -13.10
CA PHE A 635 5.69 -9.93 -11.68
C PHE A 635 4.19 -9.99 -11.52
N HIS A 636 3.45 -9.16 -12.26
CA HIS A 636 2.00 -9.10 -12.09
C HIS A 636 1.33 -10.39 -12.54
N LEU A 637 1.99 -11.13 -13.45
CA LEU A 637 1.42 -12.40 -13.92
C LEU A 637 1.69 -13.51 -12.92
N MET A 638 2.86 -13.51 -12.29
CA MET A 638 3.15 -14.50 -11.26
C MET A 638 2.35 -14.21 -9.99
N GLU A 639 1.98 -12.95 -9.78
CA GLU A 639 1.21 -12.61 -8.58
C GLU A 639 -0.22 -13.13 -8.68
N THR A 640 -0.87 -12.91 -9.83
CA THR A 640 -2.23 -13.40 -10.03
C THR A 640 -2.26 -14.74 -10.75
N ALA A 641 -1.24 -15.57 -10.60
CA ALA A 641 -1.19 -16.85 -11.29
C ALA A 641 -2.09 -17.89 -10.64
N PRO A 642 -2.11 -18.09 -9.31
CA PRO A 642 -2.95 -19.16 -8.75
C PRO A 642 -4.44 -18.88 -8.87
N HIS A 643 -4.81 -17.81 -9.56
CA HIS A 643 -6.22 -17.52 -9.83
C HIS A 643 -6.58 -17.48 -11.30
N THR A 644 -5.61 -17.38 -12.22
CA THR A 644 -5.91 -17.29 -13.64
C THR A 644 -5.12 -18.24 -14.51
N MET A 645 -4.15 -18.98 -13.97
CA MET A 645 -3.36 -19.92 -14.75
C MET A 645 -3.56 -21.37 -14.32
N ILE A 646 -4.33 -21.62 -13.29
CA ILE A 646 -4.59 -22.98 -12.85
C ILE A 646 -5.82 -23.50 -13.58
N GLN A 647 -5.95 -24.83 -13.63
CA GLN A 647 -7.14 -25.47 -14.14
C GLN A 647 -8.05 -25.80 -12.97
N GLN A 648 -9.17 -25.17 -12.92
CA GLN A 648 -10.02 -25.44 -11.78
C GLN A 648 -10.68 -26.80 -11.93
N PRO A 649 -11.05 -27.45 -10.82
CA PRO A 649 -11.69 -28.76 -10.92
C PRO A 649 -12.93 -28.76 -11.80
N VAL A 650 -13.35 -29.94 -12.26
CA VAL A 650 -14.44 -30.01 -13.22
C VAL A 650 -15.77 -29.59 -12.60
N LYS A 651 -15.88 -29.59 -11.26
CA LYS A 651 -17.10 -29.19 -10.59
C LYS A 651 -17.05 -27.77 -10.05
N SER A 652 -15.96 -27.03 -10.27
CA SER A 652 -15.78 -25.70 -9.71
C SER A 652 -16.15 -24.67 -10.76
N PHE A 653 -17.19 -23.90 -10.50
CA PHE A 653 -17.63 -22.85 -11.39
C PHE A 653 -17.01 -21.52 -11.01
N PRO A 654 -16.83 -20.62 -11.96
CA PRO A 654 -16.19 -19.34 -11.66
C PRO A 654 -17.15 -18.29 -11.14
N THR A 655 -17.95 -18.64 -10.14
CA THR A 655 -18.78 -17.65 -9.47
C THR A 655 -17.90 -16.64 -8.76
N MET A 656 -18.45 -15.46 -8.46
CA MET A 656 -17.65 -14.42 -7.83
C MET A 656 -17.26 -14.80 -6.40
N ALA A 657 -17.92 -15.78 -5.80
CA ALA A 657 -17.58 -16.28 -4.49
C ALA A 657 -17.63 -17.79 -4.50
N ARG A 658 -16.51 -18.43 -4.19
CA ARG A 658 -16.40 -19.89 -4.26
C ARG A 658 -17.42 -20.53 -3.32
N ILE A 659 -18.40 -21.22 -3.89
CA ILE A 659 -19.45 -21.84 -3.10
C ILE A 659 -19.57 -23.32 -3.46
N THR A 660 -19.13 -23.69 -4.64
CA THR A 660 -19.27 -25.05 -5.13
C THR A 660 -17.92 -25.62 -5.56
N GLY A 661 -17.87 -26.93 -5.68
CA GLY A 661 -16.70 -27.63 -6.16
C GLY A 661 -15.72 -27.95 -5.05
N PRO A 662 -14.70 -28.73 -5.38
CA PRO A 662 -13.68 -29.07 -4.38
C PRO A 662 -12.91 -27.85 -3.94
N PRO A 663 -12.36 -27.86 -2.74
CA PRO A 663 -11.54 -26.72 -2.29
C PRO A 663 -10.10 -26.85 -2.76
N GLU A 664 -9.71 -28.05 -3.15
CA GLU A 664 -8.33 -28.30 -3.56
C GLU A 664 -8.02 -27.63 -4.89
N ARG A 665 -6.96 -26.82 -4.89
CA ARG A 665 -6.41 -26.24 -6.11
C ARG A 665 -4.96 -26.68 -6.26
N ASP A 666 -4.47 -26.61 -7.49
CA ASP A 666 -3.09 -26.96 -7.81
C ASP A 666 -2.32 -25.68 -8.14
N ASP A 667 -1.30 -25.40 -7.35
CA ASP A 667 -0.55 -24.17 -7.54
C ASP A 667 0.15 -24.18 -8.90
N PRO A 668 0.18 -23.05 -9.61
CA PRO A 668 0.82 -23.01 -10.93
C PRO A 668 2.31 -22.69 -10.87
N TYR A 669 2.88 -22.52 -9.69
CA TYR A 669 4.28 -22.16 -9.60
C TYR A 669 5.23 -23.29 -9.99
N PRO A 670 4.93 -24.57 -9.78
CA PRO A 670 5.81 -25.62 -10.31
C PRO A 670 5.91 -25.64 -11.83
N VAL A 671 5.13 -24.85 -12.55
CA VAL A 671 5.29 -24.73 -14.00
C VAL A 671 5.71 -23.34 -14.42
N LEU A 672 5.31 -22.30 -13.69
CA LEU A 672 5.91 -20.98 -13.92
C LEU A 672 7.40 -21.03 -13.66
N PHE A 673 7.84 -21.89 -12.75
CA PHE A 673 9.27 -22.02 -12.52
C PHE A 673 9.93 -22.83 -13.63
N ARG A 674 9.23 -23.79 -14.21
CA ARG A 674 9.77 -24.47 -15.39
C ARG A 674 9.95 -23.49 -16.55
N TYR A 675 9.02 -22.54 -16.69
CA TYR A 675 9.16 -21.51 -17.71
C TYR A 675 10.31 -20.57 -17.37
N LEU A 676 10.35 -20.07 -16.14
CA LEU A 676 11.43 -19.18 -15.71
C LEU A 676 12.80 -19.85 -15.85
N HIS A 677 12.82 -21.19 -15.82
CA HIS A 677 14.08 -21.91 -15.92
C HIS A 677 14.48 -22.14 -17.37
N SER A 678 13.52 -22.54 -18.20
CA SER A 678 13.81 -22.78 -19.60
C SER A 678 14.15 -21.51 -20.36
N HIS A 679 13.86 -20.35 -19.79
CA HIS A 679 14.21 -19.07 -20.40
C HIS A 679 15.31 -18.35 -19.63
N HIS A 680 15.98 -19.04 -18.71
CA HIS A 680 17.09 -18.49 -17.93
C HIS A 680 16.76 -17.11 -17.38
N PHE A 681 15.72 -17.04 -16.55
CA PHE A 681 15.26 -15.75 -16.07
C PHE A 681 16.19 -15.19 -15.00
N LEU A 682 16.76 -16.05 -14.17
CA LEU A 682 17.72 -15.57 -13.17
C LEU A 682 18.99 -15.08 -13.83
N GLU A 683 19.43 -15.73 -14.91
CA GLU A 683 20.57 -15.23 -15.67
C GLU A 683 20.23 -13.90 -16.31
N LEU A 684 18.99 -13.74 -16.77
CA LEU A 684 18.57 -12.47 -17.36
C LEU A 684 18.60 -11.34 -16.34
N VAL A 685 18.12 -11.62 -15.12
CA VAL A 685 18.13 -10.55 -14.13
C VAL A 685 19.53 -10.29 -13.63
N THR A 686 20.40 -11.31 -13.58
CA THR A 686 21.80 -11.08 -13.27
C THR A 686 22.45 -10.17 -14.30
N LEU A 687 22.21 -10.43 -15.58
CA LEU A 687 22.70 -9.54 -16.63
C LEU A 687 22.16 -8.13 -16.46
N LEU A 688 20.83 -8.00 -16.40
CA LEU A 688 20.20 -6.69 -16.25
C LEU A 688 20.74 -5.91 -15.06
N LEU A 689 21.14 -6.61 -14.00
CA LEU A 689 21.71 -5.92 -12.85
C LEU A 689 23.21 -5.71 -12.97
N SER A 690 23.89 -6.42 -13.88
CA SER A 690 25.32 -6.30 -14.02
C SER A 690 25.77 -5.56 -15.27
N ILE A 691 24.85 -5.23 -16.17
CA ILE A 691 25.21 -4.45 -17.36
C ILE A 691 25.03 -2.97 -17.05
N PRO A 692 26.03 -2.13 -17.31
CA PRO A 692 25.99 -0.75 -16.79
C PRO A 692 24.80 0.07 -17.28
N VAL A 693 24.49 0.02 -18.58
CA VAL A 693 23.46 0.89 -19.13
C VAL A 693 22.10 0.58 -18.51
N THR A 694 21.77 -0.71 -18.40
CA THR A 694 20.47 -1.09 -17.86
C THR A 694 20.45 -1.04 -16.33
N SER A 695 21.54 -1.46 -15.69
CA SER A 695 21.63 -1.37 -14.24
C SER A 695 21.57 0.07 -13.74
N ALA A 696 21.96 1.03 -14.56
CA ALA A 696 21.89 2.43 -14.15
C ALA A 696 20.46 2.88 -13.95
N HIS A 697 19.52 2.34 -14.72
CA HIS A 697 18.12 2.68 -14.57
C HIS A 697 17.63 2.28 -13.18
N PRO A 698 16.86 3.13 -12.49
CA PRO A 698 16.21 2.66 -11.25
C PRO A 698 15.03 1.76 -11.54
N GLY A 699 14.38 1.94 -12.69
CA GLY A 699 13.24 1.11 -13.04
C GLY A 699 13.61 -0.35 -13.21
N VAL A 700 14.74 -0.63 -13.86
CA VAL A 700 15.17 -2.02 -14.03
C VAL A 700 15.41 -2.66 -12.67
N LEU A 701 16.16 -1.99 -11.80
CA LEU A 701 16.45 -2.53 -10.47
C LEU A 701 15.17 -2.78 -9.70
N GLN A 702 14.26 -1.81 -9.67
CA GLN A 702 13.05 -1.96 -8.86
C GLN A 702 12.14 -3.03 -9.43
N ALA A 703 12.03 -3.11 -10.76
CA ALA A 703 11.14 -4.08 -11.37
C ALA A 703 11.67 -5.50 -11.25
N THR A 704 13.00 -5.67 -11.26
CA THR A 704 13.54 -7.01 -11.07
C THR A 704 13.56 -7.38 -9.59
N LYS A 705 13.66 -6.38 -8.72
CA LYS A 705 13.62 -6.66 -7.29
C LYS A 705 12.22 -7.01 -6.84
N ASP A 706 11.20 -6.46 -7.50
CA ASP A 706 9.84 -6.92 -7.24
C ASP A 706 9.70 -8.41 -7.53
N VAL A 707 10.20 -8.86 -8.68
CA VAL A 707 10.09 -10.26 -9.06
C VAL A 707 10.88 -11.14 -8.10
N LEU A 708 12.09 -10.73 -7.75
CA LEU A 708 12.89 -11.56 -6.83
C LEU A 708 12.27 -11.61 -5.45
N LYS A 709 11.73 -10.48 -4.96
CA LYS A 709 11.13 -10.46 -3.65
C LYS A 709 9.83 -11.27 -3.63
N PHE A 710 9.16 -11.37 -4.77
CA PHE A 710 8.00 -12.25 -4.84
C PHE A 710 8.41 -13.71 -4.84
N LEU A 711 9.42 -14.06 -5.65
CA LEU A 711 9.92 -15.43 -5.67
C LEU A 711 10.37 -15.88 -4.29
N ALA A 712 11.03 -14.99 -3.54
CA ALA A 712 11.60 -15.39 -2.26
C ALA A 712 10.56 -15.48 -1.15
N GLN A 713 9.28 -15.27 -1.46
CA GLN A 713 8.26 -15.36 -0.43
C GLN A 713 7.89 -16.80 -0.11
N SER A 714 7.87 -17.66 -1.12
CA SER A 714 7.35 -19.01 -0.98
C SER A 714 8.47 -20.03 -0.93
N GLN A 715 8.15 -21.23 -0.44
CA GLN A 715 9.14 -22.30 -0.39
C GLN A 715 9.56 -22.74 -1.78
N LYS A 716 8.61 -22.83 -2.70
CA LYS A 716 8.94 -23.19 -4.08
C LYS A 716 9.84 -22.14 -4.71
N GLY A 717 9.46 -20.86 -4.59
CA GLY A 717 10.29 -19.80 -5.15
C GLY A 717 11.66 -19.71 -4.49
N LEU A 718 11.75 -20.10 -3.22
CA LEU A 718 13.03 -20.05 -2.53
C LEU A 718 13.90 -21.24 -2.90
N LEU A 719 13.29 -22.36 -3.28
CA LEU A 719 14.04 -23.46 -3.84
C LEU A 719 14.44 -23.20 -5.28
N PHE A 720 13.70 -22.34 -5.98
CA PHE A 720 14.11 -21.96 -7.32
C PHE A 720 15.47 -21.30 -7.33
N PHE A 721 15.69 -20.34 -6.41
CA PHE A 721 16.99 -19.68 -6.33
C PHE A 721 18.11 -20.68 -6.07
N MET A 722 17.84 -21.69 -5.25
CA MET A 722 18.88 -22.65 -4.91
C MET A 722 19.05 -23.74 -5.96
N SER A 723 18.09 -23.90 -6.87
CA SER A 723 18.32 -24.73 -8.04
C SER A 723 19.20 -24.02 -9.05
N GLU A 724 18.89 -22.76 -9.33
CA GLU A 724 19.76 -21.88 -10.11
C GLU A 724 20.84 -21.29 -9.21
N TYR A 725 21.69 -22.14 -8.63
CA TYR A 725 22.59 -21.68 -7.59
C TYR A 725 23.69 -20.78 -8.13
N GLU A 726 24.19 -21.07 -9.34
CA GLU A 726 25.19 -20.19 -9.95
C GLU A 726 24.58 -18.82 -10.25
N ALA A 727 23.43 -18.81 -10.90
CA ALA A 727 22.74 -17.56 -11.20
C ALA A 727 22.37 -16.84 -9.92
N THR A 728 22.07 -17.58 -8.85
CA THR A 728 21.71 -16.92 -7.60
C THR A 728 22.92 -16.30 -6.93
N ASN A 729 24.07 -16.97 -6.97
CA ASN A 729 25.30 -16.35 -6.46
C ASN A 729 25.60 -15.06 -7.19
N LEU A 730 25.62 -15.12 -8.53
CA LEU A 730 25.93 -13.91 -9.29
C LEU A 730 24.87 -12.83 -9.08
N LEU A 731 23.62 -13.23 -8.84
CA LEU A 731 22.56 -12.26 -8.60
C LEU A 731 22.72 -11.61 -7.23
N ILE A 732 23.15 -12.38 -6.23
CA ILE A 732 23.44 -11.80 -4.92
C ILE A 732 24.56 -10.78 -5.03
N ARG A 733 25.60 -11.11 -5.80
CA ARG A 733 26.69 -10.15 -5.99
C ARG A 733 26.20 -8.88 -6.68
N ALA A 734 25.46 -9.04 -7.79
CA ALA A 734 24.98 -7.89 -8.53
C ALA A 734 23.99 -7.06 -7.72
N LEU A 735 23.32 -7.67 -6.74
CA LEU A 735 22.41 -6.91 -5.90
C LEU A 735 23.15 -6.22 -4.78
N CYS A 736 24.21 -6.85 -4.26
CA CYS A 736 24.97 -6.24 -3.17
C CYS A 736 25.79 -5.05 -3.66
N HIS A 737 26.22 -5.06 -4.92
CA HIS A 737 26.90 -3.89 -5.45
C HIS A 737 26.02 -2.63 -5.36
N PHE A 738 24.74 -2.77 -5.69
CA PHE A 738 23.81 -1.65 -5.58
C PHE A 738 23.71 -1.16 -4.14
N TYR A 739 23.56 -2.09 -3.20
CA TYR A 739 23.35 -1.70 -1.82
C TYR A 739 24.63 -1.20 -1.16
N ASP A 740 25.77 -1.44 -1.79
CA ASP A 740 26.99 -0.75 -1.38
C ASP A 740 26.99 0.68 -1.90
N GLN A 741 26.85 0.85 -3.21
CA GLN A 741 26.93 2.20 -3.78
C GLN A 741 25.80 3.10 -3.28
N ASP A 742 24.72 2.52 -2.78
CA ASP A 742 23.60 3.32 -2.28
C ASP A 742 24.06 4.27 -1.17
N GLU A 743 24.73 3.75 -0.13
CA GLU A 743 25.27 4.65 0.88
C GLU A 743 26.66 5.14 0.52
N GLU A 744 27.32 4.52 -0.47
CA GLU A 744 28.60 5.07 -0.91
C GLU A 744 28.44 6.46 -1.52
N GLU A 745 27.35 6.70 -2.26
CA GLU A 745 27.10 8.00 -2.85
C GLU A 745 25.89 8.72 -2.24
N GLY A 746 24.86 7.97 -1.82
CA GLY A 746 23.67 8.57 -1.26
C GLY A 746 23.65 8.51 0.26
N LEU A 747 22.64 9.16 0.84
CA LEU A 747 22.45 9.17 2.29
C LEU A 747 21.46 8.11 2.76
N GLN A 748 20.57 7.65 1.89
CA GLN A 748 19.77 6.45 2.11
C GLN A 748 18.76 6.63 3.24
N SER A 749 18.03 7.75 3.20
CA SER A 749 16.85 7.90 4.04
C SER A 749 15.63 8.40 3.30
N ASP A 750 15.79 9.20 2.24
CA ASP A 750 14.66 9.66 1.45
C ASP A 750 14.99 9.76 -0.04
N GLY A 751 16.21 9.40 -0.42
CA GLY A 751 16.57 9.38 -1.82
C GLY A 751 16.08 8.11 -2.46
N VAL A 752 16.99 7.27 -2.92
CA VAL A 752 16.63 5.93 -3.38
C VAL A 752 16.42 5.06 -2.14
N ILE A 753 15.41 4.19 -2.22
CA ILE A 753 14.98 3.44 -1.05
C ILE A 753 15.97 2.32 -0.75
N ASP A 754 16.17 2.04 0.53
CA ASP A 754 17.03 0.96 1.00
C ASP A 754 16.22 0.01 1.84
N ASP A 755 16.23 -1.28 1.46
CA ASP A 755 15.49 -2.28 2.21
C ASP A 755 16.36 -3.50 2.45
N ALA A 756 17.65 -3.40 2.13
CA ALA A 756 18.64 -4.45 2.36
C ALA A 756 18.18 -5.77 1.73
N PHE A 757 17.58 -5.70 0.53
CA PHE A 757 17.07 -6.91 -0.09
C PHE A 757 18.20 -7.86 -0.47
N ALA A 758 19.38 -7.32 -0.79
CA ALA A 758 20.50 -8.19 -1.10
C ALA A 758 20.86 -9.06 0.09
N LEU A 759 21.00 -8.45 1.26
CA LEU A 759 21.34 -9.20 2.46
C LEU A 759 20.19 -10.12 2.87
N TRP A 760 18.96 -9.64 2.73
CA TRP A 760 17.81 -10.46 3.10
C TRP A 760 17.73 -11.71 2.25
N LEU A 761 17.94 -11.57 0.94
CA LEU A 761 17.87 -12.72 0.05
C LEU A 761 19.06 -13.64 0.25
N GLN A 762 20.25 -13.07 0.48
CA GLN A 762 21.41 -13.90 0.78
C GLN A 762 21.19 -14.73 2.03
N ASP A 763 20.65 -14.11 3.08
CA ASP A 763 20.45 -14.82 4.34
C ASP A 763 19.30 -15.81 4.23
N SER A 764 18.28 -15.51 3.42
CA SER A 764 17.17 -16.42 3.23
C SER A 764 17.61 -17.68 2.49
N THR A 765 18.31 -17.51 1.37
CA THR A 765 18.82 -18.68 0.67
C THR A 765 19.88 -19.41 1.49
N GLN A 766 20.63 -18.70 2.31
CA GLN A 766 21.63 -19.37 3.14
C GLN A 766 20.98 -20.19 4.24
N THR A 767 19.94 -19.67 4.87
CA THR A 767 19.27 -20.45 5.90
C THR A 767 18.48 -21.60 5.31
N LEU A 768 18.00 -21.48 4.06
CA LEU A 768 17.35 -22.64 3.49
C LEU A 768 18.38 -23.69 3.06
N GLN A 769 19.57 -23.24 2.63
CA GLN A 769 20.66 -24.20 2.40
C GLN A 769 21.03 -24.92 3.69
N CYS A 770 21.08 -24.19 4.81
CA CYS A 770 21.35 -24.83 6.08
C CYS A 770 20.21 -25.76 6.49
N ILE A 771 18.98 -25.41 6.15
CA ILE A 771 17.84 -26.29 6.41
C ILE A 771 18.00 -27.59 5.63
N THR A 772 18.50 -27.51 4.39
CA THR A 772 18.75 -28.73 3.62
C THR A 772 19.89 -29.53 4.22
N GLU A 773 20.98 -28.85 4.63
CA GLU A 773 22.10 -29.55 5.24
C GLU A 773 21.72 -30.18 6.57
N LEU A 774 20.67 -29.66 7.20
CA LEU A 774 20.21 -30.12 8.49
C LEU A 774 19.15 -31.21 8.36
N PHE A 775 18.36 -31.17 7.29
CA PHE A 775 17.46 -32.27 6.97
C PHE A 775 18.23 -33.48 6.48
N SER A 776 19.13 -33.27 5.53
CA SER A 776 19.88 -34.39 4.95
C SER A 776 20.91 -34.96 5.90
N HIS A 777 20.95 -34.49 7.15
CA HIS A 777 21.73 -35.12 8.20
C HIS A 777 20.91 -36.10 9.02
N PHE A 778 19.63 -36.25 8.72
CA PHE A 778 18.77 -37.24 9.37
C PHE A 778 18.26 -38.25 8.36
N GLN A 779 18.49 -37.99 7.08
CA GLN A 779 18.44 -39.02 6.05
C GLN A 779 19.69 -39.89 6.07
N ARG A 780 20.72 -39.47 6.80
CA ARG A 780 21.99 -40.17 6.87
C ARG A 780 22.20 -40.90 8.19
N CYS A 781 21.57 -40.44 9.27
CA CYS A 781 21.68 -41.07 10.58
C CYS A 781 20.59 -42.11 10.82
N THR A 782 19.69 -42.31 9.85
CA THR A 782 18.71 -43.39 9.91
C THR A 782 18.95 -44.43 8.82
N ALA A 783 19.87 -44.15 7.89
CA ALA A 783 20.32 -45.12 6.91
C ALA A 783 21.69 -45.62 7.34
N SER A 784 22.25 -44.92 8.32
CA SER A 784 23.49 -45.33 8.98
C SER A 784 23.38 -44.83 10.41
N GLU A 785 24.50 -44.71 11.12
CA GLU A 785 24.48 -44.08 12.43
C GLU A 785 25.58 -43.03 12.48
N GLU A 786 25.54 -42.22 13.54
CA GLU A 786 26.29 -40.97 13.56
C GLU A 786 27.79 -41.19 13.54
N THR A 787 28.39 -40.94 12.38
CA THR A 787 29.83 -40.70 12.29
C THR A 787 30.14 -39.25 11.95
N ASP A 788 29.12 -38.41 11.77
CA ASP A 788 29.29 -37.00 11.43
C ASP A 788 28.51 -36.17 12.43
N HIS A 789 29.23 -35.37 13.22
CA HIS A 789 28.57 -34.49 14.19
C HIS A 789 29.03 -33.06 14.00
N SER A 790 30.30 -32.88 13.63
CA SER A 790 30.89 -31.54 13.57
C SER A 790 30.23 -30.69 12.48
N ASP A 791 29.85 -31.30 11.37
CA ASP A 791 29.20 -30.54 10.31
C ASP A 791 27.80 -30.12 10.71
N LEU A 792 27.08 -30.99 11.43
CA LEU A 792 25.78 -30.63 11.99
C LEU A 792 25.90 -29.40 12.88
N LEU A 793 26.88 -29.41 13.78
CA LEU A 793 27.07 -28.31 14.71
C LEU A 793 27.50 -27.04 13.99
N GLY A 794 28.35 -27.18 12.97
CA GLY A 794 28.76 -26.01 12.21
C GLY A 794 27.62 -25.42 11.41
N THR A 795 26.72 -26.27 10.91
CA THR A 795 25.52 -25.78 10.23
C THR A 795 24.64 -25.02 11.18
N LEU A 796 24.39 -25.59 12.37
CA LEU A 796 23.61 -24.87 13.38
C LEU A 796 24.27 -23.54 13.75
N HIS A 797 25.60 -23.50 13.80
CA HIS A 797 26.28 -22.28 14.17
C HIS A 797 26.16 -21.22 13.08
N ASN A 798 26.43 -21.61 11.82
CA ASN A 798 26.30 -20.67 10.71
C ASN A 798 24.86 -20.28 10.49
N LEU A 799 23.91 -21.03 11.03
CA LEU A 799 22.51 -20.66 10.99
C LEU A 799 22.14 -19.73 12.14
N TYR A 800 22.80 -19.88 13.29
CA TYR A 800 22.56 -18.99 14.41
C TYR A 800 23.15 -17.61 14.17
N LEU A 801 24.34 -17.56 13.58
CA LEU A 801 25.01 -16.27 13.36
C LEU A 801 24.20 -15.37 12.43
N ILE A 802 23.36 -15.97 11.58
CA ILE A 802 22.52 -15.18 10.70
C ILE A 802 21.51 -14.36 11.49
N THR A 803 21.12 -14.86 12.67
CA THR A 803 20.07 -14.22 13.46
C THR A 803 20.57 -13.07 14.30
N PHE A 804 21.73 -12.49 13.99
CA PHE A 804 22.24 -11.34 14.73
C PHE A 804 21.73 -10.01 14.19
N ASN A 805 21.67 -9.85 12.88
CA ASN A 805 21.07 -8.66 12.29
C ASN A 805 19.58 -8.65 12.57
N PRO A 806 18.87 -7.54 12.33
CA PRO A 806 17.42 -7.63 12.25
C PRO A 806 16.95 -8.21 10.93
N VAL A 807 17.69 -7.96 9.85
CA VAL A 807 17.30 -8.49 8.54
C VAL A 807 17.61 -9.97 8.46
N GLY A 808 18.78 -10.38 8.94
CA GLY A 808 19.09 -11.80 8.98
C GLY A 808 18.15 -12.58 9.88
N ARG A 809 17.77 -11.98 11.01
CA ARG A 809 16.85 -12.64 11.93
C ARG A 809 15.46 -12.73 11.32
N SER A 810 15.02 -11.68 10.63
CA SER A 810 13.76 -11.76 9.91
C SER A 810 13.78 -12.82 8.81
N ALA A 811 14.89 -12.95 8.10
CA ALA A 811 14.98 -13.97 7.06
C ALA A 811 14.97 -15.37 7.64
N VAL A 812 15.68 -15.58 8.76
CA VAL A 812 15.65 -16.89 9.40
C VAL A 812 14.25 -17.21 9.90
N GLY A 813 13.57 -16.23 10.50
CA GLY A 813 12.21 -16.47 10.95
C GLY A 813 11.23 -16.67 9.80
N HIS A 814 11.53 -16.13 8.63
CA HIS A 814 10.63 -16.27 7.50
C HIS A 814 10.86 -17.57 6.74
N VAL A 815 12.08 -18.11 6.76
CA VAL A 815 12.35 -19.32 6.00
C VAL A 815 11.93 -20.56 6.79
N PHE A 816 12.17 -20.57 8.10
CA PHE A 816 11.70 -21.67 8.92
C PHE A 816 10.18 -21.69 9.05
N SER A 817 9.50 -20.64 8.61
CA SER A 817 8.05 -20.56 8.65
C SER A 817 7.41 -20.99 7.33
N LEU A 818 8.03 -21.91 6.61
CA LEU A 818 7.59 -22.29 5.28
C LEU A 818 7.56 -23.81 5.15
N GLU A 819 6.35 -24.37 5.07
CA GLU A 819 6.15 -25.74 4.63
C GLU A 819 7.04 -26.76 5.30
N LYS A 820 6.88 -26.96 6.61
CA LYS A 820 7.55 -28.02 7.36
C LYS A 820 9.06 -27.84 7.40
N ASN A 821 9.55 -26.60 7.28
CA ASN A 821 10.96 -26.35 7.51
C ASN A 821 11.30 -26.38 8.99
N LEU A 822 10.40 -25.90 9.85
CA LEU A 822 10.62 -25.99 11.29
C LEU A 822 10.74 -27.42 11.76
N GLN A 823 10.26 -28.39 10.98
CA GLN A 823 10.36 -29.79 11.36
C GLN A 823 11.80 -30.24 11.49
N SER A 824 12.73 -29.53 10.85
CA SER A 824 14.14 -29.89 10.93
C SER A 824 14.66 -29.76 12.35
N LEU A 825 14.61 -28.55 12.90
CA LEU A 825 15.06 -28.36 14.28
C LEU A 825 14.20 -29.13 15.27
N ILE A 826 12.91 -29.30 14.97
CA ILE A 826 12.04 -30.06 15.85
C ILE A 826 12.52 -31.50 15.97
N THR A 827 12.82 -32.13 14.84
CA THR A 827 13.29 -33.51 14.91
C THR A 827 14.72 -33.57 15.46
N LEU A 828 15.51 -32.52 15.29
CA LEU A 828 16.81 -32.49 15.94
C LEU A 828 16.69 -32.49 17.46
N MET A 829 15.77 -31.70 18.00
CA MET A 829 15.56 -31.69 19.44
C MET A 829 14.89 -32.95 19.93
N GLU A 830 14.01 -33.55 19.11
CA GLU A 830 13.42 -34.82 19.50
C GLU A 830 14.45 -35.93 19.53
N TYR A 831 15.47 -35.84 18.68
CA TYR A 831 16.60 -36.77 18.77
C TYR A 831 17.40 -36.51 20.03
N TYR A 832 17.92 -35.29 20.19
CA TYR A 832 18.83 -35.06 21.31
C TYR A 832 18.12 -34.88 22.65
N SER A 833 16.83 -35.15 22.79
CA SER A 833 16.17 -35.20 24.09
C SER A 833 16.08 -36.64 24.60
N LYS A 834 16.47 -37.59 23.76
CA LYS A 834 16.55 -39.00 24.15
C LYS A 834 18.02 -39.37 24.27
N GLU A 835 18.89 -38.38 24.08
CA GLU A 835 20.34 -38.60 24.11
C GLU A 835 21.04 -37.84 25.22
N ALA A 836 20.46 -36.75 25.73
CA ALA A 836 21.08 -35.99 26.82
C ALA A 836 20.03 -35.59 27.85
N LEU A 837 18.98 -36.40 27.98
CA LEU A 837 17.78 -36.11 28.77
C LEU A 837 17.31 -34.66 28.53
N GLY A 838 17.45 -34.25 27.29
CA GLY A 838 17.17 -32.86 26.94
C GLY A 838 18.45 -32.05 26.91
N ASP A 839 18.55 -31.09 27.83
CA ASP A 839 19.67 -30.17 27.83
C ASP A 839 21.00 -30.88 28.07
N SER A 840 21.12 -31.56 29.21
CA SER A 840 22.40 -32.13 29.58
C SER A 840 22.21 -33.36 30.45
N LYS A 841 22.79 -34.48 30.01
CA LYS A 841 22.88 -35.69 30.82
C LYS A 841 24.27 -35.88 31.41
N SER A 842 25.30 -35.89 30.56
CA SER A 842 26.69 -35.82 30.99
C SER A 842 27.42 -34.84 30.07
N LYS A 843 26.73 -34.35 29.06
CA LYS A 843 27.28 -33.43 28.08
C LYS A 843 26.18 -32.44 27.70
N LYS A 844 26.57 -31.19 27.44
CA LYS A 844 25.59 -30.15 27.20
C LYS A 844 24.83 -30.37 25.90
N SER A 845 25.36 -31.20 25.00
CA SER A 845 24.76 -31.47 23.70
C SER A 845 24.39 -30.15 23.00
N VAL A 846 25.44 -29.36 22.74
CA VAL A 846 25.28 -27.97 22.33
C VAL A 846 24.39 -27.83 21.10
N ALA A 847 24.29 -28.88 20.28
CA ALA A 847 23.35 -28.84 19.16
C ALA A 847 21.93 -28.66 19.65
N TYR A 848 21.59 -29.28 20.78
CA TYR A 848 20.27 -29.09 21.37
C TYR A 848 20.03 -27.63 21.72
N ASN A 849 21.04 -26.97 22.29
CA ASN A 849 20.89 -25.57 22.67
C ASN A 849 20.77 -24.68 21.44
N TYR A 850 21.54 -24.98 20.39
CA TYR A 850 21.40 -24.23 19.15
C TYR A 850 20.00 -24.36 18.57
N ALA A 851 19.46 -25.58 18.59
CA ALA A 851 18.11 -25.78 18.06
C ALA A 851 17.07 -25.08 18.93
N CYS A 852 17.28 -25.06 20.25
CA CYS A 852 16.38 -24.32 21.12
C CYS A 852 16.37 -22.85 20.77
N ILE A 853 17.55 -22.24 20.66
CA ILE A 853 17.63 -20.82 20.33
C ILE A 853 17.01 -20.55 18.97
N LEU A 854 17.18 -21.47 18.03
CA LEU A 854 16.68 -21.23 16.69
C LEU A 854 15.16 -21.34 16.62
N ILE A 855 14.58 -22.39 17.21
CA ILE A 855 13.12 -22.48 17.23
C ILE A 855 12.52 -21.47 18.19
N LEU A 856 13.33 -20.78 18.98
CA LEU A 856 12.82 -19.66 19.74
C LEU A 856 12.83 -18.37 18.93
N VAL A 857 13.90 -18.12 18.17
CA VAL A 857 13.94 -16.89 17.40
C VAL A 857 13.00 -16.95 16.21
N VAL A 858 12.69 -18.15 15.71
CA VAL A 858 11.73 -18.20 14.62
C VAL A 858 10.31 -18.01 15.14
N VAL A 859 10.01 -18.47 16.37
CA VAL A 859 8.70 -18.24 16.94
C VAL A 859 8.56 -16.78 17.35
N GLN A 860 9.65 -16.16 17.79
CA GLN A 860 9.60 -14.77 18.21
C GLN A 860 9.47 -13.83 17.02
N SER A 861 10.23 -14.09 15.95
CA SER A 861 10.38 -13.11 14.87
C SER A 861 9.40 -13.30 13.72
N SER A 862 8.89 -14.52 13.51
CA SER A 862 7.98 -14.74 12.39
C SER A 862 6.63 -14.11 12.66
N SER A 863 5.98 -13.60 11.61
CA SER A 863 4.64 -13.06 11.74
C SER A 863 3.67 -13.92 10.97
N ASP A 864 4.18 -14.70 10.02
CA ASP A 864 3.39 -15.76 9.40
C ASP A 864 3.45 -17.00 10.28
N VAL A 865 2.34 -17.26 10.97
CA VAL A 865 2.33 -18.22 12.06
C VAL A 865 1.69 -19.51 11.59
N GLN A 866 1.62 -19.69 10.27
CA GLN A 866 1.07 -20.93 9.73
C GLN A 866 1.92 -22.13 10.12
N MET A 867 3.23 -21.94 10.23
CA MET A 867 4.14 -23.04 10.57
C MET A 867 3.74 -23.71 11.88
N LEU A 868 3.15 -22.97 12.80
CA LEU A 868 2.81 -23.55 14.10
C LEU A 868 1.58 -24.44 14.01
N GLU A 869 0.72 -24.20 13.01
CA GLU A 869 -0.52 -24.95 12.89
C GLU A 869 -0.31 -26.46 13.02
N GLN A 870 0.75 -26.97 12.41
CA GLN A 870 1.05 -28.39 12.45
C GLN A 870 2.13 -28.75 13.47
N HIS A 871 2.88 -27.76 13.97
CA HIS A 871 3.98 -28.04 14.88
C HIS A 871 3.69 -27.61 16.31
N ALA A 872 2.66 -26.80 16.55
CA ALA A 872 2.38 -26.32 17.90
C ALA A 872 2.26 -27.46 18.89
N ALA A 873 1.83 -28.64 18.44
CA ALA A 873 1.82 -29.81 19.31
C ALA A 873 3.25 -30.24 19.64
N SER A 874 4.04 -30.55 18.61
CA SER A 874 5.38 -31.07 18.82
C SER A 874 6.18 -30.18 19.76
N LEU A 875 6.31 -28.90 19.41
CA LEU A 875 7.07 -27.96 20.24
C LEU A 875 6.60 -28.00 21.68
N LEU A 876 5.28 -28.04 21.89
CA LEU A 876 4.77 -28.05 23.26
C LEU A 876 5.24 -29.28 24.00
N LYS A 877 5.18 -30.44 23.35
CA LYS A 877 5.76 -31.65 23.93
C LYS A 877 7.21 -31.40 24.33
N LEU A 878 7.98 -30.79 23.43
CA LEU A 878 9.35 -30.42 23.74
C LEU A 878 9.39 -29.51 24.96
N CYS A 879 8.53 -28.48 24.98
CA CYS A 879 8.46 -27.59 26.12
C CYS A 879 8.05 -28.32 27.39
N LYS A 880 7.37 -29.46 27.26
CA LYS A 880 6.99 -30.27 28.40
C LYS A 880 8.03 -31.35 28.70
N ALA A 881 8.95 -31.62 27.77
CA ALA A 881 9.97 -32.63 28.00
C ALA A 881 11.17 -32.09 28.76
N ASP A 882 11.27 -30.77 28.92
CA ASP A 882 12.39 -30.17 29.66
C ASP A 882 11.85 -28.91 30.33
N GLU A 883 11.64 -29.00 31.64
CA GLU A 883 11.03 -27.92 32.41
C GLU A 883 12.05 -27.02 33.09
N ASN A 884 13.34 -27.30 32.92
CA ASN A 884 14.40 -26.52 33.55
C ASN A 884 15.24 -25.76 32.53
N ASN A 885 14.79 -25.69 31.28
CA ASN A 885 15.48 -24.99 30.23
C ASN A 885 14.95 -23.57 30.14
N ALA A 886 15.83 -22.59 30.36
CA ALA A 886 15.40 -21.20 30.38
C ALA A 886 14.82 -20.76 29.04
N LYS A 887 15.19 -21.43 27.95
CA LYS A 887 14.69 -21.05 26.64
C LYS A 887 13.43 -21.83 26.27
N LEU A 888 13.38 -23.11 26.64
CA LEU A 888 12.23 -23.92 26.27
C LEU A 888 10.97 -23.50 27.02
N GLN A 889 11.09 -23.04 28.26
CA GLN A 889 9.90 -22.60 28.96
C GLN A 889 9.43 -21.24 28.47
N GLU A 890 10.36 -20.41 28.00
CA GLU A 890 9.94 -19.19 27.30
C GLU A 890 9.22 -19.54 26.01
N LEU A 891 9.70 -20.55 25.29
CA LEU A 891 8.99 -21.01 24.10
C LEU A 891 7.60 -21.54 24.48
N GLY A 892 7.49 -22.21 25.62
CA GLY A 892 6.19 -22.65 26.08
C GLY A 892 5.26 -21.50 26.37
N LYS A 893 5.78 -20.44 27.00
CA LYS A 893 4.97 -19.23 27.19
C LYS A 893 4.56 -18.64 25.86
N TRP A 894 5.42 -18.75 24.85
CA TRP A 894 5.09 -18.24 23.52
C TRP A 894 3.98 -19.07 22.87
N LEU A 895 3.96 -20.37 23.11
CA LEU A 895 3.03 -21.27 22.44
C LEU A 895 1.79 -21.59 23.27
N GLU A 896 1.69 -21.03 24.48
CA GLU A 896 0.53 -21.30 25.33
C GLU A 896 -0.82 -21.12 24.65
N PRO A 897 -1.06 -20.08 23.84
CA PRO A 897 -2.38 -19.96 23.20
C PRO A 897 -2.68 -21.04 22.19
N LEU A 898 -1.75 -21.93 21.89
CA LEU A 898 -1.94 -22.96 20.88
C LEU A 898 -2.21 -24.34 21.48
N LYS A 899 -2.40 -24.42 22.80
CA LYS A 899 -2.78 -25.69 23.42
C LYS A 899 -4.20 -26.03 23.02
N ASN A 900 -4.38 -27.14 22.32
CA ASN A 900 -5.69 -27.61 21.87
C ASN A 900 -6.35 -26.58 20.96
N LEU A 901 -5.61 -26.10 19.96
CA LEU A 901 -6.15 -25.17 18.98
C LEU A 901 -6.03 -25.79 17.59
N ARG A 902 -6.84 -25.29 16.66
CA ARG A 902 -6.97 -25.91 15.36
C ARG A 902 -6.81 -24.95 14.18
N PHE A 903 -6.55 -23.66 14.42
CA PHE A 903 -6.29 -22.70 13.36
C PHE A 903 -7.44 -22.62 12.36
N GLU A 904 -8.67 -22.65 12.87
CA GLU A 904 -9.84 -22.51 12.04
C GLU A 904 -10.71 -21.39 12.57
N ILE A 905 -11.72 -21.03 11.80
CA ILE A 905 -12.60 -19.92 12.14
C ILE A 905 -13.60 -20.29 13.22
N ASN A 906 -13.54 -21.53 13.72
CA ASN A 906 -14.36 -21.96 14.83
C ASN A 906 -13.66 -21.85 16.17
N CYS A 907 -12.34 -21.62 16.17
CA CYS A 907 -11.58 -21.50 17.41
C CYS A 907 -11.03 -20.10 17.62
N ILE A 908 -11.46 -19.11 16.84
CA ILE A 908 -11.13 -17.73 17.14
C ILE A 908 -11.85 -17.24 18.39
N PRO A 909 -13.03 -17.77 18.78
CA PRO A 909 -13.52 -17.45 20.12
C PRO A 909 -12.53 -17.80 21.22
N ASN A 910 -11.82 -18.92 21.09
CA ASN A 910 -10.85 -19.29 22.12
C ASN A 910 -9.65 -18.35 22.09
N LEU A 911 -9.20 -17.95 20.90
CA LEU A 911 -8.08 -17.02 20.83
C LEU A 911 -8.47 -15.65 21.39
N ILE A 912 -9.69 -15.19 21.11
CA ILE A 912 -10.13 -13.93 21.67
C ILE A 912 -10.29 -14.03 23.18
N GLU A 913 -10.76 -15.19 23.66
CA GLU A 913 -10.85 -15.39 25.10
C GLU A 913 -9.48 -15.38 25.75
N TYR A 914 -8.47 -15.90 25.05
CA TYR A 914 -7.11 -15.84 25.59
C TYR A 914 -6.60 -14.40 25.63
N VAL A 915 -6.71 -13.69 24.50
CA VAL A 915 -6.26 -12.30 24.45
C VAL A 915 -7.02 -11.45 25.48
N LYS A 916 -8.25 -11.82 25.80
CA LYS A 916 -9.05 -11.06 26.74
C LYS A 916 -8.77 -11.47 28.19
N GLN A 917 -8.26 -12.69 28.39
CA GLN A 917 -8.09 -13.21 29.74
C GLN A 917 -6.79 -12.74 30.38
N ASN A 918 -5.72 -12.58 29.58
CA ASN A 918 -4.45 -12.10 30.10
C ASN A 918 -3.98 -10.89 29.29
N ILE A 919 -4.89 -9.96 29.03
CA ILE A 919 -4.52 -8.68 28.43
C ILE A 919 -3.68 -7.83 29.37
N ASP A 920 -3.71 -8.12 30.68
CA ASP A 920 -2.95 -7.33 31.63
C ASP A 920 -1.45 -7.51 31.44
N ASN A 921 -1.05 -8.64 30.90
CA ASN A 921 0.36 -8.95 30.68
C ASN A 921 0.70 -8.77 29.21
N LEU A 922 1.05 -7.54 28.83
CA LEU A 922 1.24 -7.27 27.40
C LEU A 922 2.71 -7.17 27.05
N MET A 923 3.43 -6.22 27.64
CA MET A 923 4.87 -6.13 27.48
C MET A 923 5.53 -6.75 28.71
N THR A 924 5.31 -8.05 28.87
CA THR A 924 5.76 -8.80 30.03
C THR A 924 6.06 -10.22 29.60
N PRO A 925 7.24 -10.73 29.94
CA PRO A 925 7.63 -12.08 29.50
C PRO A 925 6.68 -13.19 29.93
N GLU A 926 5.74 -12.93 30.84
CA GLU A 926 4.74 -13.91 31.23
C GLU A 926 3.47 -13.80 30.42
N GLY A 927 3.33 -12.76 29.62
CA GLY A 927 2.18 -12.62 28.73
C GLY A 927 2.64 -12.37 27.32
N VAL A 928 3.83 -12.89 26.99
CA VAL A 928 4.37 -12.69 25.66
C VAL A 928 3.64 -13.59 24.66
N GLY A 929 3.11 -14.72 25.12
CA GLY A 929 2.33 -15.58 24.25
C GLY A 929 1.12 -14.90 23.66
N LEU A 930 0.66 -13.81 24.28
CA LEU A 930 -0.41 -13.02 23.71
C LEU A 930 -0.08 -12.57 22.30
N THR A 931 1.20 -12.25 22.04
CA THR A 931 1.62 -11.93 20.68
C THR A 931 1.24 -13.03 19.71
N THR A 932 1.55 -14.28 20.07
CA THR A 932 1.14 -15.41 19.24
C THR A 932 -0.38 -15.41 19.06
N ALA A 933 -1.12 -15.18 20.15
CA ALA A 933 -2.57 -15.19 20.05
C ALA A 933 -3.11 -14.03 19.23
N LEU A 934 -2.26 -13.10 18.79
CA LEU A 934 -2.67 -12.07 17.86
C LEU A 934 -2.10 -12.27 16.47
N ARG A 935 -1.12 -13.15 16.32
CA ARG A 935 -0.69 -13.56 14.98
C ARG A 935 -1.59 -14.66 14.47
N VAL A 936 -1.79 -15.71 15.27
CA VAL A 936 -2.72 -16.78 14.92
C VAL A 936 -4.10 -16.23 14.63
N LEU A 937 -4.50 -15.20 15.35
CA LEU A 937 -5.80 -14.61 15.16
C LEU A 937 -5.83 -13.64 13.97
N CYS A 938 -4.66 -13.19 13.53
CA CYS A 938 -4.59 -12.42 12.29
C CYS A 938 -4.36 -13.31 11.08
N ASN A 939 -3.78 -14.49 11.30
CA ASN A 939 -3.58 -15.43 10.21
C ASN A 939 -4.89 -16.05 9.77
N VAL A 940 -5.77 -16.39 10.72
CA VAL A 940 -6.97 -17.17 10.43
C VAL A 940 -8.21 -16.30 10.25
N ALA A 941 -8.12 -14.99 10.50
CA ALA A 941 -9.29 -14.13 10.41
C ALA A 941 -9.12 -12.94 9.49
N CYS A 942 -7.91 -12.64 9.02
CA CYS A 942 -7.68 -11.51 8.13
C CYS A 942 -7.25 -12.03 6.77
N PRO A 943 -8.02 -11.79 5.71
CA PRO A 943 -7.62 -12.28 4.40
C PRO A 943 -6.35 -11.59 3.93
N PRO A 944 -5.49 -12.30 3.23
CA PRO A 944 -4.30 -11.66 2.65
C PRO A 944 -4.71 -10.61 1.64
N PRO A 945 -3.86 -9.63 1.37
CA PRO A 945 -4.21 -8.56 0.43
C PRO A 945 -4.69 -9.14 -0.90
N PRO A 946 -5.93 -8.84 -1.28
CA PRO A 946 -6.53 -9.53 -2.44
C PRO A 946 -5.87 -9.10 -3.74
N VAL A 947 -5.73 -10.07 -4.65
CA VAL A 947 -5.24 -9.81 -5.99
C VAL A 947 -6.42 -9.88 -6.94
N GLU A 948 -6.22 -9.36 -8.14
CA GLU A 948 -7.31 -9.27 -9.10
C GLU A 948 -7.49 -10.60 -9.82
N GLY A 949 -8.72 -10.86 -10.24
CA GLY A 949 -9.05 -12.15 -10.83
C GLY A 949 -9.31 -13.22 -9.80
N GLN A 950 -9.24 -12.87 -8.51
CA GLN A 950 -9.47 -13.80 -7.43
C GLN A 950 -10.95 -13.86 -7.11
N GLN A 951 -11.46 -15.07 -6.89
CA GLN A 951 -12.84 -15.25 -6.46
C GLN A 951 -12.87 -15.33 -4.94
N LYS A 952 -13.70 -14.49 -4.33
CA LYS A 952 -13.66 -14.32 -2.88
C LYS A 952 -14.11 -15.59 -2.17
N ASP A 953 -13.31 -16.04 -1.22
CA ASP A 953 -13.73 -17.13 -0.35
C ASP A 953 -14.65 -16.56 0.73
N LEU A 954 -15.67 -17.34 1.08
CA LEU A 954 -16.69 -16.83 1.99
C LEU A 954 -16.31 -17.00 3.46
N LYS A 955 -15.32 -17.81 3.79
CA LYS A 955 -14.93 -17.96 5.18
C LYS A 955 -14.40 -16.65 5.75
N TRP A 956 -13.80 -15.81 4.91
CA TRP A 956 -13.32 -14.52 5.39
C TRP A 956 -14.48 -13.64 5.84
N ASN A 957 -15.71 -13.97 5.45
CA ASN A 957 -16.87 -13.33 6.05
C ASN A 957 -17.17 -13.94 7.42
N LEU A 958 -17.24 -15.26 7.49
CA LEU A 958 -17.54 -15.92 8.75
C LEU A 958 -16.47 -15.62 9.78
N ALA A 959 -15.20 -15.63 9.38
CA ALA A 959 -14.12 -15.31 10.31
C ALA A 959 -14.31 -13.94 10.92
N VAL A 960 -14.99 -13.04 10.21
CA VAL A 960 -15.26 -11.73 10.80
C VAL A 960 -16.49 -11.78 11.69
N ILE A 961 -17.51 -12.55 11.29
CA ILE A 961 -18.70 -12.67 12.13
C ILE A 961 -18.35 -13.29 13.47
N GLN A 962 -17.62 -14.41 13.44
CA GLN A 962 -17.14 -15.01 14.67
C GLN A 962 -16.20 -14.07 15.43
N LEU A 963 -15.62 -13.10 14.73
CA LEU A 963 -14.71 -12.17 15.38
C LEU A 963 -15.48 -11.04 16.05
N PHE A 964 -16.78 -10.93 15.74
CA PHE A 964 -17.66 -10.00 16.46
C PHE A 964 -18.47 -10.72 17.53
N SER A 965 -18.83 -11.97 17.30
CA SER A 965 -19.64 -12.72 18.26
C SER A 965 -18.90 -12.86 19.58
N ALA A 966 -17.77 -13.55 19.58
CA ALA A 966 -16.84 -13.50 20.70
C ALA A 966 -16.23 -12.11 20.69
N GLU A 967 -16.54 -11.33 21.73
CA GLU A 967 -16.34 -9.88 21.69
C GLU A 967 -14.95 -9.52 21.17
N GLY A 968 -14.90 -8.90 20.00
CA GLY A 968 -13.64 -8.62 19.36
C GLY A 968 -13.39 -7.14 19.21
N MET A 969 -14.44 -6.36 19.01
CA MET A 969 -14.27 -4.91 18.99
C MET A 969 -13.87 -4.39 20.35
N ASP A 970 -14.22 -5.13 21.41
CA ASP A 970 -13.83 -4.72 22.75
C ASP A 970 -12.41 -5.13 23.07
N THR A 971 -12.07 -6.40 22.83
CA THR A 971 -10.79 -6.95 23.23
C THR A 971 -9.69 -6.71 22.21
N PHE A 972 -9.93 -5.84 21.23
CA PHE A 972 -8.86 -5.28 20.41
C PHE A 972 -8.67 -3.79 20.67
N ILE A 973 -9.76 -3.08 20.91
CA ILE A 973 -9.65 -1.74 21.47
C ILE A 973 -8.88 -1.77 22.78
N ARG A 974 -9.12 -2.79 23.61
CA ARG A 974 -8.41 -2.89 24.86
C ARG A 974 -6.95 -3.25 24.65
N VAL A 975 -6.64 -4.07 23.64
CA VAL A 975 -5.25 -4.35 23.31
C VAL A 975 -4.54 -3.07 22.91
N LEU A 976 -5.17 -2.28 22.04
CA LEU A 976 -4.55 -1.02 21.62
C LEU A 976 -4.40 -0.06 22.79
N GLN A 977 -5.40 0.00 23.66
CA GLN A 977 -5.34 0.94 24.78
C GLN A 977 -4.24 0.57 25.75
N LYS A 978 -4.12 -0.71 26.10
CA LYS A 978 -3.02 -1.10 26.99
C LYS A 978 -1.68 -1.01 26.28
N LEU A 979 -1.67 -1.21 24.96
CA LEU A 979 -0.42 -1.09 24.22
C LEU A 979 0.12 0.33 24.30
N ASN A 980 -0.74 1.32 24.07
CA ASN A 980 -0.24 2.69 24.14
C ASN A 980 -0.06 3.14 25.59
N SER A 981 -0.84 2.61 26.53
CA SER A 981 -0.62 2.92 27.94
C SER A 981 0.71 2.36 28.43
N ILE A 982 1.20 1.30 27.81
CA ILE A 982 2.51 0.75 28.15
C ILE A 982 3.61 1.53 27.44
N LEU A 983 3.40 1.84 26.15
CA LEU A 983 4.47 2.44 25.35
C LEU A 983 4.64 3.92 25.65
N THR A 984 3.68 4.56 26.32
CA THR A 984 3.71 6.01 26.43
C THR A 984 4.87 6.49 27.31
N GLN A 985 5.31 5.68 28.26
CA GLN A 985 6.40 6.14 29.14
C GLN A 985 7.77 5.99 28.47
N PRO A 986 8.13 4.83 27.90
CA PRO A 986 9.41 4.78 27.16
C PRO A 986 9.46 5.75 25.99
N TRP A 987 8.31 6.08 25.41
CA TRP A 987 8.27 7.09 24.36
C TRP A 987 8.77 8.44 24.87
N ARG A 988 8.27 8.86 26.02
CA ARG A 988 8.70 10.15 26.58
C ARG A 988 10.14 10.08 27.05
N LEU A 989 10.51 9.00 27.75
CA LEU A 989 11.88 8.89 28.25
C LEU A 989 12.89 8.56 27.17
N HIS A 990 12.49 8.56 25.89
CA HIS A 990 13.37 8.33 24.76
C HIS A 990 14.10 7.00 24.86
N VAL A 991 13.38 5.94 25.23
CA VAL A 991 13.94 4.61 25.12
C VAL A 991 13.64 4.01 23.74
N ASN A 992 12.47 4.35 23.20
CA ASN A 992 12.09 4.06 21.82
C ASN A 992 12.34 2.62 21.39
N MET A 993 11.83 1.66 22.15
CA MET A 993 11.85 0.25 21.78
C MET A 993 13.27 -0.20 21.40
N GLY A 994 14.16 -0.14 22.40
CA GLY A 994 15.56 -0.38 22.13
C GLY A 994 15.91 -1.79 21.70
N THR A 995 15.75 -2.76 22.59
CA THR A 995 16.08 -4.15 22.28
C THR A 995 15.20 -4.65 21.15
N THR A 996 15.85 -5.11 20.07
CA THR A 996 15.12 -5.40 18.84
C THR A 996 14.08 -6.49 19.06
N LEU A 997 14.26 -7.34 20.07
CA LEU A 997 13.24 -8.34 20.38
C LEU A 997 11.95 -7.66 20.84
N HIS A 998 12.04 -6.77 21.83
CA HIS A 998 10.85 -6.10 22.32
C HIS A 998 10.23 -5.23 21.24
N ARG A 999 11.07 -4.60 20.41
CA ARG A 999 10.53 -3.78 19.34
C ARG A 999 9.79 -4.62 18.32
N VAL A 1000 10.34 -5.79 17.97
CA VAL A 1000 9.66 -6.60 16.96
C VAL A 1000 8.38 -7.19 17.53
N THR A 1001 8.36 -7.53 18.82
CA THR A 1001 7.12 -8.07 19.38
C THR A 1001 6.06 -6.98 19.50
N THR A 1002 6.45 -5.77 19.90
CA THR A 1002 5.44 -4.72 20.01
C THR A 1002 4.97 -4.25 18.64
N ILE A 1003 5.84 -4.23 17.64
CA ILE A 1003 5.40 -3.85 16.30
C ILE A 1003 4.53 -4.95 15.71
N SER A 1004 4.86 -6.21 15.96
CA SER A 1004 4.00 -7.29 15.47
C SER A 1004 2.65 -7.28 16.15
N MET A 1005 2.62 -7.00 17.45
CA MET A 1005 1.34 -6.93 18.15
C MET A 1005 0.51 -5.75 17.66
N ALA A 1006 1.14 -4.59 17.48
CA ALA A 1006 0.41 -3.43 16.98
C ALA A 1006 -0.10 -3.66 15.58
N ARG A 1007 0.73 -4.25 14.71
CA ARG A 1007 0.32 -4.46 13.32
C ARG A 1007 -0.77 -5.53 13.23
N CYS A 1008 -0.71 -6.55 14.08
CA CYS A 1008 -1.73 -7.60 14.03
C CYS A 1008 -3.05 -7.11 14.60
N THR A 1009 -3.01 -6.36 15.70
CA THR A 1009 -4.25 -5.79 16.24
C THR A 1009 -4.84 -4.78 15.25
N LEU A 1010 -3.98 -4.01 14.58
CA LEU A 1010 -4.48 -3.04 13.62
C LEU A 1010 -5.05 -3.72 12.39
N THR A 1011 -4.44 -4.82 11.95
CA THR A 1011 -5.01 -5.56 10.83
C THR A 1011 -6.34 -6.17 11.20
N LEU A 1012 -6.45 -6.70 12.42
CA LEU A 1012 -7.73 -7.23 12.87
C LEU A 1012 -8.81 -6.15 12.90
N LEU A 1013 -8.48 -5.00 13.50
CA LEU A 1013 -9.43 -3.90 13.55
C LEU A 1013 -9.79 -3.41 12.15
N LYS A 1014 -8.81 -3.37 11.25
CA LYS A 1014 -9.06 -2.87 9.91
C LYS A 1014 -9.99 -3.81 9.15
N THR A 1015 -9.74 -5.12 9.24
CA THR A 1015 -10.63 -6.06 8.57
C THR A 1015 -12.02 -6.04 9.17
N MET A 1016 -12.12 -5.97 10.50
CA MET A 1016 -13.44 -5.90 11.12
C MET A 1016 -14.21 -4.68 10.65
N LEU A 1017 -13.60 -3.50 10.71
CA LEU A 1017 -14.32 -2.29 10.35
C LEU A 1017 -14.58 -2.19 8.85
N THR A 1018 -13.65 -2.66 8.02
CA THR A 1018 -13.84 -2.52 6.58
C THR A 1018 -14.74 -3.62 6.04
N GLU A 1019 -14.99 -4.66 6.84
CA GLU A 1019 -15.97 -5.67 6.45
C GLU A 1019 -17.34 -5.31 6.99
N LEU A 1020 -17.39 -4.63 8.13
CA LEU A 1020 -18.66 -4.20 8.70
C LEU A 1020 -19.22 -3.01 7.94
N LEU A 1021 -18.38 -2.02 7.64
CA LEU A 1021 -18.82 -0.78 7.02
C LEU A 1021 -18.94 -0.88 5.51
N ARG A 1022 -18.63 -2.05 4.92
CA ARG A 1022 -18.95 -2.28 3.52
C ARG A 1022 -20.23 -3.09 3.35
N GLY A 1023 -20.68 -3.78 4.39
CA GLY A 1023 -21.92 -4.52 4.34
C GLY A 1023 -23.11 -3.59 4.44
N GLY A 1024 -23.34 -2.81 3.39
CA GLY A 1024 -24.36 -1.78 3.40
C GLY A 1024 -23.87 -0.53 4.11
N SER A 1025 -24.70 0.50 4.15
CA SER A 1025 -24.34 1.74 4.86
C SER A 1025 -24.57 1.52 6.35
N PHE A 1026 -23.51 1.18 7.07
CA PHE A 1026 -23.58 0.97 8.51
C PHE A 1026 -22.88 2.12 9.21
N GLU A 1027 -23.26 2.35 10.46
CA GLU A 1027 -22.72 3.43 11.27
C GLU A 1027 -22.06 2.86 12.51
N PHE A 1028 -20.76 3.11 12.65
CA PHE A 1028 -19.96 2.58 13.74
C PHE A 1028 -19.48 3.74 14.59
N LYS A 1029 -19.95 3.81 15.84
CA LYS A 1029 -19.65 4.95 16.70
C LYS A 1029 -18.97 4.54 18.00
N ASP A 1030 -17.97 3.67 17.95
CA ASP A 1030 -17.31 3.20 19.17
C ASP A 1030 -16.55 4.33 19.85
N MET A 1031 -15.83 5.13 19.06
CA MET A 1031 -15.14 6.33 19.53
C MET A 1031 -14.02 6.02 20.51
N ARG A 1032 -13.77 4.74 20.78
CA ARG A 1032 -12.53 4.37 21.43
C ARG A 1032 -11.45 4.08 20.41
N VAL A 1033 -11.86 3.69 19.20
CA VAL A 1033 -10.91 3.33 18.14
C VAL A 1033 -10.14 4.57 17.71
N PRO A 1034 -10.77 5.69 17.34
CA PRO A 1034 -9.96 6.84 16.93
C PRO A 1034 -9.17 7.44 18.08
N SER A 1035 -9.72 7.44 19.30
CA SER A 1035 -8.99 8.01 20.43
C SER A 1035 -7.79 7.18 20.80
N ALA A 1036 -7.84 5.86 20.57
CA ALA A 1036 -6.66 5.02 20.79
C ALA A 1036 -5.71 5.04 19.61
N LEU A 1037 -6.21 5.28 18.40
CA LEU A 1037 -5.33 5.28 17.24
C LEU A 1037 -4.54 6.57 17.12
N VAL A 1038 -5.15 7.71 17.46
CA VAL A 1038 -4.39 8.96 17.42
C VAL A 1038 -3.33 9.02 18.50
N THR A 1039 -3.32 8.05 19.42
CA THR A 1039 -2.25 7.93 20.41
C THR A 1039 -1.24 6.86 20.01
N LEU A 1040 -1.72 5.72 19.51
CA LEU A 1040 -0.81 4.71 18.99
C LEU A 1040 0.04 5.26 17.85
N HIS A 1041 -0.55 6.13 17.04
CA HIS A 1041 0.22 6.78 15.97
C HIS A 1041 1.31 7.66 16.56
N MET A 1042 0.96 8.47 17.57
CA MET A 1042 1.96 9.27 18.25
C MET A 1042 3.10 8.42 18.77
N LEU A 1043 2.77 7.25 19.31
CA LEU A 1043 3.76 6.45 20.02
C LEU A 1043 4.64 5.66 19.06
N LEU A 1044 4.09 5.24 17.92
CA LEU A 1044 4.86 4.42 17.00
C LEU A 1044 5.31 5.19 15.76
N CYS A 1045 4.37 5.76 15.03
CA CYS A 1045 4.63 6.26 13.68
C CYS A 1045 5.01 7.73 13.62
N SER A 1046 4.95 8.45 14.75
CA SER A 1046 5.03 9.91 14.66
C SER A 1046 6.46 10.42 14.53
N ILE A 1047 7.30 10.14 15.51
CA ILE A 1047 8.66 10.68 15.52
C ILE A 1047 9.67 9.55 15.39
N PRO A 1048 10.09 9.19 14.18
CA PRO A 1048 11.19 8.24 14.04
C PRO A 1048 12.52 8.96 14.09
N LEU A 1049 13.41 8.48 14.97
CA LEU A 1049 14.68 9.15 15.20
C LEU A 1049 15.53 9.20 13.94
N SER A 1050 15.27 8.31 12.99
CA SER A 1050 15.96 8.37 11.71
C SER A 1050 15.45 9.51 10.85
N GLY A 1051 14.28 10.06 11.17
CA GLY A 1051 13.66 11.09 10.37
C GLY A 1051 12.78 10.57 9.26
N ARG A 1052 12.55 9.26 9.19
CA ARG A 1052 11.76 8.65 8.13
C ARG A 1052 11.24 7.32 8.65
N LEU A 1053 9.98 7.02 8.36
CA LEU A 1053 9.35 5.84 8.92
C LEU A 1053 9.97 4.57 8.36
N ASP A 1054 9.94 3.51 9.16
CA ASP A 1054 10.38 2.20 8.71
C ASP A 1054 9.37 1.60 7.76
N SER A 1055 9.56 0.33 7.41
CA SER A 1055 8.58 -0.36 6.60
C SER A 1055 7.39 -0.79 7.45
N ASP A 1056 7.65 -1.45 8.58
CA ASP A 1056 6.57 -1.92 9.43
C ASP A 1056 5.84 -0.76 10.10
N GLU A 1057 6.57 0.29 10.47
CA GLU A 1057 5.89 1.46 11.03
C GLU A 1057 5.10 2.20 9.96
N GLN A 1058 5.55 2.16 8.71
CA GLN A 1058 4.73 2.74 7.64
C GLN A 1058 3.46 1.91 7.43
N LYS A 1059 3.56 0.59 7.56
CA LYS A 1059 2.35 -0.23 7.47
C LYS A 1059 1.42 0.05 8.63
N ILE A 1060 1.97 0.32 9.81
CA ILE A 1060 1.14 0.65 10.97
C ILE A 1060 0.43 1.98 10.75
N GLN A 1061 1.14 2.96 10.21
CA GLN A 1061 0.51 4.25 9.93
C GLN A 1061 -0.56 4.12 8.87
N ASN A 1062 -0.32 3.28 7.85
CA ASN A 1062 -1.33 3.08 6.82
C ASN A 1062 -2.56 2.40 7.39
N ASP A 1063 -2.38 1.43 8.29
CA ASP A 1063 -3.52 0.79 8.92
C ASP A 1063 -4.28 1.78 9.80
N ILE A 1064 -3.56 2.65 10.51
CA ILE A 1064 -4.22 3.64 11.35
C ILE A 1064 -5.05 4.59 10.50
N ILE A 1065 -4.49 5.05 9.38
CA ILE A 1065 -5.23 5.98 8.52
C ILE A 1065 -6.42 5.27 7.89
N ASP A 1066 -6.27 4.00 7.52
CA ASP A 1066 -7.40 3.27 6.92
C ASP A 1066 -8.52 3.09 7.93
N ILE A 1067 -8.19 2.76 9.18
CA ILE A 1067 -9.23 2.59 10.20
C ILE A 1067 -9.89 3.92 10.49
N LEU A 1068 -9.10 5.01 10.55
CA LEU A 1068 -9.67 6.32 10.80
C LEU A 1068 -10.54 6.77 9.63
N LEU A 1069 -10.28 6.26 8.43
CA LEU A 1069 -11.09 6.61 7.28
C LEU A 1069 -12.35 5.77 7.19
N THR A 1070 -12.34 4.55 7.72
CA THR A 1070 -13.56 3.75 7.69
C THR A 1070 -14.67 4.41 8.50
N PHE A 1071 -14.38 5.50 9.19
CA PHE A 1071 -15.42 6.30 9.82
C PHE A 1071 -16.00 7.34 8.86
N THR A 1072 -15.42 7.50 7.68
CA THR A 1072 -15.93 8.43 6.68
C THR A 1072 -16.83 7.74 5.65
N GLN A 1073 -17.02 6.44 5.79
CA GLN A 1073 -17.98 5.71 4.97
C GLN A 1073 -19.35 5.83 5.59
N GLY A 1074 -20.37 5.37 4.85
CA GLY A 1074 -21.72 5.42 5.34
C GLY A 1074 -22.22 6.81 5.66
N VAL A 1075 -21.80 7.82 4.92
CA VAL A 1075 -22.27 9.19 5.10
C VAL A 1075 -23.09 9.55 3.87
N ASN A 1076 -24.42 9.54 4.04
CA ASN A 1076 -25.35 9.76 2.94
C ASN A 1076 -26.05 11.11 3.14
N GLU A 1077 -26.94 11.44 2.20
CA GLU A 1077 -27.69 12.68 2.28
C GLU A 1077 -28.49 12.76 3.58
N LYS A 1078 -29.00 11.62 4.05
CA LYS A 1078 -29.84 11.61 5.25
C LYS A 1078 -29.02 11.85 6.51
N LEU A 1079 -27.70 11.97 6.39
CA LEU A 1079 -26.82 12.22 7.53
C LEU A 1079 -26.19 13.61 7.49
N THR A 1080 -26.63 14.49 6.59
CA THR A 1080 -26.01 15.79 6.42
C THR A 1080 -27.00 16.94 6.26
N ILE A 1081 -28.28 16.75 6.58
CA ILE A 1081 -29.25 17.81 6.36
C ILE A 1081 -29.02 18.95 7.35
N SER A 1082 -28.94 18.63 8.63
CA SER A 1082 -28.91 19.65 9.67
C SER A 1082 -27.60 19.54 10.43
N GLU A 1083 -27.22 20.66 11.06
CA GLU A 1083 -26.07 20.65 11.94
C GLU A 1083 -26.26 19.73 13.13
N GLU A 1084 -27.50 19.35 13.44
CA GLU A 1084 -27.78 18.39 14.50
C GLU A 1084 -27.37 16.98 14.13
N THR A 1085 -27.64 16.57 12.90
CA THR A 1085 -27.27 15.24 12.42
C THR A 1085 -25.92 15.22 11.71
N LEU A 1086 -25.23 16.37 11.65
CA LEU A 1086 -23.92 16.40 11.04
C LEU A 1086 -22.82 16.31 12.09
N ALA A 1087 -22.99 17.01 13.22
CA ALA A 1087 -22.01 16.99 14.28
C ALA A 1087 -22.05 15.73 15.13
N ASN A 1088 -23.04 14.86 14.92
CA ASN A 1088 -23.15 13.59 15.63
C ASN A 1088 -22.88 12.42 14.70
N ASN A 1089 -22.64 12.71 13.43
CA ASN A 1089 -22.26 11.73 12.44
C ASN A 1089 -20.97 11.03 12.87
N THR A 1090 -20.74 9.85 12.32
CA THR A 1090 -19.54 9.10 12.68
C THR A 1090 -18.29 9.77 12.09
N TRP A 1091 -18.41 10.37 10.91
CA TRP A 1091 -17.32 11.14 10.34
C TRP A 1091 -16.93 12.29 11.26
N SER A 1092 -17.90 13.08 11.70
CA SER A 1092 -17.59 14.23 12.53
C SER A 1092 -17.11 13.81 13.91
N LEU A 1093 -17.54 12.63 14.39
CA LEU A 1093 -17.04 12.15 15.67
C LEU A 1093 -15.58 11.72 15.56
N MET A 1094 -15.23 11.02 14.48
CA MET A 1094 -13.83 10.70 14.25
C MET A 1094 -13.00 11.96 14.11
N LEU A 1095 -13.53 12.97 13.41
CA LEU A 1095 -12.78 14.20 13.21
C LEU A 1095 -12.59 14.93 14.53
N LYS A 1096 -13.61 14.91 15.39
CA LYS A 1096 -13.43 15.50 16.71
C LYS A 1096 -12.36 14.77 17.50
N GLU A 1097 -12.38 13.44 17.49
CA GLU A 1097 -11.38 12.69 18.24
C GLU A 1097 -9.99 12.82 17.65
N VAL A 1098 -9.87 13.21 16.38
CA VAL A 1098 -8.55 13.41 15.79
C VAL A 1098 -8.05 14.83 16.03
N LEU A 1099 -8.97 15.80 15.99
CA LEU A 1099 -8.56 17.20 16.10
C LEU A 1099 -8.35 17.59 17.56
N SER A 1100 -9.32 17.30 18.42
CA SER A 1100 -9.15 17.61 19.84
C SER A 1100 -8.04 16.81 20.49
N SER A 1101 -7.45 15.85 19.77
CA SER A 1101 -6.26 15.14 20.24
C SER A 1101 -4.99 15.73 19.66
N ILE A 1102 -5.06 16.88 19.00
CA ILE A 1102 -3.86 17.56 18.54
C ILE A 1102 -3.36 18.55 19.59
N LEU A 1103 -4.23 19.41 20.10
CA LEU A 1103 -3.89 20.40 21.12
C LEU A 1103 -4.19 19.82 22.48
N LYS A 1104 -3.57 18.70 22.81
CA LYS A 1104 -3.82 18.04 24.08
C LYS A 1104 -2.54 17.97 24.89
N VAL A 1105 -1.44 17.62 24.24
CA VAL A 1105 -0.13 17.49 24.87
C VAL A 1105 0.93 17.85 23.85
N PRO A 1106 1.97 18.61 24.22
CA PRO A 1106 2.98 18.99 23.23
C PRO A 1106 3.69 17.80 22.61
N GLU A 1107 3.64 16.63 23.25
CA GLU A 1107 4.20 15.44 22.62
C GLU A 1107 3.39 15.02 21.41
N GLY A 1108 2.09 15.31 21.43
CA GLY A 1108 1.21 14.86 20.36
C GLY A 1108 0.96 15.88 19.28
N PHE A 1109 1.58 17.06 19.38
CA PHE A 1109 1.40 18.10 18.38
C PHE A 1109 1.78 17.59 16.99
N PHE A 1110 3.02 17.16 16.84
CA PHE A 1110 3.51 16.74 15.53
C PHE A 1110 2.81 15.48 15.06
N SER A 1111 2.45 14.58 15.98
CA SER A 1111 1.72 13.38 15.59
C SER A 1111 0.36 13.73 15.03
N GLY A 1112 -0.41 14.52 15.77
CA GLY A 1112 -1.72 14.94 15.27
C GLY A 1112 -1.64 15.67 13.96
N LEU A 1113 -0.58 16.45 13.75
CA LEU A 1113 -0.46 17.16 12.47
C LEU A 1113 -0.11 16.20 11.34
N ILE A 1114 0.85 15.30 11.55
CA ILE A 1114 1.31 14.38 10.53
C ILE A 1114 0.24 13.32 10.28
N LEU A 1115 -0.81 13.31 11.09
CA LEU A 1115 -1.95 12.44 10.87
C LEU A 1115 -3.12 13.15 10.19
N LEU A 1116 -3.49 14.33 10.69
CA LEU A 1116 -4.52 15.13 10.04
C LEU A 1116 -4.10 15.49 8.62
N SER A 1117 -2.80 15.49 8.34
CA SER A 1117 -2.37 15.72 6.97
C SER A 1117 -2.44 14.47 6.12
N GLU A 1118 -2.47 13.28 6.73
CA GLU A 1118 -2.68 12.05 5.99
C GLU A 1118 -4.16 11.74 5.76
N LEU A 1119 -5.04 12.27 6.60
CA LEU A 1119 -6.47 12.10 6.35
C LEU A 1119 -6.93 12.96 5.18
N LEU A 1120 -6.54 14.22 5.15
CA LEU A 1120 -7.02 15.13 4.13
C LEU A 1120 -6.42 14.81 2.76
N PRO A 1121 -7.14 15.08 1.69
CA PRO A 1121 -6.62 14.82 0.34
C PRO A 1121 -5.71 15.92 -0.15
N LEU A 1122 -4.86 15.57 -1.11
CA LEU A 1122 -3.94 16.54 -1.68
C LEU A 1122 -4.70 17.67 -2.34
N PRO A 1123 -4.07 18.82 -2.56
CA PRO A 1123 -4.76 19.93 -3.22
C PRO A 1123 -4.82 19.76 -4.72
N LEU A 1124 -5.92 20.22 -5.32
CA LEU A 1124 -6.09 20.20 -6.76
C LEU A 1124 -5.22 21.29 -7.38
N PRO A 1125 -5.06 21.29 -8.72
CA PRO A 1125 -5.54 20.40 -9.77
C PRO A 1125 -4.72 19.13 -9.94
N MET A 1126 -5.31 18.12 -10.56
CA MET A 1126 -4.62 16.88 -10.84
C MET A 1126 -3.83 16.98 -12.14
N GLN A 1127 -2.58 16.53 -12.09
CA GLN A 1127 -1.69 16.56 -13.24
C GLN A 1127 -1.86 15.23 -13.96
N THR A 1128 -2.59 15.26 -15.08
CA THR A 1128 -2.95 14.07 -15.82
C THR A 1128 -2.29 14.10 -17.19
N THR A 1129 -2.08 12.91 -17.76
CA THR A 1129 -1.61 12.83 -19.14
C THR A 1129 -2.77 12.83 -20.13
N GLN A 1130 -4.00 12.57 -19.67
CA GLN A 1130 -5.15 12.55 -20.55
C GLN A 1130 -6.37 13.05 -19.77
N VAL A 1131 -7.43 13.37 -20.52
CA VAL A 1131 -8.58 14.05 -19.93
C VAL A 1131 -9.27 13.16 -18.90
N ILE A 1132 -9.75 13.77 -17.83
CA ILE A 1132 -10.62 13.12 -16.86
C ILE A 1132 -12.06 13.46 -17.22
N GLU A 1133 -12.88 12.43 -17.38
CA GLU A 1133 -14.27 12.66 -17.76
C GLU A 1133 -15.02 13.37 -16.63
N PRO A 1134 -15.97 14.23 -16.97
CA PRO A 1134 -16.59 15.11 -15.97
C PRO A 1134 -17.11 14.42 -14.72
N HIS A 1135 -17.43 13.12 -14.79
CA HIS A 1135 -17.97 12.43 -13.62
C HIS A 1135 -16.91 12.29 -12.53
N ASP A 1136 -15.69 11.93 -12.91
CA ASP A 1136 -14.65 11.74 -11.90
C ASP A 1136 -14.16 13.06 -11.34
N ILE A 1137 -14.12 14.12 -12.14
CA ILE A 1137 -13.77 15.41 -11.55
C ILE A 1137 -14.90 15.91 -10.66
N SER A 1138 -16.15 15.55 -10.99
CA SER A 1138 -17.24 15.87 -10.09
C SER A 1138 -17.10 15.14 -8.77
N VAL A 1139 -16.67 13.87 -8.82
CA VAL A 1139 -16.46 13.11 -7.59
C VAL A 1139 -15.30 13.68 -6.79
N ALA A 1140 -14.24 14.08 -7.47
CA ALA A 1140 -13.08 14.65 -6.78
C ALA A 1140 -13.41 16.01 -6.17
N LEU A 1141 -14.34 16.75 -6.78
CA LEU A 1141 -14.78 18.00 -6.18
C LEU A 1141 -15.71 17.74 -5.00
N ASN A 1142 -16.57 16.72 -5.12
CA ASN A 1142 -17.57 16.48 -4.09
C ASN A 1142 -17.01 15.81 -2.85
N THR A 1143 -16.00 14.96 -2.98
CA THR A 1143 -15.37 14.40 -1.78
C THR A 1143 -14.65 15.49 -0.99
N ARG A 1144 -14.10 16.48 -1.68
CA ARG A 1144 -13.49 17.60 -0.99
C ARG A 1144 -14.55 18.50 -0.36
N LYS A 1145 -15.64 18.74 -1.08
CA LYS A 1145 -16.76 19.46 -0.48
C LYS A 1145 -17.25 18.77 0.78
N LEU A 1146 -17.22 17.44 0.79
CA LEU A 1146 -17.71 16.69 1.95
C LEU A 1146 -16.73 16.78 3.11
N TRP A 1147 -15.44 16.63 2.83
CA TRP A 1147 -14.42 16.86 3.85
C TRP A 1147 -14.57 18.24 4.46
N SER A 1148 -14.84 19.26 3.63
CA SER A 1148 -14.99 20.61 4.15
C SER A 1148 -16.27 20.74 4.97
N MET A 1149 -17.36 20.10 4.53
CA MET A 1149 -18.59 20.14 5.29
C MET A 1149 -18.42 19.50 6.66
N HIS A 1150 -17.54 18.50 6.76
CA HIS A 1150 -17.34 17.85 8.05
C HIS A 1150 -16.28 18.57 8.88
N LEU A 1151 -15.42 19.38 8.24
CA LEU A 1151 -14.44 20.15 9.00
C LEU A 1151 -15.02 21.46 9.49
N HIS A 1152 -16.07 21.96 8.84
CA HIS A 1152 -16.61 23.24 9.26
C HIS A 1152 -17.41 23.12 10.55
N VAL A 1153 -17.58 21.91 11.08
CA VAL A 1153 -18.18 21.76 12.39
C VAL A 1153 -17.11 21.73 13.48
N GLN A 1154 -15.89 21.32 13.14
CA GLN A 1154 -14.74 21.42 14.02
C GLN A 1154 -13.92 22.68 13.73
N ALA A 1155 -14.48 23.59 12.94
CA ALA A 1155 -13.87 24.91 12.74
C ALA A 1155 -13.28 25.48 14.02
N LYS A 1156 -14.00 25.35 15.14
CA LYS A 1156 -13.50 25.92 16.39
C LYS A 1156 -12.23 25.24 16.89
N LEU A 1157 -11.91 24.05 16.41
CA LEU A 1157 -10.65 23.39 16.72
C LEU A 1157 -9.60 23.64 15.65
N LEU A 1158 -10.03 23.74 14.39
CA LEU A 1158 -9.11 24.11 13.32
C LEU A 1158 -8.50 25.48 13.56
N GLN A 1159 -9.33 26.42 14.02
CA GLN A 1159 -8.82 27.75 14.33
C GLN A 1159 -7.82 27.70 15.48
N GLU A 1160 -8.10 26.88 16.49
CA GLU A 1160 -7.15 26.78 17.61
C GLU A 1160 -5.86 26.11 17.19
N ILE A 1161 -5.93 25.18 16.22
CA ILE A 1161 -4.72 24.53 15.73
C ILE A 1161 -3.87 25.52 14.94
N VAL A 1162 -4.50 26.26 14.01
CA VAL A 1162 -3.75 27.23 13.21
C VAL A 1162 -3.51 28.53 13.96
N ARG A 1163 -3.98 28.65 15.19
CA ARG A 1163 -3.59 29.75 16.07
C ARG A 1163 -2.51 29.36 17.06
N SER A 1164 -2.41 28.07 17.39
CA SER A 1164 -1.45 27.60 18.38
C SER A 1164 -0.08 27.35 17.78
N PHE A 1165 -0.02 26.64 16.65
CA PHE A 1165 1.26 26.32 16.04
C PHE A 1165 1.75 27.41 15.09
N SER A 1166 0.87 28.29 14.65
CA SER A 1166 1.30 29.42 13.84
C SER A 1166 2.06 30.41 14.72
N GLY A 1167 3.38 30.44 14.55
CA GLY A 1167 4.21 31.22 15.44
C GLY A 1167 5.10 30.32 16.27
N THR A 1168 5.48 29.19 15.69
CA THR A 1168 6.41 28.28 16.33
C THR A 1168 7.72 28.26 15.56
N THR A 1169 8.76 27.74 16.21
CA THR A 1169 10.07 27.61 15.59
C THR A 1169 10.51 26.16 15.45
N CYS A 1170 9.72 25.21 15.93
CA CYS A 1170 9.96 23.80 15.67
C CYS A 1170 9.73 23.56 14.19
N GLN A 1171 10.80 23.32 13.44
CA GLN A 1171 10.69 23.17 11.99
C GLN A 1171 9.72 22.09 11.55
N PRO A 1172 9.68 20.90 12.16
CA PRO A 1172 8.70 19.90 11.69
C PRO A 1172 7.26 20.33 11.91
N ILE A 1173 6.94 20.85 13.09
CA ILE A 1173 5.58 21.30 13.34
C ILE A 1173 5.23 22.49 12.45
N GLN A 1174 6.19 23.39 12.24
CA GLN A 1174 5.94 24.52 11.36
C GLN A 1174 5.63 24.05 9.94
N HIS A 1175 6.42 23.12 9.42
CA HIS A 1175 6.21 22.64 8.06
C HIS A 1175 4.91 21.86 7.95
N MET A 1176 4.57 21.07 8.98
CA MET A 1176 3.34 20.29 8.90
C MET A 1176 2.11 21.18 9.01
N LEU A 1177 2.17 22.22 9.83
CA LEU A 1177 1.08 23.20 9.83
C LEU A 1177 1.00 23.90 8.49
N ARG A 1178 2.14 24.22 7.90
CA ARG A 1178 2.16 24.90 6.60
C ARG A 1178 1.62 24.00 5.50
N ARG A 1179 1.71 22.69 5.69
CA ARG A 1179 1.14 21.73 4.74
C ARG A 1179 -0.36 21.55 4.94
N ILE A 1180 -0.78 21.38 6.19
CA ILE A 1180 -2.20 21.23 6.50
C ILE A 1180 -2.97 22.45 6.04
N CYS A 1181 -2.45 23.64 6.33
CA CYS A 1181 -3.13 24.86 5.90
C CYS A 1181 -3.20 25.02 4.40
N VAL A 1182 -2.65 24.07 3.63
CA VAL A 1182 -2.83 24.08 2.18
C VAL A 1182 -3.77 22.94 1.80
N GLN A 1183 -3.54 21.77 2.38
CA GLN A 1183 -4.46 20.65 2.16
C GLN A 1183 -5.85 20.98 2.64
N LEU A 1184 -5.95 21.61 3.81
CA LEU A 1184 -7.22 21.90 4.45
C LEU A 1184 -7.83 23.21 3.97
N CYS A 1185 -7.07 24.03 3.26
CA CYS A 1185 -7.58 25.26 2.66
C CYS A 1185 -8.03 25.08 1.22
N ASP A 1186 -7.78 23.91 0.62
CA ASP A 1186 -8.16 23.67 -0.76
C ASP A 1186 -9.35 22.72 -0.86
N LEU A 1187 -9.99 22.39 0.26
CA LEU A 1187 -11.13 21.49 0.23
C LEU A 1187 -12.31 22.22 -0.39
N ALA A 1188 -12.71 23.35 0.19
CA ALA A 1188 -13.79 24.15 -0.36
C ALA A 1188 -13.67 25.57 0.16
N SER A 1189 -14.58 26.42 -0.31
CA SER A 1189 -14.60 27.82 0.10
C SER A 1189 -14.76 28.01 1.60
N PRO A 1190 -15.68 27.33 2.29
CA PRO A 1190 -15.84 27.59 3.74
C PRO A 1190 -14.55 27.39 4.53
N THR A 1191 -13.90 26.23 4.37
CA THR A 1191 -12.68 25.97 5.13
C THR A 1191 -11.51 26.81 4.65
N ALA A 1192 -11.47 27.16 3.36
CA ALA A 1192 -10.45 28.08 2.88
C ALA A 1192 -10.55 29.43 3.56
N LEU A 1193 -11.74 30.02 3.54
CA LEU A 1193 -11.94 31.29 4.21
C LEU A 1193 -11.73 31.16 5.70
N LEU A 1194 -12.05 30.00 6.28
CA LEU A 1194 -11.80 29.80 7.70
C LEU A 1194 -10.32 29.91 8.03
N ILE A 1195 -9.49 29.13 7.33
CA ILE A 1195 -8.05 29.14 7.58
C ILE A 1195 -7.47 30.52 7.32
N MET A 1196 -7.90 31.17 6.24
CA MET A 1196 -7.28 32.44 5.89
C MET A 1196 -7.75 33.56 6.81
N ARG A 1197 -9.02 33.56 7.21
CA ARG A 1197 -9.46 34.50 8.23
C ARG A 1197 -8.69 34.30 9.51
N THR A 1198 -8.38 33.04 9.86
CA THR A 1198 -7.66 32.83 11.11
C THR A 1198 -6.24 33.38 11.02
N VAL A 1199 -5.55 33.10 9.90
CA VAL A 1199 -4.18 33.59 9.75
C VAL A 1199 -4.15 35.11 9.70
N LEU A 1200 -5.14 35.72 9.01
CA LEU A 1200 -5.15 37.16 8.90
C LEU A 1200 -5.54 37.83 10.22
N ASP A 1201 -6.48 37.25 10.96
CA ASP A 1201 -6.79 37.76 12.28
C ASP A 1201 -5.59 37.63 13.20
N LEU A 1202 -4.81 36.55 13.02
CA LEU A 1202 -3.64 36.37 13.86
C LEU A 1202 -2.59 37.44 13.57
N ILE A 1203 -2.36 37.74 12.30
CA ILE A 1203 -1.37 38.78 11.99
C ILE A 1203 -1.90 40.17 12.34
N VAL A 1204 -3.21 40.40 12.25
CA VAL A 1204 -3.72 41.74 12.57
C VAL A 1204 -3.78 41.95 14.07
N GLU A 1205 -3.93 40.88 14.86
CA GLU A 1205 -3.85 41.03 16.31
C GLU A 1205 -2.41 41.00 16.80
N ASP A 1206 -1.48 40.49 15.99
CA ASP A 1206 -0.07 40.61 16.34
C ASP A 1206 0.45 42.01 16.03
N LEU A 1207 -0.03 42.64 14.96
CA LEU A 1207 0.38 44.01 14.68
C LEU A 1207 -0.33 45.00 15.59
N GLN A 1208 -1.59 44.73 15.91
CA GLN A 1208 -2.24 45.46 16.99
C GLN A 1208 -1.82 44.86 18.32
N SER A 1209 -2.46 45.33 19.40
CA SER A 1209 -2.28 44.79 20.75
C SER A 1209 -0.89 45.08 21.30
N THR A 1210 -0.06 45.71 20.47
CA THR A 1210 1.30 46.06 20.87
C THR A 1210 1.63 47.46 20.37
N SER A 1211 0.82 47.97 19.44
CA SER A 1211 1.08 49.27 18.83
C SER A 1211 -0.21 50.08 18.83
N GLU A 1212 -0.09 51.33 19.30
CA GLU A 1212 -1.18 52.30 19.22
C GLU A 1212 -0.57 53.68 19.37
N ASP A 1213 -1.24 54.67 18.76
CA ASP A 1213 -0.78 56.06 18.76
C ASP A 1213 0.58 56.21 18.09
N LYS A 1214 0.96 55.21 17.30
CA LYS A 1214 2.28 55.17 16.68
C LYS A 1214 2.29 54.03 15.67
N GLU A 1215 3.45 53.83 15.04
CA GLU A 1215 3.61 52.81 14.02
C GLU A 1215 3.46 51.41 14.60
N LYS A 1216 3.27 50.43 13.72
CA LYS A 1216 3.17 49.05 14.15
C LYS A 1216 4.53 48.50 14.56
N GLN A 1217 4.56 47.77 15.66
CA GLN A 1217 5.78 47.11 16.10
C GLN A 1217 5.89 45.73 15.50
N TYR A 1218 6.98 45.49 14.79
CA TYR A 1218 7.22 44.23 14.10
C TYR A 1218 8.29 43.44 14.86
N THR A 1219 7.90 42.31 15.42
CA THR A 1219 8.83 41.45 16.14
C THR A 1219 9.06 40.19 15.32
N SER A 1220 9.84 39.26 15.87
CA SER A 1220 10.10 38.01 15.16
C SER A 1220 8.87 37.13 15.13
N GLN A 1221 7.95 37.30 16.08
CA GLN A 1221 6.66 36.62 15.99
C GLN A 1221 5.91 37.08 14.75
N THR A 1222 5.94 38.39 14.49
CA THR A 1222 5.37 38.90 13.25
C THR A 1222 6.09 38.32 12.04
N THR A 1223 7.40 38.11 12.15
CA THR A 1223 8.15 37.55 11.03
C THR A 1223 7.69 36.14 10.73
N ARG A 1224 7.56 35.30 11.75
CA ARG A 1224 7.09 33.93 11.52
C ARG A 1224 5.64 33.92 11.03
N LEU A 1225 4.81 34.82 11.55
CA LEU A 1225 3.43 34.88 11.12
C LEU A 1225 3.34 35.26 9.65
N LEU A 1226 4.14 36.23 9.23
CA LEU A 1226 4.16 36.64 7.84
C LEU A 1226 4.78 35.57 6.96
N ALA A 1227 5.72 34.78 7.50
CA ALA A 1227 6.27 33.67 6.72
C ALA A 1227 5.20 32.61 6.48
N LEU A 1228 4.37 32.33 7.47
CA LEU A 1228 3.25 31.42 7.26
C LEU A 1228 2.29 31.97 6.21
N LEU A 1229 1.89 33.24 6.37
CA LEU A 1229 0.97 33.83 5.40
C LEU A 1229 1.57 33.83 3.99
N ASP A 1230 2.89 34.04 3.88
CA ASP A 1230 3.57 34.00 2.60
C ASP A 1230 3.49 32.61 1.99
N ALA A 1231 4.05 31.61 2.68
CA ALA A 1231 4.06 30.27 2.14
C ALA A 1231 2.67 29.69 1.96
N LEU A 1232 1.64 30.31 2.53
CA LEU A 1232 0.27 29.93 2.18
C LEU A 1232 -0.20 30.65 0.92
N ALA A 1233 0.12 31.94 0.79
CA ALA A 1233 -0.39 32.74 -0.31
C ALA A 1233 0.09 32.26 -1.66
N SER A 1234 1.13 31.43 -1.71
CA SER A 1234 1.64 30.93 -2.97
C SER A 1234 0.87 29.72 -3.48
N HIS A 1235 -0.31 29.46 -2.97
CA HIS A 1235 -1.15 28.36 -3.41
C HIS A 1235 -2.47 28.89 -3.96
N LYS A 1236 -3.11 28.07 -4.79
CA LYS A 1236 -4.29 28.53 -5.52
C LYS A 1236 -5.43 28.90 -4.58
N ALA A 1237 -5.85 27.96 -3.74
CA ALA A 1237 -7.00 28.20 -2.88
C ALA A 1237 -6.71 29.26 -1.83
N CYS A 1238 -5.53 29.22 -1.23
CA CYS A 1238 -5.20 30.15 -0.16
C CYS A 1238 -5.11 31.58 -0.69
N LYS A 1239 -4.57 31.75 -1.90
CA LYS A 1239 -4.42 33.10 -2.45
C LYS A 1239 -5.78 33.72 -2.75
N LEU A 1240 -6.69 32.93 -3.28
CA LEU A 1240 -8.03 33.46 -3.53
C LEU A 1240 -8.80 33.69 -2.24
N ALA A 1241 -8.55 32.87 -1.22
CA ALA A 1241 -9.15 33.15 0.08
C ALA A 1241 -8.63 34.45 0.67
N ILE A 1242 -7.39 34.81 0.35
CA ILE A 1242 -6.89 36.11 0.77
C ILE A 1242 -7.54 37.22 -0.06
N LEU A 1243 -7.61 37.03 -1.37
CA LEU A 1243 -8.20 38.04 -2.25
C LEU A 1243 -9.64 38.34 -1.87
N HIS A 1244 -10.41 37.34 -1.50
CA HIS A 1244 -11.81 37.58 -1.16
C HIS A 1244 -11.99 38.07 0.27
N LEU A 1245 -10.89 38.32 0.98
CA LEU A 1245 -10.91 39.01 2.26
C LEU A 1245 -10.38 40.42 2.19
N ILE A 1246 -9.36 40.66 1.35
CA ILE A 1246 -8.79 41.99 1.23
C ILE A 1246 -9.68 42.89 0.38
N ASN A 1247 -10.49 42.31 -0.50
CA ASN A 1247 -11.21 43.11 -1.51
C ASN A 1247 -12.04 44.22 -0.88
N GLY A 1248 -12.62 43.97 0.29
CA GLY A 1248 -13.35 45.01 0.99
C GLY A 1248 -14.85 44.84 1.03
N THR A 1249 -15.39 43.77 0.45
CA THR A 1249 -16.81 43.44 0.60
C THR A 1249 -17.01 42.91 2.01
N ILE A 1250 -17.39 43.80 2.92
CA ILE A 1250 -17.28 43.52 4.35
C ILE A 1250 -18.30 42.47 4.77
N LYS A 1251 -17.81 41.32 5.22
CA LYS A 1251 -18.57 40.41 6.05
C LYS A 1251 -18.02 40.38 7.46
N GLY A 1252 -17.53 41.50 7.97
CA GLY A 1252 -16.60 41.52 9.08
C GLY A 1252 -15.15 41.52 8.64
N ASP A 1253 -14.87 41.87 7.39
CA ASP A 1253 -13.56 41.72 6.79
C ASP A 1253 -12.84 43.05 6.56
N GLU A 1254 -13.21 44.11 7.27
CA GLU A 1254 -12.54 45.39 7.07
C GLU A 1254 -11.13 45.37 7.63
N ARG A 1255 -10.92 44.66 8.73
CA ARG A 1255 -9.60 44.62 9.36
C ARG A 1255 -8.58 43.92 8.47
N TYR A 1256 -9.02 43.01 7.61
CA TYR A 1256 -8.08 42.35 6.71
C TYR A 1256 -7.56 43.31 5.65
N ALA A 1257 -8.46 44.09 5.03
CA ALA A 1257 -8.01 45.11 4.11
C ALA A 1257 -7.12 46.13 4.81
N GLU A 1258 -7.46 46.51 6.04
CA GLU A 1258 -6.64 47.46 6.78
C GLU A 1258 -5.24 46.89 7.06
N ILE A 1259 -5.16 45.61 7.43
CA ILE A 1259 -3.86 45.04 7.75
C ILE A 1259 -3.05 44.82 6.48
N PHE A 1260 -3.71 44.60 5.35
CA PHE A 1260 -2.96 44.53 4.10
C PHE A 1260 -2.40 45.89 3.72
N GLN A 1261 -3.20 46.95 3.90
CA GLN A 1261 -2.66 48.29 3.70
C GLN A 1261 -1.51 48.58 4.64
N ASP A 1262 -1.57 48.05 5.86
CA ASP A 1262 -0.47 48.25 6.80
C ASP A 1262 0.78 47.50 6.37
N LEU A 1263 0.62 46.30 5.81
CA LEU A 1263 1.77 45.56 5.29
C LEU A 1263 2.37 46.29 4.09
N LEU A 1264 1.52 46.86 3.24
CA LEU A 1264 2.02 47.66 2.12
C LEU A 1264 2.78 48.89 2.62
N ALA A 1265 2.27 49.53 3.67
CA ALA A 1265 2.99 50.65 4.28
C ALA A 1265 4.33 50.21 4.84
N LEU A 1266 4.37 49.01 5.42
CA LEU A 1266 5.64 48.45 5.89
C LEU A 1266 6.63 48.31 4.75
N VAL A 1267 6.19 47.75 3.63
CA VAL A 1267 7.13 47.49 2.54
C VAL A 1267 7.57 48.79 1.86
N ARG A 1268 6.65 49.73 1.64
CA ARG A 1268 7.02 50.99 1.02
C ARG A 1268 7.76 51.92 1.97
N SER A 1269 7.98 51.51 3.22
CA SER A 1269 8.74 52.28 4.18
C SER A 1269 9.41 51.31 5.15
N PRO A 1270 10.39 50.55 4.69
CA PRO A 1270 10.95 49.48 5.53
C PRO A 1270 11.77 50.02 6.69
N GLY A 1271 12.22 51.26 6.60
CA GLY A 1271 13.22 51.67 7.56
C GLY A 1271 14.49 50.87 7.35
N ASP A 1272 15.20 50.58 8.44
CA ASP A 1272 16.35 49.69 8.39
C ASP A 1272 16.44 48.94 9.71
N SER A 1273 16.08 47.66 9.68
CA SER A 1273 16.26 46.77 10.83
C SER A 1273 16.74 45.42 10.33
N VAL A 1274 16.67 44.40 11.18
CA VAL A 1274 16.95 43.05 10.73
C VAL A 1274 15.64 42.26 10.79
N ILE A 1275 14.68 42.81 11.53
CA ILE A 1275 13.35 42.20 11.58
C ILE A 1275 12.46 42.74 10.47
N ARG A 1276 12.36 44.07 10.35
CA ARG A 1276 11.59 44.64 9.26
C ARG A 1276 12.20 44.29 7.91
N GLN A 1277 13.53 44.24 7.83
CA GLN A 1277 14.16 43.79 6.60
C GLN A 1277 13.96 42.30 6.35
N GLN A 1278 13.44 41.58 7.35
CA GLN A 1278 13.03 40.20 7.17
C GLN A 1278 11.55 40.07 6.85
N CYS A 1279 10.72 41.02 7.32
CA CYS A 1279 9.30 40.99 7.03
C CYS A 1279 8.96 41.57 5.67
N VAL A 1280 9.75 42.53 5.17
CA VAL A 1280 9.44 43.12 3.87
C VAL A 1280 9.64 42.09 2.77
N GLU A 1281 10.61 41.19 2.91
CA GLU A 1281 10.76 40.16 1.89
C GLU A 1281 9.59 39.19 1.90
N TYR A 1282 9.02 38.91 3.08
CA TYR A 1282 7.87 38.03 3.14
C TYR A 1282 6.64 38.71 2.54
N VAL A 1283 6.46 40.00 2.82
CA VAL A 1283 5.29 40.68 2.27
C VAL A 1283 5.45 40.88 0.76
N THR A 1284 6.69 41.02 0.28
CA THR A 1284 6.87 41.11 -1.17
C THR A 1284 6.66 39.76 -1.84
N SER A 1285 7.03 38.66 -1.18
CA SER A 1285 6.66 37.35 -1.72
C SER A 1285 5.15 37.17 -1.73
N ILE A 1286 4.46 37.67 -0.70
CA ILE A 1286 3.00 37.69 -0.72
C ILE A 1286 2.49 38.45 -1.93
N LEU A 1287 2.98 39.68 -2.12
CA LEU A 1287 2.57 40.50 -3.25
C LEU A 1287 2.82 39.78 -4.58
N GLN A 1288 3.93 39.05 -4.68
CA GLN A 1288 4.23 38.33 -5.91
C GLN A 1288 3.23 37.20 -6.13
N SER A 1289 2.88 36.47 -5.06
CA SER A 1289 1.90 35.41 -5.20
C SER A 1289 0.51 35.95 -5.47
N LEU A 1290 0.24 37.20 -5.07
CA LEU A 1290 -1.08 37.79 -5.33
C LEU A 1290 -1.19 38.27 -6.76
N CYS A 1291 -0.11 38.83 -7.31
CA CYS A 1291 -0.10 39.34 -8.67
C CYS A 1291 0.28 38.29 -9.70
N ASP A 1292 0.25 37.02 -9.34
CA ASP A 1292 0.57 35.93 -10.25
C ASP A 1292 -0.73 35.29 -10.74
N GLN A 1293 -0.97 35.35 -12.04
CA GLN A 1293 -2.17 34.76 -12.62
C GLN A 1293 -2.02 33.28 -12.88
N ASP A 1294 -0.80 32.75 -12.90
CA ASP A 1294 -0.60 31.31 -12.95
C ASP A 1294 -0.93 30.64 -11.64
N ILE A 1295 -1.39 31.39 -10.65
CA ILE A 1295 -1.86 30.88 -9.38
C ILE A 1295 -3.32 31.25 -9.25
N ALA A 1296 -4.20 30.32 -9.60
CA ALA A 1296 -5.64 30.58 -9.47
C ALA A 1296 -6.41 29.27 -9.46
N LEU A 1297 -7.68 29.33 -9.07
CA LEU A 1297 -8.53 28.14 -9.16
C LEU A 1297 -8.90 27.86 -10.61
N ILE A 1298 -9.21 28.91 -11.37
CA ILE A 1298 -9.40 28.80 -12.81
C ILE A 1298 -8.07 29.12 -13.48
N LEU A 1299 -7.28 28.09 -13.73
CA LEU A 1299 -5.97 28.28 -14.33
C LEU A 1299 -6.09 28.84 -15.73
N PRO A 1300 -5.12 29.65 -16.15
CA PRO A 1300 -5.19 30.26 -17.47
C PRO A 1300 -4.96 29.24 -18.58
N SER A 1301 -5.71 29.40 -19.66
CA SER A 1301 -5.59 28.51 -20.80
C SER A 1301 -6.14 29.21 -22.03
N SER A 1302 -5.31 29.27 -23.08
CA SER A 1302 -5.72 29.84 -24.35
C SER A 1302 -6.46 28.83 -25.23
N SER A 1303 -6.90 27.71 -24.65
CA SER A 1303 -7.67 26.70 -25.36
C SER A 1303 -9.13 27.14 -25.38
N GLU A 1304 -9.76 27.05 -26.54
CA GLU A 1304 -11.11 27.56 -26.74
C GLU A 1304 -12.12 26.67 -26.03
N GLY A 1305 -13.30 27.22 -25.80
CA GLY A 1305 -14.28 26.62 -24.94
C GLY A 1305 -13.98 26.73 -23.47
N SER A 1306 -13.17 27.72 -23.07
CA SER A 1306 -12.77 27.90 -21.69
C SER A 1306 -13.06 29.34 -21.31
N ILE A 1307 -12.64 29.73 -20.11
CA ILE A 1307 -12.87 31.09 -19.63
C ILE A 1307 -12.02 32.05 -20.46
N SER A 1308 -12.57 33.23 -20.74
CA SER A 1308 -11.84 34.22 -21.51
C SER A 1308 -10.68 34.79 -20.70
N GLU A 1309 -9.62 35.19 -21.41
CA GLU A 1309 -8.40 35.62 -20.75
C GLU A 1309 -8.64 36.77 -19.78
N LEU A 1310 -9.37 37.81 -20.20
CA LEU A 1310 -9.58 38.97 -19.33
C LEU A 1310 -10.48 38.62 -18.15
N GLU A 1311 -11.31 37.59 -18.28
CA GLU A 1311 -12.16 37.14 -17.19
C GLU A 1311 -11.50 36.06 -16.35
N GLN A 1312 -10.28 35.66 -16.68
CA GLN A 1312 -9.48 34.80 -15.82
C GLN A 1312 -8.59 35.60 -14.89
N LEU A 1313 -8.39 36.89 -15.17
CA LEU A 1313 -7.63 37.76 -14.29
C LEU A 1313 -8.52 38.47 -13.28
N SER A 1314 -9.79 38.70 -13.61
CA SER A 1314 -10.71 39.28 -12.63
C SER A 1314 -10.90 38.39 -11.42
N ASN A 1315 -10.62 37.09 -11.58
CA ASN A 1315 -10.74 36.13 -10.49
C ASN A 1315 -9.40 35.66 -9.98
N SER A 1316 -8.31 36.31 -10.40
CA SER A 1316 -6.99 35.85 -9.96
C SER A 1316 -6.04 36.99 -9.56
N LEU A 1317 -6.47 38.25 -9.66
CA LEU A 1317 -5.59 39.37 -9.34
C LEU A 1317 -6.35 40.29 -8.40
N PRO A 1318 -5.64 41.18 -7.71
CA PRO A 1318 -6.32 42.18 -6.89
C PRO A 1318 -7.25 43.05 -7.73
N ASN A 1319 -8.22 43.65 -7.06
CA ASN A 1319 -9.13 44.55 -7.75
C ASN A 1319 -8.45 45.89 -8.00
N LYS A 1320 -9.23 46.87 -8.46
CA LYS A 1320 -8.65 48.15 -8.89
C LYS A 1320 -7.90 48.83 -7.76
N GLU A 1321 -8.59 49.13 -6.66
CA GLU A 1321 -7.98 49.94 -5.60
C GLU A 1321 -6.89 49.18 -4.85
N LEU A 1322 -6.87 47.84 -4.96
CA LEU A 1322 -5.79 47.09 -4.35
C LEU A 1322 -4.59 46.96 -5.27
N MET A 1323 -4.84 46.77 -6.57
CA MET A 1323 -3.74 46.70 -7.52
C MET A 1323 -3.03 48.03 -7.64
N THR A 1324 -3.77 49.14 -7.52
CA THR A 1324 -3.13 50.45 -7.50
C THR A 1324 -2.12 50.54 -6.37
N SER A 1325 -2.54 50.18 -5.15
CA SER A 1325 -1.64 50.25 -4.00
C SER A 1325 -0.48 49.27 -4.13
N ILE A 1326 -0.74 48.08 -4.68
CA ILE A 1326 0.33 47.10 -4.82
C ILE A 1326 1.37 47.59 -5.81
N CYS A 1327 0.95 48.21 -6.91
CA CYS A 1327 1.90 48.76 -7.86
C CYS A 1327 2.67 49.94 -7.26
N ASP A 1328 1.96 50.81 -6.56
CA ASP A 1328 2.61 51.89 -5.82
C ASP A 1328 3.69 51.35 -4.91
N CYS A 1329 3.40 50.27 -4.19
CA CYS A 1329 4.36 49.70 -3.25
C CYS A 1329 5.53 49.05 -3.97
N LEU A 1330 5.26 48.33 -5.06
CA LEU A 1330 6.33 47.69 -5.81
C LEU A 1330 7.25 48.71 -6.46
N LEU A 1331 6.75 49.92 -6.71
CA LEU A 1331 7.62 50.97 -7.22
C LEU A 1331 8.38 51.67 -6.09
N ALA A 1332 7.70 51.96 -4.99
CA ALA A 1332 8.35 52.64 -3.88
C ALA A 1332 9.44 51.78 -3.25
N THR A 1333 9.31 50.45 -3.36
CA THR A 1333 10.36 49.58 -2.84
C THR A 1333 11.56 49.49 -3.78
N LEU A 1334 11.39 49.87 -5.05
CA LEU A 1334 12.54 50.01 -5.93
C LEU A 1334 13.21 51.36 -5.74
N ALA A 1335 12.40 52.42 -5.60
CA ALA A 1335 12.95 53.75 -5.35
C ALA A 1335 13.79 53.75 -4.08
N ASN A 1336 13.21 53.31 -2.96
CA ASN A 1336 13.94 53.24 -1.71
C ASN A 1336 15.09 52.24 -1.82
N SER A 1337 16.32 52.75 -1.74
CA SER A 1337 17.51 51.92 -1.90
C SER A 1337 17.90 51.23 -0.59
N GLU A 1338 17.10 51.38 0.46
CA GLU A 1338 17.29 50.66 1.71
C GLU A 1338 16.84 49.21 1.61
N SER A 1339 16.14 48.86 0.53
CA SER A 1339 15.62 47.51 0.37
C SER A 1339 16.77 46.51 0.21
N SER A 1340 16.45 45.24 0.45
CA SER A 1340 17.42 44.17 0.34
C SER A 1340 17.61 43.77 -1.12
N TYR A 1341 18.34 42.67 -1.31
CA TYR A 1341 18.56 42.16 -2.67
C TYR A 1341 17.43 41.23 -3.10
N ASN A 1342 17.10 40.25 -2.26
CA ASN A 1342 15.99 39.37 -2.55
C ASN A 1342 14.67 40.13 -2.68
N CYS A 1343 14.50 41.19 -1.88
CA CYS A 1343 13.32 42.03 -2.01
C CYS A 1343 13.22 42.61 -3.40
N LEU A 1344 14.31 43.20 -3.90
CA LEU A 1344 14.28 43.80 -5.23
C LEU A 1344 14.07 42.73 -6.30
N LEU A 1345 14.65 41.55 -6.10
CA LEU A 1345 14.47 40.45 -7.05
C LEU A 1345 12.99 40.07 -7.15
N THR A 1346 12.34 39.83 -6.01
CA THR A 1346 10.94 39.44 -6.05
C THR A 1346 10.04 40.58 -6.51
N CYS A 1347 10.45 41.83 -6.30
CA CYS A 1347 9.63 42.94 -6.76
C CYS A 1347 9.71 43.10 -8.27
N VAL A 1348 10.90 42.91 -8.85
CA VAL A 1348 10.97 42.98 -10.31
C VAL A 1348 10.32 41.74 -10.92
N ARG A 1349 10.32 40.61 -10.20
CA ARG A 1349 9.56 39.46 -10.68
C ARG A 1349 8.06 39.74 -10.67
N THR A 1350 7.57 40.39 -9.61
CA THR A 1350 6.16 40.78 -9.57
C THR A 1350 5.84 41.77 -10.69
N MET A 1351 6.77 42.67 -10.99
CA MET A 1351 6.56 43.61 -12.08
C MET A 1351 6.52 42.88 -13.42
N MET A 1352 7.38 41.87 -13.60
CA MET A 1352 7.34 41.07 -14.82
C MET A 1352 6.01 40.33 -14.94
N PHE A 1353 5.49 39.83 -13.82
CA PHE A 1353 4.17 39.21 -13.82
C PHE A 1353 3.10 40.22 -14.27
N LEU A 1354 3.08 41.39 -13.63
CA LEU A 1354 2.08 42.39 -13.95
C LEU A 1354 2.22 42.92 -15.37
N ALA A 1355 3.40 42.79 -15.97
CA ALA A 1355 3.65 43.28 -17.32
C ALA A 1355 3.28 42.28 -18.39
N GLU A 1356 2.34 41.38 -18.12
CA GLU A 1356 1.90 40.39 -19.09
C GLU A 1356 0.49 40.63 -19.59
N HIS A 1357 -0.20 41.66 -19.11
CA HIS A 1357 -1.57 41.93 -19.53
C HIS A 1357 -1.85 43.41 -19.35
N ASP A 1358 -2.89 43.88 -20.05
CA ASP A 1358 -3.17 45.32 -20.07
C ASP A 1358 -3.63 45.82 -18.71
N TYR A 1359 -4.16 44.95 -17.86
CA TYR A 1359 -4.58 45.34 -16.52
C TYR A 1359 -3.37 45.67 -15.66
N GLY A 1360 -2.51 44.67 -15.47
CA GLY A 1360 -1.31 44.87 -14.69
C GLY A 1360 -0.39 45.92 -15.26
N LEU A 1361 -0.25 45.95 -16.59
CA LEU A 1361 0.65 46.93 -17.20
C LEU A 1361 0.05 48.34 -17.14
N PHE A 1362 -1.27 48.45 -17.31
CA PHE A 1362 -1.91 49.74 -17.14
C PHE A 1362 -1.68 50.29 -15.74
N HIS A 1363 -1.85 49.45 -14.73
CA HIS A 1363 -1.62 49.92 -13.37
C HIS A 1363 -0.16 50.21 -13.10
N LEU A 1364 0.75 49.41 -13.66
CA LEU A 1364 2.17 49.66 -13.51
C LEU A 1364 2.55 51.01 -14.10
N LYS A 1365 2.04 51.32 -15.30
CA LYS A 1365 2.33 52.61 -15.92
C LYS A 1365 1.70 53.74 -15.12
N SER A 1366 0.41 53.63 -14.82
CA SER A 1366 -0.27 54.69 -14.06
C SER A 1366 0.42 54.96 -12.72
N SER A 1367 1.01 53.94 -12.11
CA SER A 1367 1.79 54.15 -10.90
C SER A 1367 3.15 54.76 -11.21
N LEU A 1368 3.74 54.41 -12.36
CA LEU A 1368 4.98 55.05 -12.80
C LEU A 1368 4.78 56.53 -13.08
N ARG A 1369 3.55 56.97 -13.30
CA ARG A 1369 3.26 58.38 -13.49
C ARG A 1369 3.35 59.20 -12.21
N LYS A 1370 3.33 58.54 -11.06
CA LYS A 1370 3.52 59.20 -9.78
C LYS A 1370 4.98 59.09 -9.37
N ASN A 1371 5.46 57.85 -9.24
CA ASN A 1371 6.87 57.59 -8.98
C ASN A 1371 7.58 57.37 -10.31
N SER A 1372 8.16 58.42 -10.86
CA SER A 1372 8.79 58.36 -12.18
C SER A 1372 10.25 57.99 -12.12
N SER A 1373 10.88 58.05 -10.94
CA SER A 1373 12.27 57.67 -10.77
C SER A 1373 12.42 56.25 -10.23
N ALA A 1374 11.38 55.42 -10.35
CA ALA A 1374 11.44 54.08 -9.79
C ALA A 1374 12.45 53.21 -10.54
N LEU A 1375 12.22 53.00 -11.84
CA LEU A 1375 13.14 52.17 -12.62
C LEU A 1375 14.51 52.83 -12.75
N HIS A 1376 14.57 54.15 -12.78
CA HIS A 1376 15.86 54.84 -12.84
C HIS A 1376 16.68 54.55 -11.60
N SER A 1377 16.11 54.76 -10.41
CA SER A 1377 16.83 54.45 -9.18
C SER A 1377 17.13 52.97 -9.07
N LEU A 1378 16.24 52.12 -9.59
CA LEU A 1378 16.52 50.69 -9.60
C LEU A 1378 17.75 50.37 -10.44
N LEU A 1379 17.90 51.04 -11.60
CA LEU A 1379 19.08 50.81 -12.42
C LEU A 1379 20.34 51.37 -11.75
N LYS A 1380 20.22 52.51 -11.09
CA LYS A 1380 21.34 53.02 -10.30
C LYS A 1380 21.75 52.02 -9.23
N ARG A 1381 20.77 51.33 -8.64
CA ARG A 1381 21.06 50.28 -7.66
C ARG A 1381 21.74 49.09 -8.32
N VAL A 1382 21.27 48.70 -9.51
CA VAL A 1382 21.90 47.59 -10.23
C VAL A 1382 23.37 47.87 -10.49
N VAL A 1383 23.68 49.06 -10.97
CA VAL A 1383 25.06 49.37 -11.32
C VAL A 1383 25.89 49.63 -10.07
N SER A 1384 25.30 50.21 -9.02
CA SER A 1384 26.08 50.65 -7.87
C SER A 1384 26.69 49.47 -7.12
N THR A 1385 25.94 48.38 -6.98
CA THR A 1385 26.39 47.21 -6.22
C THR A 1385 26.36 45.95 -7.08
N PHE A 1386 26.79 46.07 -8.33
CA PHE A 1386 26.78 44.93 -9.23
C PHE A 1386 27.85 43.92 -8.83
N SER A 1387 27.52 42.64 -8.96
CA SER A 1387 28.50 41.58 -8.76
C SER A 1387 28.11 40.40 -9.64
N LYS A 1388 28.82 39.28 -9.51
CA LYS A 1388 28.56 38.11 -10.33
C LYS A 1388 27.42 37.27 -9.79
N ASP A 1389 27.08 37.40 -8.51
CA ASP A 1389 25.83 36.89 -7.96
C ASP A 1389 24.70 37.89 -8.09
N THR A 1390 25.00 39.19 -8.16
CA THR A 1390 23.97 40.19 -8.37
C THR A 1390 23.48 40.17 -9.82
N GLY A 1391 24.13 39.39 -10.67
CA GLY A 1391 23.75 39.36 -12.08
C GLY A 1391 22.34 38.89 -12.33
N GLU A 1392 21.78 38.08 -11.42
CA GLU A 1392 20.41 37.60 -11.60
C GLU A 1392 19.40 38.74 -11.56
N LEU A 1393 19.58 39.67 -10.61
CA LEU A 1393 18.70 40.83 -10.56
C LEU A 1393 18.79 41.64 -11.86
N ALA A 1394 20.01 41.82 -12.36
CA ALA A 1394 20.20 42.55 -13.61
C ALA A 1394 19.51 41.84 -14.77
N SER A 1395 19.63 40.52 -14.83
CA SER A 1395 18.99 39.73 -15.87
C SER A 1395 17.48 39.89 -15.81
N SER A 1396 16.91 39.78 -14.61
CA SER A 1396 15.46 39.93 -14.45
C SER A 1396 15.01 41.34 -14.82
N PHE A 1397 15.81 42.35 -14.47
CA PHE A 1397 15.44 43.72 -14.77
C PHE A 1397 15.48 43.97 -16.27
N LEU A 1398 16.48 43.42 -16.96
CA LEU A 1398 16.55 43.59 -18.40
C LEU A 1398 15.45 42.80 -19.11
N GLU A 1399 15.08 41.64 -18.54
CA GLU A 1399 13.91 40.92 -19.06
C GLU A 1399 12.65 41.75 -18.91
N PHE A 1400 12.46 42.37 -17.75
CA PHE A 1400 11.31 43.25 -17.55
C PHE A 1400 11.34 44.41 -18.54
N MET A 1401 12.53 44.95 -18.79
CA MET A 1401 12.67 46.04 -19.75
C MET A 1401 12.23 45.60 -21.14
N ARG A 1402 12.76 44.48 -21.62
CA ARG A 1402 12.34 43.95 -22.92
C ARG A 1402 10.84 43.66 -22.95
N GLN A 1403 10.29 43.19 -21.83
CA GLN A 1403 8.88 42.82 -21.78
C GLN A 1403 7.94 44.01 -21.96
N ILE A 1404 8.46 45.23 -21.92
CA ILE A 1404 7.67 46.41 -22.24
C ILE A 1404 7.95 46.93 -23.64
N LEU A 1405 8.99 46.43 -24.31
CA LEU A 1405 9.32 46.85 -25.67
C LEU A 1405 9.20 45.74 -26.69
N ASN A 1406 9.12 44.48 -26.26
CA ASN A 1406 8.96 43.38 -27.21
C ASN A 1406 7.66 43.48 -27.98
N SER A 1407 6.65 44.16 -27.41
CA SER A 1407 5.39 44.37 -28.09
C SER A 1407 5.42 45.52 -29.09
N ASP A 1408 6.27 46.52 -28.86
CA ASP A 1408 6.33 47.69 -29.73
C ASP A 1408 7.18 47.46 -30.98
N THR A 1409 7.62 46.23 -31.23
CA THR A 1409 8.42 45.94 -32.42
C THR A 1409 7.74 44.91 -33.30
N SER A 1428 -0.76 39.44 -26.86
CA SER A 1428 -0.87 39.53 -25.42
C SER A 1428 -1.37 40.90 -24.98
N ARG A 1429 -0.48 41.88 -24.97
CA ARG A 1429 -0.80 43.23 -24.54
C ARG A 1429 -1.04 44.13 -25.74
N THR A 1430 -1.95 45.09 -25.57
CA THR A 1430 -2.24 46.09 -26.59
C THR A 1430 -1.79 47.49 -26.20
N MET A 1431 -1.27 47.67 -25.00
CA MET A 1431 -0.87 48.97 -24.49
C MET A 1431 0.51 48.85 -23.84
N SER A 1432 1.51 49.47 -24.45
CA SER A 1432 2.85 49.50 -23.89
C SER A 1432 3.46 50.87 -24.14
N ILE A 1433 4.66 51.07 -23.60
CA ILE A 1433 5.39 52.31 -23.81
C ILE A 1433 6.45 52.08 -24.87
N ASN A 1434 6.75 53.12 -25.64
CA ASN A 1434 7.84 53.05 -26.59
C ASN A 1434 9.17 52.96 -25.86
N ALA A 1435 10.25 52.87 -26.63
CA ALA A 1435 11.57 53.04 -26.04
C ALA A 1435 11.78 54.48 -25.60
N ALA A 1436 11.08 55.42 -26.22
CA ALA A 1436 11.34 56.84 -25.97
C ALA A 1436 10.97 57.22 -24.54
N GLU A 1437 9.70 57.07 -24.16
CA GLU A 1437 9.31 57.42 -22.80
C GLU A 1437 9.89 56.44 -21.78
N LEU A 1438 10.24 55.23 -22.22
CA LEU A 1438 10.95 54.32 -21.33
C LEU A 1438 12.29 54.92 -20.90
N LYS A 1439 13.11 55.32 -21.87
CA LYS A 1439 14.36 55.97 -21.53
C LYS A 1439 14.15 57.31 -20.84
N GLN A 1440 13.05 58.00 -21.13
CA GLN A 1440 12.70 59.20 -20.37
C GLN A 1440 12.55 58.87 -18.89
N LEU A 1441 11.82 57.80 -18.58
CA LEU A 1441 11.75 57.33 -17.19
C LEU A 1441 13.13 56.98 -16.68
N LEU A 1442 13.97 56.37 -17.52
CA LEU A 1442 15.38 56.18 -17.19
C LEU A 1442 16.17 57.48 -17.23
N GLN A 1443 15.61 58.54 -17.82
CA GLN A 1443 16.28 59.83 -17.90
C GLN A 1443 15.97 60.66 -16.67
N SER A 1444 16.86 60.58 -15.67
CA SER A 1444 16.78 61.48 -14.52
C SER A 1444 18.18 61.98 -14.19
N LYS A 1445 19.20 61.32 -14.74
CA LYS A 1445 20.57 61.78 -14.66
C LYS A 1445 21.02 62.20 -16.05
N GLU A 1446 21.90 63.20 -16.11
CA GLU A 1446 22.41 63.67 -17.39
C GLU A 1446 23.54 62.76 -17.86
N GLU A 1447 23.61 61.55 -17.30
CA GLU A 1447 24.55 60.52 -17.72
C GLU A 1447 23.89 59.15 -17.76
N SER A 1448 22.56 59.08 -17.78
CA SER A 1448 21.87 57.80 -17.76
C SER A 1448 22.19 56.93 -18.98
N PRO A 1449 22.29 57.44 -20.20
CA PRO A 1449 22.88 56.62 -21.27
C PRO A 1449 24.26 56.12 -20.89
N GLU A 1450 25.07 56.97 -20.27
CA GLU A 1450 26.37 56.49 -19.81
C GLU A 1450 26.25 55.65 -18.55
N ASN A 1451 25.08 55.66 -17.89
CA ASN A 1451 24.83 54.67 -16.84
C ASN A 1451 24.65 53.28 -17.46
N LEU A 1452 23.86 53.21 -18.53
CA LEU A 1452 23.82 51.99 -19.33
C LEU A 1452 25.21 51.61 -19.84
N PHE A 1453 26.03 52.60 -20.21
CA PHE A 1453 27.40 52.31 -20.61
C PHE A 1453 28.22 51.76 -19.44
N LEU A 1454 28.00 52.28 -18.23
CA LEU A 1454 28.64 51.71 -17.05
C LEU A 1454 28.27 50.24 -16.90
N GLU A 1455 26.99 49.94 -17.01
CA GLU A 1455 26.53 48.56 -16.89
C GLU A 1455 27.20 47.70 -17.96
N LEU A 1456 27.30 48.22 -19.18
CA LEU A 1456 27.93 47.48 -20.26
C LEU A 1456 29.41 47.22 -19.99
N GLU A 1457 30.17 48.28 -19.70
CA GLU A 1457 31.60 48.14 -19.53
C GLU A 1457 31.94 47.24 -18.35
N LYS A 1458 31.17 47.32 -17.26
CA LYS A 1458 31.38 46.37 -16.18
C LYS A 1458 30.98 44.97 -16.60
N LEU A 1459 29.96 44.85 -17.46
CA LEU A 1459 29.45 43.54 -17.83
C LEU A 1459 30.48 42.75 -18.62
N VAL A 1460 31.15 43.39 -19.59
CA VAL A 1460 32.22 42.71 -20.30
C VAL A 1460 33.40 42.48 -19.37
N LEU A 1461 33.47 43.24 -18.28
CA LEU A 1461 34.54 43.15 -17.30
C LEU A 1461 34.24 42.16 -16.19
N GLU A 1462 33.18 41.35 -16.32
CA GLU A 1462 32.84 40.42 -15.24
C GLU A 1462 33.96 39.40 -15.02
N HIS A 1463 34.12 38.47 -15.95
CA HIS A 1463 35.35 37.67 -15.98
C HIS A 1463 35.93 37.58 -17.38
N SER A 1464 35.08 37.34 -18.36
CA SER A 1464 35.49 36.75 -19.63
C SER A 1464 36.23 35.43 -19.37
N LYS A 1465 35.93 34.81 -18.23
CA LYS A 1465 36.62 33.61 -17.77
C LYS A 1465 35.62 32.60 -17.22
N ASP A 1466 34.35 32.74 -17.59
CA ASP A 1466 33.28 32.16 -16.79
C ASP A 1466 32.15 31.71 -17.71
N ASP A 1467 30.98 31.52 -17.09
CA ASP A 1467 29.82 30.91 -17.72
C ASP A 1467 29.18 31.87 -18.72
N ASP A 1468 27.99 31.50 -19.21
CA ASP A 1468 27.19 32.18 -20.21
C ASP A 1468 26.44 33.38 -19.64
N ASN A 1469 26.80 33.85 -18.44
CA ASN A 1469 26.14 35.02 -17.86
C ASN A 1469 26.39 36.27 -18.69
N LEU A 1470 27.66 36.60 -18.92
CA LEU A 1470 27.99 37.91 -19.46
C LEU A 1470 27.53 38.06 -20.91
N ASP A 1471 27.66 36.99 -21.71
CA ASP A 1471 27.29 37.14 -23.11
C ASP A 1471 25.78 37.34 -23.28
N SER A 1472 24.96 36.56 -22.57
CA SER A 1472 23.52 36.77 -22.63
C SER A 1472 23.15 38.14 -22.09
N LEU A 1473 23.79 38.55 -20.98
CA LEU A 1473 23.46 39.84 -20.39
C LEU A 1473 23.81 41.02 -21.30
N LEU A 1474 24.96 40.99 -21.98
CA LEU A 1474 25.24 42.11 -22.88
C LEU A 1474 24.41 41.99 -24.15
N ASP A 1475 24.04 40.78 -24.57
CA ASP A 1475 23.03 40.68 -25.61
C ASP A 1475 21.81 41.50 -25.26
N SER A 1476 21.22 41.22 -24.09
CA SER A 1476 20.02 41.95 -23.66
C SER A 1476 20.28 43.45 -23.60
N VAL A 1477 21.39 43.87 -22.99
CA VAL A 1477 21.53 45.29 -22.73
C VAL A 1477 21.94 46.07 -23.99
N VAL A 1478 22.70 45.45 -24.91
CA VAL A 1478 22.96 46.13 -26.16
C VAL A 1478 21.70 46.20 -27.01
N GLY A 1479 20.83 45.20 -26.93
CA GLY A 1479 19.52 45.36 -27.54
C GLY A 1479 18.78 46.55 -26.97
N LEU A 1480 18.81 46.67 -25.64
CA LEU A 1480 18.13 47.78 -24.96
C LEU A 1480 18.71 49.12 -25.39
N LYS A 1481 20.03 49.22 -25.55
CA LYS A 1481 20.58 50.53 -25.90
C LYS A 1481 20.49 50.82 -27.39
N GLN A 1482 20.44 49.79 -28.24
CA GLN A 1482 20.05 50.05 -29.62
C GLN A 1482 18.62 50.57 -29.71
N MET A 1483 17.70 50.06 -28.88
CA MET A 1483 16.39 50.70 -28.79
C MET A 1483 16.48 52.10 -28.17
N LEU A 1484 17.44 52.31 -27.27
CA LEU A 1484 17.71 53.66 -26.76
C LEU A 1484 18.00 54.63 -27.89
N GLU A 1485 19.02 54.34 -28.70
CA GLU A 1485 19.36 55.25 -29.79
C GLU A 1485 18.29 55.30 -30.87
N SER A 1486 17.34 54.37 -30.87
CA SER A 1486 16.32 54.35 -31.90
C SER A 1486 15.41 55.57 -31.83
N SER A 1487 15.39 56.27 -30.71
CA SER A 1487 14.47 57.39 -30.55
C SER A 1487 15.06 58.43 -29.59
N GLY A 1488 14.54 59.65 -29.68
CA GLY A 1488 14.88 60.70 -28.74
C GLY A 1488 14.37 60.38 -27.35
N ASP A 1489 15.16 60.70 -26.32
CA ASP A 1489 14.82 60.26 -24.98
C ASP A 1489 13.66 61.02 -24.34
N PRO A 1490 13.64 62.38 -24.31
CA PRO A 1490 12.62 63.05 -23.48
C PRO A 1490 11.21 62.95 -24.06
N LEU A 1491 10.38 62.09 -23.46
CA LEU A 1491 9.00 61.89 -23.86
C LEU A 1491 8.14 61.60 -22.64
N PRO A 1492 7.20 62.48 -22.28
CA PRO A 1492 6.29 62.18 -21.16
C PRO A 1492 5.46 60.95 -21.44
N LEU A 1493 5.21 60.19 -20.38
CA LEU A 1493 4.46 58.94 -20.50
C LEU A 1493 3.01 59.23 -20.81
N SER A 1494 2.38 58.36 -21.60
CA SER A 1494 1.06 58.65 -22.13
C SER A 1494 0.01 58.76 -21.04
N ASP A 1495 -1.06 59.49 -21.33
CA ASP A 1495 -2.20 59.65 -20.44
C ASP A 1495 -3.54 59.44 -21.13
N GLN A 1496 -3.54 59.08 -22.41
CA GLN A 1496 -4.77 58.87 -23.17
C GLN A 1496 -5.22 57.41 -23.19
N ASP A 1497 -4.61 56.56 -22.37
CA ASP A 1497 -4.88 55.13 -22.43
C ASP A 1497 -6.07 54.77 -21.54
N VAL A 1498 -6.84 53.79 -21.98
CA VAL A 1498 -8.06 53.38 -21.29
C VAL A 1498 -7.75 52.18 -20.41
N GLU A 1499 -8.37 52.16 -19.23
CA GLU A 1499 -8.16 51.05 -18.32
C GLU A 1499 -8.99 49.85 -18.75
N PRO A 1500 -8.40 48.66 -18.76
CA PRO A 1500 -9.20 47.45 -19.03
C PRO A 1500 -9.94 47.04 -17.78
N VAL A 1501 -11.24 47.27 -17.74
CA VAL A 1501 -12.02 47.03 -16.53
C VAL A 1501 -12.21 45.54 -16.36
N LEU A 1502 -12.31 45.10 -15.10
CA LEU A 1502 -12.55 43.71 -14.79
C LEU A 1502 -13.95 43.52 -14.22
N SER A 1503 -14.57 42.40 -14.58
CA SER A 1503 -15.91 42.11 -14.11
C SER A 1503 -15.88 41.85 -12.60
N ALA A 1504 -17.07 41.77 -12.01
CA ALA A 1504 -17.18 41.49 -10.60
C ALA A 1504 -16.52 40.14 -10.29
N PRO A 1505 -15.64 40.07 -9.29
CA PRO A 1505 -15.01 38.78 -8.98
C PRO A 1505 -16.06 37.78 -8.50
N GLU A 1506 -16.05 36.60 -9.12
CA GLU A 1506 -17.02 35.58 -8.77
C GLU A 1506 -16.85 35.17 -7.31
N SER A 1507 -17.97 34.85 -6.66
CA SER A 1507 -17.93 34.41 -5.28
C SER A 1507 -17.00 33.21 -5.14
N LEU A 1508 -16.26 33.17 -4.04
CA LEU A 1508 -15.24 32.14 -3.85
C LEU A 1508 -15.85 30.74 -3.95
N GLN A 1509 -17.10 30.58 -3.53
CA GLN A 1509 -17.77 29.30 -3.68
C GLN A 1509 -17.90 28.91 -5.15
N ASN A 1510 -18.17 29.88 -6.02
CA ASN A 1510 -18.31 29.57 -7.44
C ASN A 1510 -16.97 29.22 -8.06
N LEU A 1511 -15.90 29.92 -7.66
CA LEU A 1511 -14.57 29.57 -8.15
C LEU A 1511 -14.18 28.17 -7.69
N PHE A 1512 -14.52 27.81 -6.45
CA PHE A 1512 -14.24 26.46 -5.98
C PHE A 1512 -15.13 25.44 -6.68
N ASN A 1513 -16.28 25.90 -7.21
CA ASN A 1513 -17.15 25.00 -7.95
C ASN A 1513 -16.62 24.74 -9.34
N ASN A 1514 -16.25 25.79 -10.07
CA ASN A 1514 -15.78 25.68 -11.44
C ASN A 1514 -14.26 25.55 -11.53
N ARG A 1515 -13.58 25.24 -10.43
CA ARG A 1515 -12.13 25.23 -10.38
C ARG A 1515 -11.54 24.23 -11.37
N THR A 1516 -10.31 24.49 -11.82
CA THR A 1516 -9.61 23.56 -12.70
C THR A 1516 -9.27 22.32 -11.92
N ALA A 1517 -9.99 21.23 -12.17
CA ALA A 1517 -9.78 19.99 -11.45
C ALA A 1517 -8.69 19.11 -12.06
N TYR A 1518 -8.21 19.45 -13.25
CA TYR A 1518 -7.19 18.64 -13.91
C TYR A 1518 -6.47 19.50 -14.95
N VAL A 1519 -5.19 19.23 -15.12
CA VAL A 1519 -4.39 19.86 -16.17
C VAL A 1519 -3.65 18.78 -16.93
N LEU A 1520 -3.54 18.97 -18.24
CA LEU A 1520 -2.87 18.01 -19.11
C LEU A 1520 -1.38 18.27 -19.06
N ALA A 1521 -0.68 17.56 -18.18
CA ALA A 1521 0.77 17.68 -18.06
C ALA A 1521 1.32 16.34 -17.62
N ASP A 1522 2.43 15.93 -18.25
CA ASP A 1522 3.03 14.62 -18.00
C ASP A 1522 4.09 14.68 -16.91
N VAL A 1523 4.03 15.67 -16.03
CA VAL A 1523 4.97 15.79 -14.92
C VAL A 1523 4.24 16.37 -13.73
N MET A 1524 4.59 15.87 -12.55
CA MET A 1524 3.99 16.35 -11.31
C MET A 1524 4.32 17.83 -11.09
N ASP A 1525 3.36 18.57 -10.55
CA ASP A 1525 3.62 19.93 -10.16
C ASP A 1525 4.58 19.95 -8.97
N ASP A 1526 5.50 20.92 -8.99
CA ASP A 1526 6.51 20.96 -7.94
C ASP A 1526 5.91 21.26 -6.59
N GLN A 1527 4.78 21.98 -6.55
CA GLN A 1527 4.11 22.22 -5.28
C GLN A 1527 3.53 20.94 -4.71
N LEU A 1528 2.96 20.08 -5.55
CA LEU A 1528 2.49 18.79 -5.07
C LEU A 1528 3.66 17.88 -4.69
N LYS A 1529 4.70 17.84 -5.52
CA LYS A 1529 5.87 17.04 -5.20
C LYS A 1529 6.54 17.52 -3.92
N SER A 1530 6.28 18.77 -3.52
CA SER A 1530 6.83 19.28 -2.29
C SER A 1530 6.12 18.76 -1.05
N MET A 1531 5.01 18.04 -1.21
CA MET A 1531 4.30 17.48 -0.07
C MET A 1531 4.67 16.03 0.20
N TRP A 1532 5.63 15.47 -0.53
CA TRP A 1532 5.92 14.05 -0.38
C TRP A 1532 7.19 13.75 0.39
N PHE A 1533 8.16 14.67 0.42
CA PHE A 1533 9.34 14.42 1.23
C PHE A 1533 9.08 14.80 2.69
N THR A 1534 9.99 14.36 3.55
CA THR A 1534 9.74 14.37 4.99
C THR A 1534 9.50 15.78 5.49
N PRO A 1535 8.79 15.94 6.62
CA PRO A 1535 8.70 17.25 7.25
C PRO A 1535 9.94 17.57 8.08
N PHE A 1536 10.81 16.58 8.24
CA PHE A 1536 12.07 16.74 8.93
C PHE A 1536 13.12 17.18 7.91
N GLN A 1537 13.37 18.49 7.84
CA GLN A 1537 14.39 19.03 6.96
C GLN A 1537 15.48 19.64 7.84
N ALA A 1538 16.74 19.31 7.54
CA ALA A 1538 17.83 19.71 8.42
C ALA A 1538 17.80 21.20 8.70
N GLU A 1539 18.03 22.03 7.67
CA GLU A 1539 17.65 23.43 7.76
C GLU A 1539 17.35 24.00 6.37
N GLU A 1540 16.08 23.96 6.00
CA GLU A 1540 15.56 24.75 4.89
C GLU A 1540 14.27 25.45 5.30
N ILE A 1541 13.65 25.03 6.40
CA ILE A 1541 12.54 25.75 7.02
C ILE A 1541 12.98 26.03 8.45
N ASP A 1542 14.06 25.38 8.87
CA ASP A 1542 14.56 25.53 10.23
C ASP A 1542 15.12 26.93 10.43
N THR A 1543 14.54 27.66 11.37
CA THR A 1543 14.88 29.06 11.59
C THR A 1543 16.13 29.17 12.43
N ASP A 1544 17.03 30.08 12.02
CA ASP A 1544 18.22 30.38 12.80
C ASP A 1544 17.91 31.09 14.11
N LEU A 1545 16.75 31.73 14.20
CA LEU A 1545 16.31 32.44 15.40
C LEU A 1545 15.12 31.68 15.98
N ASP A 1546 15.39 30.74 16.90
CA ASP A 1546 14.34 29.94 17.50
C ASP A 1546 13.52 30.70 18.53
N LEU A 1547 14.00 31.86 18.98
CA LEU A 1547 13.29 32.69 19.95
C LEU A 1547 12.88 31.85 21.16
N VAL A 1548 13.70 30.86 21.51
CA VAL A 1548 13.37 30.01 22.64
C VAL A 1548 13.33 30.85 23.91
N LYS A 1549 12.13 31.06 24.43
CA LYS A 1549 11.90 31.95 25.55
C LYS A 1549 12.22 31.21 26.84
N VAL A 1550 13.10 31.80 27.64
CA VAL A 1550 13.43 31.22 28.94
C VAL A 1550 12.20 31.28 29.83
N ASP A 1551 11.76 30.12 30.28
CA ASP A 1551 10.60 30.01 31.16
C ASP A 1551 11.02 29.28 32.43
N LEU A 1552 10.61 29.81 33.57
CA LEU A 1552 10.91 29.20 34.87
C LEU A 1552 9.68 28.43 35.28
N ILE A 1553 9.73 27.10 35.18
CA ILE A 1553 8.55 26.28 35.35
C ILE A 1553 8.13 26.19 36.81
N GLU A 1554 9.10 26.14 37.74
CA GLU A 1554 8.77 25.96 39.15
C GLU A 1554 7.94 27.11 39.72
N LEU A 1555 8.21 28.34 39.28
CA LEU A 1555 7.41 29.46 39.78
C LEU A 1555 5.98 29.39 39.27
N SER A 1556 5.76 28.74 38.13
CA SER A 1556 4.44 28.63 37.53
C SER A 1556 3.57 27.59 38.22
N GLU A 1557 3.96 27.14 39.41
CA GLU A 1557 3.15 26.24 40.22
C GLU A 1557 2.38 26.98 41.31
N LYS A 1558 3.07 27.74 42.16
CA LYS A 1558 2.40 28.50 43.21
C LYS A 1558 1.62 29.68 42.66
N CYS A 1559 2.01 30.22 41.50
CA CYS A 1559 1.16 31.23 40.85
C CYS A 1559 -0.16 30.63 40.39
N CYS A 1560 -0.16 29.35 40.01
CA CYS A 1560 -1.39 28.61 39.79
C CYS A 1560 -1.77 27.91 41.09
N SER A 1561 -2.71 26.97 41.04
CA SER A 1561 -3.11 26.20 42.21
C SER A 1561 -1.93 25.33 42.64
N ASP A 1562 -1.84 25.06 43.95
CA ASP A 1562 -0.75 24.28 44.51
C ASP A 1562 -0.64 22.94 43.81
N PHE A 1563 0.56 22.58 43.38
CA PHE A 1563 0.77 21.36 42.62
C PHE A 1563 2.04 20.68 43.12
N ASP A 1564 2.23 19.43 42.70
CA ASP A 1564 3.38 18.64 43.09
C ASP A 1564 4.68 19.36 42.77
N LEU A 1565 5.72 19.05 43.53
CA LEU A 1565 7.07 19.52 43.19
C LEU A 1565 7.54 18.80 41.94
N HIS A 1566 7.72 19.54 40.85
CA HIS A 1566 7.98 18.93 39.55
C HIS A 1566 9.24 18.06 39.57
N SER A 1567 10.25 18.44 40.34
CA SER A 1567 11.44 17.59 40.44
C SER A 1567 11.08 16.19 40.89
N GLU A 1568 10.17 16.07 41.86
CA GLU A 1568 9.79 14.76 42.37
C GLU A 1568 9.04 13.96 41.32
N LEU A 1569 8.07 14.58 40.65
CA LEU A 1569 7.32 13.89 39.61
C LEU A 1569 8.24 13.40 38.50
N GLU A 1570 9.17 14.24 38.05
CA GLU A 1570 10.01 13.89 36.92
C GLU A 1570 11.06 12.86 37.30
N ARG A 1571 11.54 12.89 38.55
CA ARG A 1571 12.49 11.88 38.98
C ARG A 1571 11.81 10.57 39.36
N SER A 1572 10.48 10.59 39.57
CA SER A 1572 9.75 9.36 39.79
C SER A 1572 9.75 8.46 38.57
N PHE A 1573 10.11 9.01 37.41
CA PHE A 1573 9.96 8.28 36.15
C PHE A 1573 11.24 7.59 35.72
N LEU A 1574 12.41 8.15 36.05
CA LEU A 1574 13.63 7.66 35.42
C LEU A 1574 14.56 6.94 36.39
N SER A 1575 14.26 6.94 37.69
CA SER A 1575 15.22 6.41 38.66
C SER A 1575 15.49 4.93 38.42
N GLU A 1576 14.50 4.08 38.68
CA GLU A 1576 14.61 2.66 38.40
C GLU A 1576 14.26 2.27 36.96
N PRO A 1577 13.10 2.71 36.42
CA PRO A 1577 12.60 2.07 35.19
C PRO A 1577 13.15 2.65 33.89
N SER A 1578 14.26 2.10 33.40
CA SER A 1578 14.89 2.60 32.19
C SER A 1578 14.89 1.58 31.05
N SER A 1579 14.29 0.42 31.26
CA SER A 1579 14.26 -0.61 30.21
C SER A 1579 12.97 -0.50 29.40
N PRO A 1580 12.97 -0.81 28.10
CA PRO A 1580 11.75 -0.69 27.30
C PRO A 1580 10.62 -1.58 27.81
N GLY A 1581 9.37 -1.15 27.62
CA GLY A 1581 8.24 -2.02 27.94
C GLY A 1581 7.59 -1.65 29.25
N ARG A 1582 6.98 -2.64 29.90
CA ARG A 1582 6.25 -2.41 31.14
C ARG A 1582 7.20 -1.97 32.25
N THR A 1583 7.06 -0.71 32.65
CA THR A 1583 7.92 -0.08 33.65
C THR A 1583 7.10 0.38 34.84
N LYS A 1584 7.77 1.11 35.74
CA LYS A 1584 7.15 1.56 36.98
C LYS A 1584 5.85 2.31 36.72
N THR A 1585 5.92 3.39 35.94
CA THR A 1585 4.74 4.21 35.68
C THR A 1585 4.09 3.82 34.35
N PRO B 387 -20.71 35.18 6.39
CA PRO B 387 -19.33 34.71 6.27
C PRO B 387 -19.22 33.20 6.26
N LEU B 388 -18.09 32.67 5.79
CA LEU B 388 -17.84 31.23 5.84
C LEU B 388 -18.92 30.48 5.08
N ASP B 389 -18.93 30.64 3.75
CA ASP B 389 -20.05 30.30 2.86
C ASP B 389 -20.71 28.96 3.15
N VAL B 390 -22.01 28.87 2.86
CA VAL B 390 -22.78 27.65 3.06
C VAL B 390 -22.46 26.69 1.91
N ILE B 391 -22.16 25.44 2.28
CA ILE B 391 -21.69 24.44 1.34
C ILE B 391 -22.63 23.25 1.30
N ASP B 392 -22.90 22.76 0.09
CA ASP B 392 -23.65 21.53 -0.13
C ASP B 392 -22.99 20.74 -1.25
N VAL B 393 -23.24 19.43 -1.26
CA VAL B 393 -22.57 18.50 -2.16
C VAL B 393 -23.62 17.80 -3.02
N ASP B 394 -23.26 17.49 -4.27
CA ASP B 394 -24.23 17.00 -5.24
C ASP B 394 -24.58 15.53 -5.02
N TRP B 395 -23.79 14.82 -4.21
CA TRP B 395 -24.10 13.45 -3.81
C TRP B 395 -24.26 12.48 -4.98
N SER B 396 -23.19 12.27 -5.74
CA SER B 396 -23.24 11.28 -6.81
C SER B 396 -22.01 10.38 -6.88
N GLY B 397 -21.09 10.44 -5.91
CA GLY B 397 -19.92 9.60 -5.92
C GLY B 397 -20.08 8.25 -5.26
N LEU B 398 -21.28 7.93 -4.81
CA LEU B 398 -21.53 6.66 -4.13
C LEU B 398 -21.31 5.49 -5.08
N MET B 399 -20.84 4.36 -4.56
CA MET B 399 -20.49 3.22 -5.40
C MET B 399 -21.74 2.73 -6.14
N PRO B 400 -21.59 2.21 -7.36
CA PRO B 400 -22.77 1.80 -8.13
C PRO B 400 -23.49 0.62 -7.49
N LYS B 401 -24.72 0.40 -7.93
CA LYS B 401 -25.55 -0.71 -7.47
C LYS B 401 -25.82 -0.61 -5.96
N HIS B 402 -26.12 0.61 -5.49
CA HIS B 402 -26.43 0.78 -4.07
C HIS B 402 -27.86 0.38 -3.74
N PRO B 403 -28.90 0.83 -4.46
CA PRO B 403 -30.23 0.27 -4.21
C PRO B 403 -30.36 -1.17 -4.67
N LYS B 404 -29.41 -1.67 -5.46
CA LYS B 404 -29.31 -3.05 -5.90
C LYS B 404 -30.63 -3.59 -6.45
N GLU B 405 -31.08 -3.03 -7.57
CA GLU B 405 -32.26 -3.52 -8.28
C GLU B 405 -31.98 -4.96 -8.70
N PRO B 406 -32.88 -5.95 -8.50
CA PRO B 406 -32.55 -7.37 -8.81
C PRO B 406 -31.99 -7.65 -10.22
N ARG B 407 -31.26 -8.76 -10.38
CA ARG B 407 -30.59 -9.06 -11.68
C ARG B 407 -31.55 -9.72 -12.67
N GLU B 408 -31.15 -9.68 -13.94
CA GLU B 408 -31.94 -10.30 -15.02
C GLU B 408 -31.62 -11.80 -15.00
N PRO B 409 -32.56 -12.77 -15.07
CA PRO B 409 -32.18 -14.17 -15.16
C PRO B 409 -31.24 -14.38 -16.35
N GLY B 410 -30.11 -15.07 -16.16
CA GLY B 410 -29.27 -15.34 -17.29
C GLY B 410 -28.36 -14.18 -17.65
N ALA B 411 -27.99 -13.38 -16.65
CA ALA B 411 -27.12 -12.23 -16.86
C ALA B 411 -25.80 -12.36 -16.12
N ALA B 412 -25.51 -13.52 -15.54
CA ALA B 412 -24.22 -13.79 -14.93
C ALA B 412 -23.27 -14.48 -15.91
N LEU B 413 -23.79 -15.10 -16.96
CA LEU B 413 -22.97 -15.63 -18.03
C LEU B 413 -22.72 -14.60 -19.13
N LEU B 414 -22.88 -13.32 -18.82
CA LEU B 414 -22.66 -12.29 -19.83
C LEU B 414 -21.19 -11.88 -19.88
N LYS B 415 -20.47 -12.08 -18.78
CA LYS B 415 -19.03 -11.82 -18.78
C LYS B 415 -18.21 -13.05 -19.14
N PHE B 416 -18.84 -14.08 -19.69
CA PHE B 416 -18.14 -15.27 -20.18
C PHE B 416 -18.39 -15.51 -21.66
N THR B 417 -18.85 -14.47 -22.37
CA THR B 417 -18.93 -14.55 -23.82
C THR B 417 -17.52 -14.50 -24.40
N PRO B 418 -17.34 -14.90 -25.67
CA PRO B 418 -16.00 -14.86 -26.26
C PRO B 418 -15.32 -13.51 -26.16
N GLY B 419 -16.04 -12.43 -26.46
CA GLY B 419 -15.45 -11.10 -26.37
C GLY B 419 -15.07 -10.74 -24.95
N ALA B 420 -15.96 -11.01 -24.00
CA ALA B 420 -15.70 -10.65 -22.60
C ALA B 420 -14.53 -11.45 -22.05
N VAL B 421 -14.33 -12.68 -22.53
CA VAL B 421 -13.20 -13.48 -22.07
C VAL B 421 -11.91 -12.97 -22.69
N MET B 422 -11.93 -12.73 -24.01
CA MET B 422 -10.74 -12.22 -24.67
C MET B 422 -10.32 -10.86 -24.12
N LEU B 423 -11.26 -10.05 -23.65
CA LEU B 423 -10.90 -8.77 -23.05
C LEU B 423 -10.16 -8.98 -21.73
N ARG B 424 -10.62 -9.93 -20.93
CA ARG B 424 -9.95 -10.20 -19.66
C ARG B 424 -8.63 -10.91 -19.87
N VAL B 425 -8.44 -11.55 -21.02
CA VAL B 425 -7.23 -12.34 -21.26
C VAL B 425 -6.29 -11.59 -22.20
N GLY B 426 -6.83 -11.05 -23.28
CA GLY B 426 -6.00 -10.41 -24.29
C GLY B 426 -5.29 -11.45 -25.13
N ILE B 427 -5.05 -11.15 -26.40
CA ILE B 427 -4.36 -12.09 -27.28
C ILE B 427 -3.11 -11.40 -27.82
N SER B 428 -2.23 -12.20 -28.41
CA SER B 428 -1.00 -11.68 -28.97
C SER B 428 -1.03 -11.77 -30.49
N LYS B 429 -0.66 -10.66 -31.14
CA LYS B 429 -0.75 -10.61 -32.60
C LYS B 429 0.31 -11.47 -33.27
N LYS B 430 1.45 -11.66 -32.59
CA LYS B 430 2.59 -12.28 -33.27
C LYS B 430 2.44 -13.79 -33.41
N LEU B 431 1.62 -14.42 -32.57
CA LEU B 431 1.40 -15.86 -32.67
C LEU B 431 -0.06 -16.26 -32.70
N ALA B 432 -0.99 -15.31 -32.86
CA ALA B 432 -2.37 -15.67 -33.16
C ALA B 432 -2.66 -15.60 -34.64
N GLY B 433 -1.75 -15.06 -35.44
CA GLY B 433 -2.00 -14.84 -36.85
C GLY B 433 -2.63 -13.50 -37.11
N SER B 434 -2.71 -13.15 -38.40
CA SER B 434 -3.31 -11.87 -38.77
C SER B 434 -4.83 -11.97 -38.82
N GLU B 435 -5.35 -12.96 -39.54
CA GLU B 435 -6.79 -13.14 -39.67
C GLU B 435 -7.45 -13.40 -38.33
N LEU B 436 -6.88 -14.28 -37.52
CA LEU B 436 -7.50 -14.61 -36.24
C LEU B 436 -7.42 -13.45 -35.26
N PHE B 437 -6.32 -12.70 -35.27
CA PHE B 437 -6.24 -11.50 -34.45
C PHE B 437 -7.29 -10.49 -34.87
N ALA B 438 -7.46 -10.31 -36.18
CA ALA B 438 -8.50 -9.40 -36.66
C ALA B 438 -9.88 -9.86 -36.21
N LYS B 439 -10.16 -11.15 -36.31
CA LYS B 439 -11.48 -11.66 -35.92
C LYS B 439 -11.71 -11.49 -34.42
N VAL B 440 -10.70 -11.74 -33.60
CA VAL B 440 -10.87 -11.61 -32.16
C VAL B 440 -11.02 -10.15 -31.77
N LYS B 441 -10.24 -9.27 -32.39
CA LYS B 441 -10.38 -7.85 -32.09
C LYS B 441 -11.75 -7.33 -32.54
N GLU B 442 -12.28 -7.86 -33.63
CA GLU B 442 -13.62 -7.48 -34.05
C GLU B 442 -14.67 -7.98 -33.06
N THR B 443 -14.51 -9.22 -32.58
CA THR B 443 -15.43 -9.76 -31.59
C THR B 443 -15.39 -8.94 -30.30
N CYS B 444 -14.21 -8.46 -29.91
CA CYS B 444 -14.08 -7.64 -28.71
C CYS B 444 -14.66 -6.25 -28.91
N GLN B 445 -14.44 -5.66 -30.10
CA GLN B 445 -14.87 -4.28 -30.34
C GLN B 445 -16.38 -4.15 -30.19
N ARG B 446 -17.15 -5.01 -30.84
CA ARG B 446 -18.60 -4.94 -30.76
C ARG B 446 -19.13 -5.26 -29.37
N LEU B 447 -18.25 -5.52 -28.40
CA LEU B 447 -18.66 -5.61 -27.01
C LEU B 447 -18.38 -4.33 -26.25
N LEU B 448 -17.33 -3.61 -26.63
CA LEU B 448 -17.06 -2.31 -26.04
C LEU B 448 -18.00 -1.26 -26.59
N GLU B 449 -18.40 -0.32 -25.73
CA GLU B 449 -19.35 0.72 -26.07
C GLU B 449 -18.69 2.08 -26.26
N LYS B 450 -17.39 2.16 -26.07
CA LYS B 450 -16.65 3.42 -26.17
C LYS B 450 -15.78 3.36 -27.41
N PRO B 451 -16.13 4.09 -28.49
CA PRO B 451 -15.32 4.02 -29.71
C PRO B 451 -13.85 4.33 -29.47
N LYS B 452 -13.54 5.19 -28.51
CA LYS B 452 -12.14 5.44 -28.15
C LYS B 452 -11.46 4.15 -27.73
N ASP B 453 -11.97 3.51 -26.67
CA ASP B 453 -11.40 2.24 -26.24
C ASP B 453 -11.62 1.15 -27.27
N ALA B 454 -12.72 1.24 -28.03
CA ALA B 454 -12.99 0.23 -29.05
C ALA B 454 -11.90 0.20 -30.12
N ASP B 455 -11.39 1.37 -30.49
CA ASP B 455 -10.32 1.41 -31.50
C ASP B 455 -8.95 1.48 -30.86
N ASN B 456 -8.89 1.58 -29.54
CA ASN B 456 -7.60 1.53 -28.86
C ASN B 456 -7.27 0.12 -28.38
N LEU B 457 -8.08 -0.87 -28.76
CA LEU B 457 -7.91 -2.25 -28.33
C LEU B 457 -6.67 -2.89 -28.92
N PHE B 458 -5.95 -3.66 -28.09
CA PHE B 458 -4.90 -4.57 -28.54
C PHE B 458 -3.87 -3.89 -29.43
N GLU B 459 -3.14 -2.92 -28.88
CA GLU B 459 -2.16 -2.21 -29.68
C GLU B 459 -0.78 -2.85 -29.60
N HIS B 460 -0.56 -3.76 -28.67
CA HIS B 460 0.75 -4.40 -28.49
C HIS B 460 0.72 -5.77 -29.13
N GLU B 461 1.92 -6.26 -29.47
CA GLU B 461 2.01 -7.56 -30.13
C GLU B 461 2.02 -8.69 -29.12
N LEU B 462 2.23 -8.38 -27.84
CA LEU B 462 2.22 -9.37 -26.79
C LEU B 462 0.82 -9.51 -26.19
N GLY B 463 0.52 -10.72 -25.71
CA GLY B 463 -0.80 -10.95 -25.15
C GLY B 463 -0.96 -10.36 -23.76
N ALA B 464 -0.04 -10.70 -22.86
CA ALA B 464 -0.11 -10.16 -21.51
C ALA B 464 0.02 -8.64 -21.53
N LEU B 465 0.71 -8.09 -22.53
CA LEU B 465 0.78 -6.64 -22.63
C LEU B 465 -0.57 -6.05 -23.05
N ASN B 466 -1.32 -6.75 -23.89
CA ASN B 466 -2.67 -6.29 -24.21
C ASN B 466 -3.58 -6.37 -22.99
N MET B 467 -3.50 -7.48 -22.25
CA MET B 467 -4.27 -7.60 -21.02
C MET B 467 -3.90 -6.49 -20.04
N ALA B 468 -2.61 -6.17 -19.95
CA ALA B 468 -2.18 -5.12 -19.03
C ALA B 468 -2.64 -3.75 -19.48
N ALA B 469 -2.64 -3.51 -20.80
CA ALA B 469 -3.13 -2.23 -21.30
C ALA B 469 -4.61 -2.07 -20.99
N LEU B 470 -5.40 -3.13 -21.15
CA LEU B 470 -6.81 -3.04 -20.82
C LEU B 470 -7.03 -2.88 -19.32
N LEU B 471 -6.26 -3.62 -18.51
CA LEU B 471 -6.37 -3.47 -17.07
C LEU B 471 -5.98 -2.06 -16.64
N ARG B 472 -5.01 -1.45 -17.31
CA ARG B 472 -4.59 -0.10 -16.96
C ARG B 472 -5.65 0.91 -17.38
N LYS B 473 -6.24 0.73 -18.56
CA LYS B 473 -7.35 1.58 -18.95
C LYS B 473 -8.47 1.53 -17.92
N GLU B 474 -8.86 0.32 -17.50
CA GLU B 474 -9.95 0.21 -16.55
C GLU B 474 -9.56 0.71 -15.17
N GLU B 475 -8.30 0.56 -14.76
CA GLU B 475 -7.88 1.06 -13.46
C GLU B 475 -7.84 2.58 -13.46
N ARG B 476 -7.39 3.19 -14.56
CA ARG B 476 -7.44 4.64 -14.67
C ARG B 476 -8.88 5.13 -14.65
N ALA B 477 -9.78 4.44 -15.34
CA ALA B 477 -11.19 4.82 -15.30
C ALA B 477 -11.79 4.66 -13.91
N SER B 478 -11.32 3.68 -13.13
CA SER B 478 -11.87 3.43 -11.80
C SER B 478 -11.06 4.10 -10.70
N LEU B 479 -10.07 4.93 -11.06
CA LEU B 479 -9.28 5.63 -10.05
C LEU B 479 -10.16 6.50 -9.16
N LEU B 480 -10.87 7.46 -9.76
CA LEU B 480 -11.68 8.40 -9.02
C LEU B 480 -13.15 8.03 -8.93
N SER B 481 -13.57 6.96 -9.62
CA SER B 481 -14.99 6.63 -9.66
C SER B 481 -15.50 6.04 -8.37
N ASN B 482 -14.65 5.37 -7.59
CA ASN B 482 -15.07 4.65 -6.39
C ASN B 482 -14.48 5.34 -5.16
N LEU B 483 -15.16 6.39 -4.69
CA LEU B 483 -14.79 7.08 -3.46
C LEU B 483 -15.83 8.16 -3.15
N GLY B 484 -15.79 8.69 -1.93
CA GLY B 484 -16.65 9.81 -1.58
C GLY B 484 -17.65 9.50 -0.49
N PRO B 485 -18.94 9.59 -0.84
CA PRO B 485 -19.99 9.46 0.19
C PRO B 485 -20.07 8.11 0.86
N CYS B 486 -20.24 7.03 0.09
CA CYS B 486 -20.42 5.70 0.65
C CYS B 486 -19.17 4.84 0.54
N CYS B 487 -18.08 5.38 0.01
CA CYS B 487 -16.78 4.73 0.08
C CYS B 487 -15.86 5.61 0.89
N LYS B 488 -14.76 5.03 1.37
CA LYS B 488 -13.77 5.77 2.15
C LYS B 488 -13.38 7.05 1.43
N ALA B 489 -13.53 8.19 2.10
CA ALA B 489 -13.20 9.47 1.49
C ALA B 489 -11.72 9.51 1.10
N LEU B 490 -11.39 10.50 0.28
CA LEU B 490 -10.04 10.61 -0.25
C LEU B 490 -9.07 10.94 0.89
N CYS B 491 -7.88 10.36 0.83
CA CYS B 491 -6.85 10.61 1.83
C CYS B 491 -5.54 10.93 1.12
N PHE B 492 -4.56 11.38 1.91
CA PHE B 492 -3.28 11.80 1.35
C PHE B 492 -2.59 10.64 0.64
N ARG B 493 -2.61 9.46 1.24
CA ARG B 493 -1.94 8.31 0.63
C ARG B 493 -2.63 7.90 -0.66
N ARG B 494 -3.96 7.72 -0.61
CA ARG B 494 -4.68 7.28 -1.79
C ARG B 494 -4.68 8.36 -2.87
N ASP B 495 -4.79 9.63 -2.47
CA ASP B 495 -4.78 10.70 -3.46
C ASP B 495 -3.40 10.83 -4.10
N SER B 496 -2.34 10.69 -3.30
CA SER B 496 -1.00 10.68 -3.87
C SER B 496 -0.83 9.52 -4.84
N ALA B 497 -1.37 8.35 -4.49
CA ALA B 497 -1.28 7.20 -5.38
C ALA B 497 -2.00 7.48 -6.70
N ILE B 498 -3.24 7.98 -6.64
CA ILE B 498 -4.00 8.17 -7.87
C ILE B 498 -3.43 9.32 -8.68
N ARG B 499 -2.73 10.25 -8.02
CA ARG B 499 -2.08 11.33 -8.76
C ARG B 499 -0.84 10.83 -9.48
N LYS B 500 -0.05 9.98 -8.82
CA LYS B 500 1.07 9.36 -9.51
C LYS B 500 0.60 8.39 -10.59
N GLN B 501 -0.62 7.88 -10.49
CA GLN B 501 -1.18 7.06 -11.56
C GLN B 501 -1.63 7.92 -12.74
N LEU B 502 -2.22 9.08 -12.45
CA LEU B 502 -2.70 9.94 -13.53
C LEU B 502 -1.57 10.49 -14.37
N VAL B 503 -0.40 10.72 -13.76
CA VAL B 503 0.72 11.31 -14.50
C VAL B 503 1.46 10.25 -15.31
N LYS B 504 1.09 8.99 -15.18
CA LYS B 504 1.66 7.93 -16.00
C LYS B 504 0.94 7.85 -17.35
N ASN B 505 1.72 7.92 -18.42
CA ASN B 505 1.16 7.68 -19.74
C ASN B 505 0.93 6.20 -19.95
N GLU B 506 0.37 5.84 -21.10
CA GLU B 506 0.21 4.44 -21.45
C GLU B 506 1.59 3.80 -21.57
N LYS B 507 1.64 2.47 -21.46
CA LYS B 507 2.83 1.67 -21.14
C LYS B 507 3.06 1.73 -19.64
N GLY B 508 2.22 2.50 -18.95
CA GLY B 508 2.11 2.42 -17.50
C GLY B 508 3.31 2.83 -16.69
N THR B 509 4.26 3.57 -17.28
CA THR B 509 5.42 3.97 -16.51
C THR B 509 5.88 5.35 -16.95
N ILE B 510 6.31 6.15 -15.96
CA ILE B 510 7.02 7.39 -16.19
C ILE B 510 8.50 7.11 -15.94
N LYS B 511 9.34 7.56 -16.87
CA LYS B 511 10.73 7.15 -16.85
C LYS B 511 11.51 7.87 -15.75
N GLN B 512 12.32 7.11 -15.02
CA GLN B 512 13.17 7.65 -13.96
C GLN B 512 14.50 8.08 -14.56
N ALA B 513 15.04 9.20 -14.07
CA ALA B 513 16.33 9.68 -14.51
C ALA B 513 17.44 9.07 -13.66
N TYR B 514 18.63 8.97 -14.25
CA TYR B 514 19.77 8.45 -13.52
C TYR B 514 20.21 9.42 -12.42
N THR B 515 20.42 8.89 -11.23
CA THR B 515 20.93 9.68 -10.11
C THR B 515 22.11 8.97 -9.48
N SER B 516 22.21 7.66 -9.70
CA SER B 516 23.30 6.87 -9.18
C SER B 516 23.51 5.67 -10.09
N ALA B 517 24.66 5.01 -9.92
CA ALA B 517 25.03 3.85 -10.70
C ALA B 517 25.80 2.89 -9.79
N PRO B 518 25.71 1.59 -10.03
CA PRO B 518 26.41 0.63 -9.19
C PRO B 518 27.91 0.62 -9.48
N MET B 519 28.63 -0.09 -8.62
CA MET B 519 30.07 -0.24 -8.76
C MET B 519 30.32 -1.23 -9.89
N VAL B 520 30.74 -0.73 -11.04
CA VAL B 520 30.90 -1.55 -12.23
C VAL B 520 32.08 -2.47 -12.01
N ASP B 521 31.80 -3.73 -11.73
CA ASP B 521 32.81 -4.77 -11.57
C ASP B 521 32.75 -5.66 -12.80
N ASN B 522 33.56 -5.32 -13.82
CA ASN B 522 33.49 -6.03 -15.10
C ASN B 522 33.84 -7.49 -14.95
N GLU B 523 34.45 -7.89 -13.83
CA GLU B 523 34.57 -9.31 -13.54
C GLU B 523 33.21 -9.95 -13.33
N LEU B 524 32.34 -9.28 -12.56
CA LEU B 524 30.97 -9.76 -12.40
C LEU B 524 30.23 -9.78 -13.72
N LEU B 525 30.44 -8.76 -14.54
CA LEU B 525 29.77 -8.70 -15.85
C LEU B 525 30.23 -9.83 -16.75
N ARG B 526 31.54 -10.12 -16.75
CA ARG B 526 32.06 -11.23 -17.53
C ARG B 526 31.49 -12.55 -17.04
N LEU B 527 31.43 -12.74 -15.72
CA LEU B 527 30.86 -13.98 -15.17
C LEU B 527 29.39 -14.11 -15.56
N SER B 528 28.63 -13.02 -15.46
CA SER B 528 27.21 -13.04 -15.81
C SER B 528 27.01 -13.38 -17.27
N LEU B 529 27.77 -12.74 -18.16
CA LEU B 529 27.65 -13.01 -19.59
C LEU B 529 28.03 -14.44 -19.91
N ARG B 530 29.12 -14.93 -19.33
CA ARG B 530 29.53 -16.31 -19.57
C ARG B 530 28.47 -17.29 -19.10
N LEU B 531 27.90 -17.05 -17.92
CA LEU B 531 26.87 -17.96 -17.40
C LEU B 531 25.62 -17.93 -18.27
N PHE B 532 25.18 -16.72 -18.66
CA PHE B 532 23.99 -16.59 -19.49
C PHE B 532 24.18 -17.27 -20.84
N LYS B 533 25.34 -17.08 -21.47
CA LYS B 533 25.58 -17.72 -22.76
C LYS B 533 25.67 -19.24 -22.62
N ARG B 534 26.30 -19.70 -21.55
CA ARG B 534 26.45 -21.16 -21.35
C ARG B 534 25.06 -21.76 -21.18
N LYS B 535 24.22 -21.08 -20.42
CA LYS B 535 22.89 -21.61 -20.18
C LYS B 535 22.05 -21.57 -21.46
N THR B 536 22.18 -20.49 -22.24
CA THR B 536 21.46 -20.39 -23.51
C THR B 536 21.87 -21.51 -24.45
N THR B 537 23.15 -21.89 -24.42
CA THR B 537 23.61 -23.01 -25.25
C THR B 537 23.10 -24.33 -24.72
N CYS B 538 23.28 -24.59 -23.42
CA CYS B 538 22.79 -25.82 -22.81
C CYS B 538 22.28 -25.57 -21.40
N GLN C 64 37.17 -40.29 24.61
CA GLN C 64 38.56 -39.95 24.39
C GLN C 64 38.92 -38.62 25.05
N GLN C 65 40.18 -38.22 24.90
CA GLN C 65 40.62 -36.94 25.46
C GLN C 65 40.28 -35.78 24.51
N GLN C 66 40.67 -35.88 23.24
CA GLN C 66 40.27 -34.88 22.28
C GLN C 66 38.77 -34.88 22.04
N GLN C 67 38.10 -36.00 22.34
CA GLN C 67 36.64 -36.05 22.23
C GLN C 67 36.00 -34.97 23.10
N GLU C 68 36.25 -35.06 24.42
CA GLU C 68 35.65 -34.07 25.36
C GLU C 68 36.34 -32.72 25.20
N SER C 69 37.58 -32.72 24.71
CA SER C 69 38.24 -31.46 24.43
C SER C 69 37.47 -30.66 23.38
N ALA C 70 37.14 -31.31 22.26
CA ALA C 70 36.35 -30.66 21.22
C ALA C 70 34.92 -30.41 21.66
N ARG C 71 34.37 -31.26 22.54
CA ARG C 71 33.04 -31.00 23.06
C ARG C 71 33.02 -29.72 23.90
N ARG C 72 34.02 -29.55 24.76
CA ARG C 72 34.13 -28.33 25.53
C ARG C 72 34.43 -27.13 24.64
N GLU C 73 35.19 -27.33 23.56
CA GLU C 73 35.38 -26.26 22.59
C GLU C 73 34.06 -25.85 21.95
N ASN C 74 33.19 -26.82 21.69
CA ASN C 74 31.86 -26.52 21.16
C ASN C 74 31.04 -25.74 22.17
N ILE C 75 31.06 -26.13 23.44
CA ILE C 75 30.35 -25.37 24.46
C ILE C 75 30.91 -23.96 24.55
N LEU C 76 32.22 -23.81 24.39
CA LEU C 76 32.84 -22.50 24.49
C LEU C 76 32.46 -21.60 23.32
N VAL C 77 32.41 -22.16 22.10
CA VAL C 77 32.01 -21.34 20.96
C VAL C 77 30.52 -21.04 21.04
N MET C 78 29.75 -21.92 21.67
CA MET C 78 28.35 -21.60 21.96
C MET C 78 28.24 -20.38 22.87
N ARG C 79 28.99 -20.39 23.97
CA ARG C 79 28.98 -19.24 24.87
C ARG C 79 29.47 -17.98 24.16
N LEU C 80 30.49 -18.12 23.31
CA LEU C 80 30.98 -16.99 22.53
C LEU C 80 29.90 -16.45 21.61
N ALA C 81 29.14 -17.34 20.97
CA ALA C 81 28.08 -16.90 20.06
C ALA C 81 27.00 -16.15 20.81
N THR C 82 26.58 -16.65 21.98
CA THR C 82 25.52 -15.97 22.70
C THR C 82 26.00 -14.65 23.28
N LYS C 83 27.26 -14.58 23.73
CA LYS C 83 27.82 -13.30 24.17
C LYS C 83 27.95 -12.33 23.01
N GLU C 84 28.26 -12.84 21.82
CA GLU C 84 28.32 -11.98 20.64
C GLU C 84 26.94 -11.46 20.27
N GLN C 85 25.91 -12.27 20.45
CA GLN C 85 24.55 -11.80 20.23
C GLN C 85 24.19 -10.69 21.21
N GLU C 86 24.52 -10.88 22.49
CA GLU C 86 24.26 -9.82 23.47
C GLU C 86 25.05 -8.56 23.16
N MET C 87 26.30 -8.70 22.72
CA MET C 87 27.10 -7.53 22.37
C MET C 87 26.54 -6.84 21.14
N GLN C 88 26.00 -7.60 20.19
CA GLN C 88 25.40 -6.99 19.01
C GLN C 88 24.13 -6.23 19.38
N GLU C 89 23.33 -6.79 20.30
CA GLU C 89 22.15 -6.07 20.78
C GLU C 89 22.56 -4.77 21.47
N CYS C 90 23.60 -4.83 22.31
CA CYS C 90 24.06 -3.64 22.99
C CYS C 90 24.63 -2.62 22.01
N THR C 91 25.27 -3.09 20.94
CA THR C 91 25.83 -2.18 19.95
C THR C 91 24.73 -1.50 19.14
N THR C 92 23.68 -2.25 18.80
CA THR C 92 22.53 -1.64 18.15
C THR C 92 21.85 -0.63 19.06
N GLN C 93 21.76 -0.94 20.35
CA GLN C 93 21.16 0.01 21.28
C GLN C 93 22.04 1.25 21.46
N ILE C 94 23.36 1.09 21.33
CA ILE C 94 24.26 2.23 21.32
C ILE C 94 24.00 3.09 20.09
N GLN C 95 24.02 2.46 18.91
CA GLN C 95 23.70 3.18 17.67
C GLN C 95 22.36 3.88 17.74
N TYR C 96 21.42 3.35 18.53
CA TYR C 96 20.20 4.07 18.85
C TYR C 96 20.48 5.29 19.71
N LEU C 97 21.12 5.09 20.86
CA LEU C 97 21.30 6.17 21.83
C LEU C 97 22.37 7.16 21.39
N LYS C 98 23.36 6.74 20.60
CA LYS C 98 24.35 7.65 20.05
C LYS C 98 24.08 7.96 18.58
N GLN C 99 22.84 7.82 18.14
CA GLN C 99 22.49 8.21 16.78
C GLN C 99 22.71 9.70 16.57
N VAL C 100 23.31 10.04 15.43
CA VAL C 100 23.47 11.44 15.04
C VAL C 100 22.22 11.81 14.25
N GLN C 101 21.19 12.21 14.97
CA GLN C 101 19.87 12.44 14.43
C GLN C 101 19.82 13.76 13.66
N GLN C 102 18.77 13.90 12.86
CA GLN C 102 18.56 15.13 12.12
C GLN C 102 18.48 16.30 13.08
N PRO C 103 18.87 17.50 12.65
CA PRO C 103 18.65 18.69 13.49
C PRO C 103 17.19 18.93 13.78
N SER C 104 16.30 18.60 12.84
CA SER C 104 14.87 18.88 13.03
C SER C 104 14.22 17.92 14.02
N VAL C 105 14.53 16.62 13.93
CA VAL C 105 13.97 15.68 14.88
C VAL C 105 14.52 15.92 16.28
N ALA C 106 15.78 16.34 16.39
CA ALA C 106 16.32 16.72 17.69
C ALA C 106 15.64 17.96 18.22
N GLN C 107 15.42 18.96 17.36
CA GLN C 107 14.64 20.13 17.74
C GLN C 107 13.28 19.73 18.31
N LEU C 108 12.60 18.82 17.62
CA LEU C 108 11.26 18.42 18.04
C LEU C 108 11.29 17.64 19.35
N ARG C 109 12.26 16.72 19.49
CA ARG C 109 12.37 15.93 20.70
C ARG C 109 12.74 16.80 21.90
N SER C 110 13.51 17.85 21.68
CA SER C 110 13.95 18.68 22.79
C SER C 110 12.90 19.72 23.15
N THR C 111 12.10 20.17 22.19
CA THR C 111 11.15 21.25 22.48
C THR C 111 9.78 20.71 22.87
N MET C 112 9.27 19.72 22.14
CA MET C 112 7.89 19.30 22.30
C MET C 112 7.70 18.13 23.26
N VAL C 113 8.50 17.07 23.14
CA VAL C 113 8.33 15.91 24.02
C VAL C 113 9.25 15.96 25.23
N ASP C 114 9.79 17.11 25.56
CA ASP C 114 10.60 17.23 26.77
C ASP C 114 9.73 16.95 27.98
N PRO C 115 10.10 15.99 28.84
CA PRO C 115 9.19 15.55 29.90
C PRO C 115 8.77 16.65 30.86
N ALA C 116 9.64 17.62 31.13
CA ALA C 116 9.28 18.69 32.06
C ALA C 116 8.19 19.58 31.48
N ILE C 117 8.43 20.14 30.31
CA ILE C 117 7.45 20.99 29.65
C ILE C 117 6.16 20.22 29.41
N ASN C 118 6.28 18.96 28.98
CA ASN C 118 5.10 18.15 28.67
C ASN C 118 4.27 17.89 29.92
N LEU C 119 4.92 17.53 31.03
CA LEU C 119 4.19 17.26 32.26
C LEU C 119 3.55 18.53 32.81
N PHE C 120 4.25 19.67 32.70
CA PHE C 120 3.65 20.91 33.16
C PHE C 120 2.45 21.28 32.29
N PHE C 121 2.52 20.99 30.99
CA PHE C 121 1.39 21.21 30.11
C PHE C 121 0.21 20.34 30.53
N LEU C 122 0.47 19.06 30.83
CA LEU C 122 -0.58 18.19 31.37
C LEU C 122 -1.21 18.79 32.61
N LYS C 123 -0.39 19.22 33.57
CA LYS C 123 -0.91 19.74 34.83
C LYS C 123 -1.74 20.99 34.60
N MET C 124 -1.27 21.89 33.74
CA MET C 124 -1.99 23.14 33.51
C MET C 124 -3.31 22.88 32.80
N LYS C 125 -3.32 21.99 31.82
CA LYS C 125 -4.58 21.64 31.16
C LYS C 125 -5.56 21.02 32.14
N GLY C 126 -5.08 20.12 32.99
CA GLY C 126 -5.97 19.50 33.97
C GLY C 126 -6.54 20.51 34.94
N GLU C 127 -5.69 21.40 35.47
CA GLU C 127 -6.17 22.41 36.40
C GLU C 127 -7.16 23.35 35.72
N LEU C 128 -6.90 23.71 34.46
CA LEU C 128 -7.79 24.61 33.74
C LEU C 128 -9.15 23.96 33.50
N GLU C 129 -9.16 22.68 33.12
CA GLU C 129 -10.45 22.03 32.88
C GLU C 129 -11.20 21.78 34.19
N GLN C 130 -10.48 21.51 35.28
CA GLN C 130 -11.14 21.42 36.59
C GLN C 130 -11.80 22.75 36.95
N THR C 131 -11.06 23.85 36.82
CA THR C 131 -11.64 25.15 37.13
C THR C 131 -12.80 25.49 36.19
N LYS C 132 -12.70 25.06 34.93
CA LYS C 132 -13.77 25.37 33.98
C LYS C 132 -15.04 24.62 34.32
N ASP C 133 -14.94 23.34 34.68
CA ASP C 133 -16.16 22.60 35.02
C ASP C 133 -16.68 23.03 36.38
N LYS C 134 -15.80 23.50 37.26
CA LYS C 134 -16.26 24.09 38.52
C LYS C 134 -17.04 25.37 38.27
N LEU C 135 -16.56 26.22 37.36
CA LEU C 135 -17.30 27.43 37.00
C LEU C 135 -18.62 27.08 36.34
N GLU C 136 -18.63 26.04 35.52
CA GLU C 136 -19.88 25.50 34.98
C GLU C 136 -20.86 25.13 36.08
N GLN C 137 -20.39 24.37 37.07
CA GLN C 137 -21.25 23.96 38.17
C GLN C 137 -21.78 25.18 38.93
N ALA C 138 -20.91 26.14 39.22
CA ALA C 138 -21.34 27.31 39.99
C ALA C 138 -22.33 28.16 39.20
N GLN C 139 -22.06 28.39 37.91
CA GLN C 139 -22.96 29.20 37.10
C GLN C 139 -24.32 28.55 36.94
N ASN C 140 -24.36 27.24 36.69
CA ASN C 140 -25.66 26.60 36.53
C ASN C 140 -26.40 26.54 37.87
N GLU C 141 -25.68 26.36 38.98
CA GLU C 141 -26.35 26.40 40.28
C GLU C 141 -26.92 27.78 40.55
N LEU C 142 -26.19 28.83 40.18
CA LEU C 142 -26.76 30.18 40.22
C LEU C 142 -28.06 30.26 39.44
N SER C 143 -28.01 29.91 38.15
CA SER C 143 -29.21 30.02 37.32
C SER C 143 -30.33 29.10 37.82
N ALA C 144 -29.99 28.12 38.64
CA ALA C 144 -31.02 27.29 39.28
C ALA C 144 -31.60 27.99 40.50
N TRP C 145 -30.77 28.72 41.24
CA TRP C 145 -31.31 29.55 42.32
C TRP C 145 -32.21 30.64 41.77
N LYS C 146 -31.81 31.12 40.56
CA LYS C 146 -32.60 32.19 39.87
C LYS C 146 -33.73 31.57 39.06
N PHE C 147 -34.10 30.33 39.39
CA PHE C 147 -35.17 29.67 38.65
C PHE C 147 -36.53 29.99 39.25
N THR C 148 -37.45 30.43 38.38
CA THR C 148 -38.85 30.60 38.70
C THR C 148 -39.60 30.03 37.50
N PRO C 149 -40.76 29.41 37.71
CA PRO C 149 -41.35 28.58 36.65
C PRO C 149 -41.60 29.30 35.35
N ASP C 150 -41.96 30.59 35.38
CA ASP C 150 -42.23 31.31 34.15
C ASP C 150 -41.06 32.17 33.67
N SER C 151 -39.90 32.04 34.31
CA SER C 151 -38.71 32.72 33.82
C SER C 151 -38.28 32.12 32.48
N GLN C 152 -37.68 32.98 31.64
CA GLN C 152 -37.13 32.49 30.38
C GLN C 152 -36.10 31.39 30.63
N THR C 153 -35.14 31.66 31.52
CA THR C 153 -34.22 30.60 31.94
C THR C 153 -34.98 29.45 32.56
N GLY C 154 -36.07 29.74 33.27
CA GLY C 154 -36.91 28.70 33.85
C GLY C 154 -37.54 27.78 32.82
N LYS C 155 -38.23 28.37 31.83
CA LYS C 155 -38.81 27.56 30.77
C LYS C 155 -37.74 26.76 30.04
N LYS C 156 -36.63 27.42 29.67
CA LYS C 156 -35.60 26.72 28.90
C LYS C 156 -34.94 25.63 29.74
N LEU C 157 -34.87 25.82 31.06
CA LEU C 157 -34.24 24.83 31.92
C LEU C 157 -35.13 23.60 32.10
N MET C 158 -36.41 23.81 32.40
CA MET C 158 -37.30 22.66 32.51
C MET C 158 -37.46 21.97 31.16
N ALA C 159 -37.37 22.73 30.07
CA ALA C 159 -37.42 22.11 28.74
C ALA C 159 -36.17 21.29 28.47
N LYS C 160 -35.00 21.78 28.90
CA LYS C 160 -33.78 21.00 28.77
C LYS C 160 -33.88 19.71 29.57
N CYS C 161 -34.38 19.80 30.81
CA CYS C 161 -34.55 18.60 31.61
C CYS C 161 -35.57 17.65 30.98
N ARG C 162 -36.60 18.21 30.33
CA ARG C 162 -37.61 17.38 29.69
C ARG C 162 -37.04 16.64 28.49
N MET C 163 -36.27 17.33 27.64
CA MET C 163 -35.66 16.66 26.50
C MET C 163 -34.58 15.69 26.95
N LEU C 164 -33.94 15.97 28.09
CA LEU C 164 -33.02 15.00 28.67
C LEU C 164 -33.75 13.75 29.12
N ILE C 165 -34.93 13.90 29.73
CA ILE C 165 -35.73 12.74 30.08
C ILE C 165 -36.16 11.99 28.83
N GLN C 166 -36.51 12.71 27.77
CA GLN C 166 -36.88 12.07 26.51
C GLN C 166 -35.72 11.25 25.96
N GLU C 167 -34.53 11.84 25.92
CA GLU C 167 -33.36 11.15 25.39
C GLU C 167 -32.96 9.98 26.28
N ASN C 168 -33.15 10.11 27.59
CA ASN C 168 -32.82 9.01 28.49
C ASN C 168 -33.80 7.86 28.33
N GLN C 169 -35.08 8.17 28.13
CA GLN C 169 -36.06 7.13 27.83
C GLN C 169 -35.72 6.44 26.52
N GLU C 170 -35.35 7.20 25.49
CA GLU C 170 -34.95 6.61 24.22
C GLU C 170 -33.75 5.70 24.40
N LEU C 171 -32.73 6.16 25.11
CA LEU C 171 -31.52 5.36 25.28
C LEU C 171 -31.80 4.10 26.10
N GLY C 172 -32.62 4.21 27.15
CA GLY C 172 -32.99 3.02 27.91
C GLY C 172 -33.80 2.05 27.08
N ARG C 173 -34.60 2.57 26.15
CA ARG C 173 -35.36 1.72 25.24
C ARG C 173 -34.42 0.96 24.31
N GLN C 174 -33.48 1.68 23.69
CA GLN C 174 -32.54 1.05 22.78
C GLN C 174 -31.59 0.09 23.49
N LEU C 175 -31.50 0.15 24.82
CA LEU C 175 -30.69 -0.77 25.59
C LEU C 175 -31.51 -1.80 26.34
N SER C 176 -32.83 -1.82 26.15
CA SER C 176 -33.70 -2.69 26.92
C SER C 176 -33.36 -4.16 26.67
N GLN C 177 -33.88 -5.02 27.57
CA GLN C 177 -33.84 -6.45 27.30
C GLN C 177 -34.81 -6.80 26.17
N GLY C 178 -35.83 -5.97 25.95
CA GLY C 178 -36.71 -6.19 24.81
C GLY C 178 -36.00 -5.93 23.50
N ARG C 179 -35.21 -4.87 23.44
CA ARG C 179 -34.46 -4.59 22.21
C ARG C 179 -33.36 -5.61 22.00
N ILE C 180 -32.68 -6.04 23.07
CA ILE C 180 -31.68 -7.09 22.94
C ILE C 180 -32.34 -8.38 22.48
N ALA C 181 -33.55 -8.67 22.97
CA ALA C 181 -34.24 -9.88 22.56
C ALA C 181 -34.65 -9.80 21.10
N GLN C 182 -35.11 -8.63 20.64
CA GLN C 182 -35.46 -8.49 19.23
C GLN C 182 -34.23 -8.59 18.34
N LEU C 183 -33.09 -8.06 18.79
CA LEU C 183 -31.87 -8.17 18.01
C LEU C 183 -31.37 -9.60 17.96
N GLU C 184 -31.48 -10.34 19.07
CA GLU C 184 -31.07 -11.74 19.06
C GLU C 184 -32.02 -12.58 18.22
N ALA C 185 -33.31 -12.21 18.21
CA ALA C 185 -34.25 -12.90 17.32
C ALA C 185 -33.92 -12.66 15.86
N GLU C 186 -33.63 -11.41 15.50
CA GLU C 186 -33.23 -11.13 14.12
C GLU C 186 -31.93 -11.83 13.76
N LEU C 187 -30.99 -11.92 14.71
CA LEU C 187 -29.73 -12.60 14.42
C LEU C 187 -29.94 -14.09 14.23
N ALA C 188 -30.78 -14.71 15.06
CA ALA C 188 -31.07 -16.13 14.88
C ALA C 188 -31.84 -16.37 13.60
N LEU C 189 -32.68 -15.42 13.19
CA LEU C 189 -33.41 -15.56 11.93
C LEU C 189 -32.46 -15.46 10.76
N GLN C 190 -31.48 -14.55 10.83
CA GLN C 190 -30.49 -14.45 9.75
C GLN C 190 -29.59 -15.66 9.70
N LYS C 191 -29.25 -16.23 10.86
CA LYS C 191 -28.44 -17.45 10.86
C LYS C 191 -29.24 -18.62 10.29
N LYS C 192 -30.53 -18.69 10.59
CA LYS C 192 -31.38 -19.72 10.00
C LYS C 192 -31.47 -19.54 8.49
N TYR C 193 -31.58 -18.28 8.04
CA TYR C 193 -31.62 -18.03 6.60
C TYR C 193 -30.31 -18.40 5.93
N SER C 194 -29.18 -18.18 6.60
CA SER C 194 -27.89 -18.50 6.00
C SER C 194 -27.69 -20.01 5.93
N GLU C 195 -28.12 -20.75 6.96
CA GLU C 195 -28.04 -22.20 6.87
C GLU C 195 -29.06 -22.76 5.89
N GLU C 196 -30.18 -22.07 5.68
CA GLU C 196 -31.08 -22.44 4.59
C GLU C 196 -30.42 -22.23 3.23
N LEU C 197 -29.65 -21.16 3.10
CA LEU C 197 -28.89 -20.96 1.87
C LEU C 197 -27.83 -22.04 1.70
N LYS C 198 -27.21 -22.47 2.79
CA LYS C 198 -26.26 -23.58 2.70
C LYS C 198 -26.93 -24.87 2.25
N SER C 199 -28.14 -25.13 2.75
CA SER C 199 -28.87 -26.32 2.32
C SER C 199 -29.27 -26.22 0.85
N SER C 200 -29.70 -25.03 0.41
CA SER C 200 -29.94 -24.82 -1.01
C SER C 200 -28.66 -25.01 -1.83
N GLN C 201 -27.52 -24.66 -1.24
CA GLN C 201 -26.25 -24.84 -1.94
C GLN C 201 -25.91 -26.32 -2.08
N ASP C 202 -26.23 -27.12 -1.06
CA ASP C 202 -26.01 -28.55 -1.19
C ASP C 202 -26.94 -29.16 -2.23
N GLU C 203 -28.21 -28.73 -2.24
CA GLU C 203 -29.12 -29.14 -3.29
C GLU C 203 -28.59 -28.77 -4.66
N LEU C 204 -28.00 -27.58 -4.78
CA LEU C 204 -27.54 -27.07 -6.06
C LEU C 204 -26.29 -27.83 -6.51
N ASN C 205 -25.42 -28.19 -5.57
CA ASN C 205 -24.27 -29.02 -5.88
C ASN C 205 -24.71 -30.40 -6.39
N ASP C 206 -25.69 -31.00 -5.73
CA ASP C 206 -26.15 -32.30 -6.18
C ASP C 206 -26.85 -32.20 -7.54
N PHE C 207 -27.51 -31.07 -7.80
CA PHE C 207 -28.09 -30.85 -9.12
C PHE C 207 -27.01 -30.72 -10.19
N ILE C 208 -25.91 -30.04 -9.88
CA ILE C 208 -24.80 -29.95 -10.82
C ILE C 208 -24.22 -31.32 -11.10
N ILE C 209 -24.09 -32.14 -10.06
CA ILE C 209 -23.55 -33.49 -10.25
C ILE C 209 -24.49 -34.32 -11.11
N GLN C 210 -25.80 -34.22 -10.88
CA GLN C 210 -26.76 -34.94 -11.71
C GLN C 210 -26.67 -34.49 -13.16
N LEU C 211 -26.56 -33.18 -13.39
CA LEU C 211 -26.49 -32.68 -14.75
C LEU C 211 -25.25 -33.18 -15.46
N ASP C 212 -24.11 -33.18 -14.77
CA ASP C 212 -22.88 -33.66 -15.39
C ASP C 212 -22.97 -35.15 -15.71
N GLU C 213 -23.49 -35.95 -14.75
CA GLU C 213 -23.62 -37.38 -15.00
C GLU C 213 -24.54 -37.64 -16.17
N GLU C 214 -25.62 -36.88 -16.30
CA GLU C 214 -26.55 -37.17 -17.37
C GLU C 214 -26.07 -36.63 -18.72
N VAL C 215 -25.26 -35.56 -18.75
CA VAL C 215 -24.68 -35.17 -20.04
C VAL C 215 -23.62 -36.16 -20.47
N GLU C 216 -22.89 -36.75 -19.52
CA GLU C 216 -21.95 -37.80 -19.90
C GLU C 216 -22.68 -39.02 -20.43
N GLY C 217 -23.78 -39.40 -19.77
CA GLY C 217 -24.59 -40.50 -20.28
C GLY C 217 -25.17 -40.21 -21.66
N MET C 218 -25.64 -38.98 -21.87
CA MET C 218 -26.19 -38.62 -23.16
C MET C 218 -25.12 -38.60 -24.24
N GLN C 219 -23.90 -38.21 -23.90
CA GLN C 219 -22.82 -38.24 -24.88
C GLN C 219 -22.44 -39.67 -25.23
N SER C 220 -22.43 -40.56 -24.23
CA SER C 220 -22.20 -41.98 -24.53
C SER C 220 -23.30 -42.54 -25.42
N THR C 221 -24.55 -42.16 -25.15
CA THR C 221 -25.66 -42.60 -25.99
C THR C 221 -25.52 -42.07 -27.41
N ILE C 222 -25.11 -40.80 -27.56
CA ILE C 222 -24.93 -40.23 -28.88
C ILE C 222 -23.84 -40.98 -29.65
N LEU C 223 -22.75 -41.32 -28.96
CA LEU C 223 -21.67 -42.05 -29.63
C LEU C 223 -22.14 -43.43 -30.06
N VAL C 224 -22.89 -44.12 -29.20
CA VAL C 224 -23.42 -45.43 -29.56
C VAL C 224 -24.36 -45.33 -30.75
N LEU C 225 -25.26 -44.33 -30.72
CA LEU C 225 -26.19 -44.16 -31.83
C LEU C 225 -25.45 -43.83 -33.12
N GLN C 226 -24.38 -43.05 -33.04
CA GLN C 226 -23.62 -42.73 -34.24
C GLN C 226 -22.91 -43.96 -34.79
N GLN C 227 -22.45 -44.84 -33.90
CA GLN C 227 -21.83 -46.08 -34.37
C GLN C 227 -22.87 -46.98 -35.05
N GLN C 228 -24.02 -47.16 -34.39
CA GLN C 228 -25.11 -47.92 -35.01
C GLN C 228 -25.48 -47.35 -36.37
N LEU C 229 -25.58 -46.02 -36.45
CA LEU C 229 -25.98 -45.38 -37.70
C LEU C 229 -24.93 -45.56 -38.78
N LYS C 230 -23.65 -45.41 -38.44
CA LYS C 230 -22.60 -45.61 -39.44
C LYS C 230 -22.57 -47.05 -39.91
N GLU C 231 -22.72 -48.00 -38.99
CA GLU C 231 -22.74 -49.41 -39.37
C GLU C 231 -23.88 -49.71 -40.33
N THR C 232 -25.11 -49.40 -39.93
CA THR C 232 -26.26 -49.71 -40.79
C THR C 232 -26.22 -48.89 -42.09
N ARG C 233 -25.67 -47.67 -42.05
CA ARG C 233 -25.63 -46.85 -43.24
C ARG C 233 -24.64 -47.40 -44.25
N GLN C 234 -23.45 -47.80 -43.80
CA GLN C 234 -22.50 -48.40 -44.72
C GLN C 234 -22.98 -49.76 -45.20
N GLN C 235 -23.73 -50.48 -44.35
CA GLN C 235 -24.32 -51.75 -44.79
C GLN C 235 -25.31 -51.52 -45.92
N LEU C 236 -26.28 -50.63 -45.72
CA LEU C 236 -27.25 -50.34 -46.75
C LEU C 236 -26.59 -49.77 -48.00
N ALA C 237 -25.53 -48.99 -47.83
CA ALA C 237 -24.84 -48.41 -48.98
C ALA C 237 -24.16 -49.49 -49.81
N GLN C 238 -23.36 -50.35 -49.17
CA GLN C 238 -22.72 -51.43 -49.90
C GLN C 238 -23.74 -52.39 -50.49
N TYR C 239 -24.91 -52.51 -49.85
CA TYR C 239 -25.93 -53.41 -50.39
C TYR C 239 -26.57 -52.83 -51.64
N GLN C 240 -27.11 -51.61 -51.54
CA GLN C 240 -27.69 -50.99 -52.72
C GLN C 240 -26.66 -50.76 -53.82
N GLN C 241 -25.37 -50.80 -53.47
CA GLN C 241 -24.33 -50.67 -54.49
C GLN C 241 -24.05 -52.01 -55.18
N GLN C 242 -23.78 -53.07 -54.40
CA GLN C 242 -23.45 -54.35 -55.01
C GLN C 242 -24.70 -55.06 -55.54
N GLN C 243 -25.89 -54.64 -55.09
CA GLN C 243 -27.11 -55.22 -55.63
C GLN C 243 -27.72 -54.37 -56.74
N SER C 244 -27.20 -53.16 -56.96
CA SER C 244 -27.43 -52.48 -58.23
C SER C 244 -26.50 -53.01 -59.31
N GLN C 245 -25.52 -53.83 -58.92
CA GLN C 245 -24.63 -54.55 -59.82
C GLN C 245 -25.29 -55.77 -60.45
N ALA C 246 -26.46 -56.18 -59.94
CA ALA C 246 -27.17 -57.35 -60.44
C ALA C 246 -28.38 -56.90 -61.25
N SER C 247 -28.52 -57.45 -62.45
CA SER C 247 -29.63 -57.12 -63.34
C SER C 247 -30.83 -58.02 -63.07
N GLN D 64 43.73 -37.35 19.01
CA GLN D 64 45.09 -37.72 19.38
C GLN D 64 45.48 -37.02 20.68
N GLN D 65 46.32 -35.98 20.58
CA GLN D 65 46.84 -35.28 21.74
C GLN D 65 45.86 -34.21 22.21
N GLN D 66 45.88 -33.94 23.51
CA GLN D 66 44.99 -32.97 24.14
C GLN D 66 45.67 -31.63 24.42
N GLN D 67 46.99 -31.54 24.25
CA GLN D 67 47.71 -30.33 24.63
C GLN D 67 47.22 -29.11 23.84
N GLU D 68 47.39 -29.15 22.51
CA GLU D 68 47.03 -27.99 21.70
C GLU D 68 45.53 -27.73 21.69
N SER D 69 44.72 -28.79 21.86
CA SER D 69 43.28 -28.59 21.89
C SER D 69 42.85 -27.93 23.19
N ALA D 70 43.45 -28.32 24.31
CA ALA D 70 43.19 -27.63 25.57
C ALA D 70 43.74 -26.20 25.55
N ARG D 71 44.81 -25.97 24.79
CA ARG D 71 45.30 -24.60 24.59
C ARG D 71 44.26 -23.78 23.83
N ARG D 72 43.71 -24.35 22.75
CA ARG D 72 42.61 -23.67 22.06
C ARG D 72 41.45 -23.43 23.01
N GLU D 73 41.18 -24.38 23.90
CA GLU D 73 40.08 -24.23 24.85
C GLU D 73 40.31 -23.03 25.77
N ASN D 74 41.50 -22.94 26.38
CA ASN D 74 41.70 -21.88 27.37
C ASN D 74 41.88 -20.52 26.70
N ILE D 75 42.41 -20.47 25.48
CA ILE D 75 42.44 -19.19 24.77
C ILE D 75 41.03 -18.80 24.33
N LEU D 76 40.17 -19.78 24.06
CA LEU D 76 38.76 -19.47 23.85
C LEU D 76 38.13 -18.92 25.13
N VAL D 77 38.54 -19.45 26.29
CA VAL D 77 38.03 -18.95 27.55
C VAL D 77 38.47 -17.51 27.77
N MET D 78 39.72 -17.19 27.44
CA MET D 78 40.17 -15.81 27.61
C MET D 78 39.49 -14.87 26.61
N ARG D 79 39.25 -15.35 25.39
CA ARG D 79 38.46 -14.57 24.44
C ARG D 79 37.05 -14.32 24.98
N LEU D 80 36.45 -15.33 25.61
CA LEU D 80 35.12 -15.16 26.19
C LEU D 80 35.15 -14.16 27.34
N ALA D 81 36.22 -14.18 28.13
CA ALA D 81 36.35 -13.20 29.21
C ALA D 81 36.46 -11.78 28.67
N THR D 82 37.28 -11.60 27.63
CA THR D 82 37.39 -10.28 27.00
C THR D 82 36.04 -9.84 26.43
N LYS D 83 35.32 -10.77 25.79
CA LYS D 83 34.02 -10.41 25.21
C LYS D 83 33.02 -10.05 26.29
N GLU D 84 33.03 -10.79 27.41
CA GLU D 84 32.09 -10.49 28.49
C GLU D 84 32.44 -9.16 29.16
N GLN D 85 33.72 -8.83 29.24
CA GLN D 85 34.09 -7.53 29.80
C GLN D 85 33.71 -6.39 28.85
N GLU D 86 33.87 -6.61 27.54
CA GLU D 86 33.37 -5.63 26.58
C GLU D 86 31.86 -5.47 26.69
N MET D 87 31.16 -6.57 26.94
CA MET D 87 29.71 -6.49 27.13
C MET D 87 29.37 -5.72 28.41
N GLN D 88 30.15 -5.90 29.48
CA GLN D 88 29.92 -5.14 30.69
C GLN D 88 30.17 -3.65 30.45
N GLU D 89 31.23 -3.33 29.70
CA GLU D 89 31.46 -1.95 29.30
C GLU D 89 30.27 -1.40 28.53
N CYS D 90 29.73 -2.18 27.60
CA CYS D 90 28.59 -1.72 26.81
C CYS D 90 27.36 -1.51 27.68
N THR D 91 27.12 -2.42 28.63
CA THR D 91 25.97 -2.27 29.52
C THR D 91 26.09 -1.03 30.40
N THR D 92 27.26 -0.80 31.00
CA THR D 92 27.45 0.40 31.79
C THR D 92 27.31 1.66 30.93
N GLN D 93 27.82 1.60 29.69
CA GLN D 93 27.74 2.76 28.80
C GLN D 93 26.29 3.08 28.44
N ILE D 94 25.50 2.05 28.11
CA ILE D 94 24.11 2.32 27.73
C ILE D 94 23.30 2.72 28.95
N GLN D 95 23.60 2.18 30.13
CA GLN D 95 22.94 2.63 31.35
C GLN D 95 23.20 4.11 31.58
N TYR D 96 24.46 4.52 31.44
CA TYR D 96 24.80 5.94 31.57
C TYR D 96 24.06 6.77 30.53
N LEU D 97 24.08 6.32 29.27
CA LEU D 97 23.50 7.11 28.18
C LEU D 97 21.98 7.24 28.34
N LYS D 98 21.35 6.25 28.96
CA LYS D 98 19.89 6.23 28.97
C LYS D 98 19.30 6.72 30.28
N GLN D 99 20.07 6.74 31.37
CA GLN D 99 19.52 7.14 32.66
C GLN D 99 20.07 8.46 33.19
N VAL D 100 21.17 8.98 32.64
CA VAL D 100 21.77 10.18 33.21
C VAL D 100 20.90 11.41 32.99
N GLN D 101 20.15 11.47 31.89
CA GLN D 101 19.37 12.66 31.59
C GLN D 101 18.20 12.79 32.57
N GLN D 102 18.35 13.68 33.54
CA GLN D 102 17.30 13.97 34.52
C GLN D 102 17.38 15.45 34.87
N PRO D 103 16.32 16.21 34.62
CA PRO D 103 16.37 17.65 34.90
C PRO D 103 16.09 17.95 36.35
N SER D 104 16.92 18.82 36.92
CA SER D 104 16.82 19.25 38.30
C SER D 104 16.43 20.72 38.35
N VAL D 105 16.16 21.20 39.57
CA VAL D 105 15.73 22.59 39.76
C VAL D 105 16.68 23.57 39.08
N ALA D 106 17.98 23.23 39.07
CA ALA D 106 18.97 24.11 38.44
C ALA D 106 18.62 24.42 36.99
N GLN D 107 18.37 23.39 36.18
CA GLN D 107 17.94 23.59 34.81
C GLN D 107 16.43 23.77 34.69
N LEU D 108 15.66 23.20 35.63
CA LEU D 108 14.22 23.34 35.57
C LEU D 108 13.77 24.78 35.76
N ARG D 109 14.62 25.62 36.34
CA ARG D 109 14.29 27.03 36.49
C ARG D 109 14.74 27.88 35.31
N SER D 110 15.46 27.30 34.35
CA SER D 110 15.91 28.04 33.19
C SER D 110 15.66 27.23 31.91
N THR D 111 14.45 26.69 31.79
CA THR D 111 14.09 25.84 30.66
C THR D 111 13.79 26.71 29.44
N MET D 112 14.36 26.33 28.29
CA MET D 112 13.98 26.95 27.03
C MET D 112 12.74 26.27 26.47
N VAL D 113 11.76 27.08 26.05
CA VAL D 113 10.54 26.58 25.42
C VAL D 113 10.35 27.31 24.10
N ASP D 114 9.64 26.68 23.18
CA ASP D 114 9.32 27.33 21.91
C ASP D 114 8.44 28.55 22.16
N PRO D 115 8.34 29.45 21.17
CA PRO D 115 7.34 30.51 21.28
C PRO D 115 5.92 29.98 21.27
N ALA D 116 5.68 28.86 20.60
CA ALA D 116 4.33 28.30 20.58
C ALA D 116 3.96 27.69 21.92
N ILE D 117 4.89 26.96 22.55
CA ILE D 117 4.61 26.40 23.86
C ILE D 117 4.51 27.50 24.90
N ASN D 118 5.33 28.54 24.80
CA ASN D 118 5.21 29.65 25.74
C ASN D 118 3.89 30.36 25.55
N LEU D 119 3.42 30.50 24.31
CA LEU D 119 2.11 31.10 24.08
C LEU D 119 1.00 30.20 24.61
N PHE D 120 1.18 28.88 24.52
CA PHE D 120 0.26 27.96 25.17
C PHE D 120 0.19 28.23 26.67
N PHE D 121 1.35 28.32 27.31
CA PHE D 121 1.38 28.55 28.74
C PHE D 121 0.72 29.87 29.10
N LEU D 122 0.98 30.91 28.30
CA LEU D 122 0.41 32.23 28.60
C LEU D 122 -1.10 32.24 28.40
N LYS D 123 -1.59 31.62 27.32
CA LYS D 123 -3.02 31.56 27.07
C LYS D 123 -3.73 30.76 28.16
N MET D 124 -3.14 29.63 28.55
CA MET D 124 -3.74 28.82 29.59
C MET D 124 -3.73 29.55 30.94
N LYS D 125 -2.65 30.26 31.26
CA LYS D 125 -2.62 31.05 32.48
C LYS D 125 -3.68 32.14 32.46
N GLY D 126 -3.78 32.86 31.34
CA GLY D 126 -4.74 33.96 31.27
C GLY D 126 -6.18 33.48 31.38
N GLU D 127 -6.53 32.44 30.63
CA GLU D 127 -7.90 31.96 30.69
C GLU D 127 -8.18 31.21 31.99
N LEU D 128 -7.16 30.61 32.61
CA LEU D 128 -7.34 30.07 33.95
C LEU D 128 -7.62 31.17 34.96
N GLU D 129 -6.92 32.30 34.85
CA GLU D 129 -7.18 33.42 35.74
C GLU D 129 -8.58 33.96 35.55
N GLN D 130 -9.00 34.12 34.28
CA GLN D 130 -10.35 34.63 34.03
C GLN D 130 -11.41 33.67 34.56
N THR D 131 -11.24 32.37 34.32
CA THR D 131 -12.21 31.40 34.78
C THR D 131 -12.24 31.31 36.31
N LYS D 132 -11.07 31.38 36.94
CA LYS D 132 -11.02 31.38 38.40
C LYS D 132 -11.72 32.60 38.98
N ASP D 133 -11.49 33.76 38.36
CA ASP D 133 -12.14 34.98 38.84
C ASP D 133 -13.64 34.88 38.73
N LYS D 134 -14.14 34.46 37.55
CA LYS D 134 -15.58 34.27 37.40
C LYS D 134 -16.09 33.21 38.37
N LEU D 135 -15.26 32.22 38.69
CA LEU D 135 -15.67 31.15 39.59
C LEU D 135 -15.86 31.67 41.01
N GLU D 136 -14.87 32.41 41.50
CA GLU D 136 -14.97 32.99 42.86
C GLU D 136 -16.17 33.92 42.88
N GLN D 137 -16.33 34.72 41.84
CA GLN D 137 -17.44 35.67 41.80
C GLN D 137 -18.78 34.95 41.87
N ALA D 138 -18.94 33.90 41.08
CA ALA D 138 -20.19 33.15 41.10
C ALA D 138 -20.41 32.45 42.43
N GLN D 139 -19.33 32.01 43.07
CA GLN D 139 -19.49 31.32 44.36
C GLN D 139 -19.70 32.30 45.51
N ASN D 140 -19.28 33.56 45.35
CA ASN D 140 -19.72 34.58 46.28
C ASN D 140 -21.21 34.91 46.06
N GLU D 141 -21.65 34.97 44.81
CA GLU D 141 -23.08 35.25 44.53
C GLU D 141 -23.94 34.08 45.03
N LEU D 142 -23.38 32.86 45.06
CA LEU D 142 -24.13 31.72 45.58
C LEU D 142 -24.49 31.90 47.05
N SER D 143 -23.57 32.46 47.84
CA SER D 143 -23.83 32.62 49.27
C SER D 143 -24.87 33.71 49.54
N ALA D 144 -25.15 34.57 48.57
CA ALA D 144 -26.08 35.67 48.79
C ALA D 144 -27.53 35.23 48.63
N TRP D 145 -27.83 34.45 47.58
CA TRP D 145 -29.20 34.07 47.29
C TRP D 145 -29.80 33.25 48.42
N LYS D 146 -31.01 33.63 48.83
CA LYS D 146 -31.71 33.00 49.95
C LYS D 146 -32.64 31.91 49.44
N PHE D 147 -33.03 31.04 50.35
CA PHE D 147 -33.87 29.90 50.02
C PHE D 147 -35.28 30.34 49.63
N THR D 148 -35.67 30.01 48.40
CA THR D 148 -37.01 30.26 47.87
C THR D 148 -37.59 28.91 47.49
N PRO D 149 -38.92 28.72 47.61
CA PRO D 149 -39.50 27.45 47.12
C PRO D 149 -39.15 27.13 45.68
N ASP D 150 -39.36 28.09 44.76
CA ASP D 150 -38.99 27.87 43.37
C ASP D 150 -37.48 27.65 43.23
N SER D 151 -36.69 28.25 44.11
CA SER D 151 -35.25 28.01 44.07
C SER D 151 -34.93 26.56 44.40
N GLN D 152 -35.63 25.97 45.37
CA GLN D 152 -35.40 24.57 45.70
C GLN D 152 -35.91 23.65 44.61
N THR D 153 -37.06 23.99 44.00
CA THR D 153 -37.52 23.26 42.83
C THR D 153 -36.48 23.25 41.73
N GLY D 154 -35.90 24.42 41.43
CA GLY D 154 -34.87 24.49 40.41
C GLY D 154 -33.62 23.76 40.81
N LYS D 155 -33.27 23.78 42.10
CA LYS D 155 -32.11 23.05 42.57
C LYS D 155 -32.25 21.55 42.33
N LYS D 156 -33.38 20.98 42.74
CA LYS D 156 -33.59 19.55 42.51
C LYS D 156 -33.74 19.25 41.02
N LEU D 157 -34.40 20.15 40.28
CA LEU D 157 -34.54 19.99 38.84
C LEU D 157 -33.18 19.90 38.16
N MET D 158 -32.24 20.75 38.55
CA MET D 158 -30.96 20.76 37.87
C MET D 158 -30.03 19.69 38.42
N ALA D 159 -30.27 19.24 39.65
CA ALA D 159 -29.58 18.04 40.11
C ALA D 159 -29.97 16.84 39.24
N LYS D 160 -31.27 16.69 38.97
CA LYS D 160 -31.72 15.66 38.05
C LYS D 160 -31.16 15.91 36.65
N CYS D 161 -31.07 17.17 36.24
CA CYS D 161 -30.53 17.50 34.92
C CYS D 161 -29.08 17.07 34.79
N ARG D 162 -28.31 17.28 35.84
CA ARG D 162 -26.87 16.91 35.79
C ARG D 162 -26.81 15.40 35.75
N MET D 163 -27.50 14.74 36.67
CA MET D 163 -27.42 13.28 36.71
C MET D 163 -27.84 12.68 35.38
N LEU D 164 -28.82 13.28 34.71
CA LEU D 164 -29.20 12.80 33.38
C LEU D 164 -28.14 13.11 32.34
N ILE D 165 -27.49 14.27 32.45
CA ILE D 165 -26.41 14.61 31.51
C ILE D 165 -25.31 13.56 31.60
N GLN D 166 -25.01 13.10 32.82
CA GLN D 166 -23.96 12.08 32.98
C GLN D 166 -24.45 10.72 32.54
N GLU D 167 -25.67 10.34 32.94
CA GLU D 167 -26.19 9.01 32.65
C GLU D 167 -26.44 8.83 31.16
N ASN D 168 -26.79 9.91 30.46
CA ASN D 168 -27.03 9.82 29.03
C ASN D 168 -25.76 9.53 28.25
N GLN D 169 -24.62 10.10 28.64
CA GLN D 169 -23.38 9.73 27.98
C GLN D 169 -22.92 8.33 28.42
N GLU D 170 -23.19 7.98 29.68
CA GLU D 170 -22.83 6.64 30.14
C GLU D 170 -23.67 5.58 29.43
N LEU D 171 -24.85 5.95 28.94
CA LEU D 171 -25.70 5.02 28.22
C LEU D 171 -25.42 5.07 26.72
N GLY D 172 -25.03 6.25 26.21
CA GLY D 172 -24.65 6.34 24.82
C GLY D 172 -23.38 5.59 24.52
N ARG D 173 -22.49 5.48 25.52
CA ARG D 173 -21.29 4.67 25.32
C ARG D 173 -21.62 3.18 25.42
N GLN D 174 -22.67 2.83 26.17
CA GLN D 174 -23.10 1.44 26.20
C GLN D 174 -23.79 1.04 24.91
N LEU D 175 -24.55 1.97 24.32
CA LEU D 175 -25.25 1.68 23.06
C LEU D 175 -24.29 1.53 21.89
N SER D 176 -23.05 2.02 22.02
CA SER D 176 -22.09 1.94 20.94
C SER D 176 -20.91 1.04 21.25
N GLN D 177 -20.74 0.62 22.50
CA GLN D 177 -19.64 -0.27 22.86
C GLN D 177 -20.10 -1.56 23.53
N GLY D 178 -21.40 -1.73 23.79
CA GLY D 178 -21.90 -2.84 24.57
C GLY D 178 -22.45 -3.96 23.71
N ARG D 179 -23.38 -4.70 24.31
CA ARG D 179 -23.96 -5.87 23.66
C ARG D 179 -24.73 -5.48 22.40
N ILE D 180 -25.38 -4.32 22.42
CA ILE D 180 -26.22 -3.96 21.27
C ILE D 180 -25.38 -3.62 20.06
N ALA D 181 -24.21 -3.03 20.25
CA ALA D 181 -23.34 -2.76 19.11
C ALA D 181 -22.81 -4.05 18.49
N GLN D 182 -22.39 -5.00 19.34
CA GLN D 182 -21.94 -6.28 18.82
C GLN D 182 -23.08 -7.02 18.11
N LEU D 183 -24.31 -6.88 18.63
CA LEU D 183 -25.43 -7.58 18.02
C LEU D 183 -25.80 -6.98 16.69
N GLU D 184 -25.82 -5.65 16.59
CA GLU D 184 -26.10 -5.02 15.30
C GLU D 184 -24.98 -5.27 14.30
N ALA D 185 -23.75 -5.40 14.78
CA ALA D 185 -22.64 -5.71 13.87
C ALA D 185 -22.76 -7.14 13.35
N GLU D 186 -23.03 -8.09 14.24
CA GLU D 186 -23.27 -9.47 13.78
C GLU D 186 -24.45 -9.53 12.83
N LEU D 187 -25.48 -8.73 13.07
CA LEU D 187 -26.66 -8.75 12.22
C LEU D 187 -26.34 -8.23 10.83
N ALA D 188 -25.65 -7.10 10.75
CA ALA D 188 -25.28 -6.57 9.44
C ALA D 188 -24.33 -7.49 8.71
N LEU D 189 -23.40 -8.12 9.44
CA LEU D 189 -22.45 -9.01 8.79
C LEU D 189 -23.12 -10.30 8.32
N GLN D 190 -24.09 -10.80 9.07
CA GLN D 190 -24.83 -11.97 8.61
C GLN D 190 -25.71 -11.64 7.41
N LYS D 191 -26.32 -10.46 7.42
CA LYS D 191 -27.06 -10.02 6.23
C LYS D 191 -26.15 -9.96 5.01
N LYS D 192 -24.94 -9.40 5.17
CA LYS D 192 -24.03 -9.28 4.04
C LYS D 192 -23.54 -10.65 3.58
N TYR D 193 -23.26 -11.55 4.53
CA TYR D 193 -22.80 -12.88 4.16
C TYR D 193 -23.87 -13.64 3.40
N SER D 194 -25.12 -13.57 3.88
CA SER D 194 -26.21 -14.24 3.18
C SER D 194 -26.45 -13.62 1.82
N GLU D 195 -26.33 -12.29 1.71
CA GLU D 195 -26.56 -11.65 0.42
C GLU D 195 -25.46 -12.00 -0.58
N GLU D 196 -24.23 -12.15 -0.10
CA GLU D 196 -23.15 -12.56 -1.01
C GLU D 196 -23.30 -14.01 -1.42
N LEU D 197 -23.65 -14.88 -0.47
CA LEU D 197 -23.91 -16.27 -0.80
C LEU D 197 -25.01 -16.40 -1.83
N LYS D 198 -26.08 -15.62 -1.69
CA LYS D 198 -27.19 -15.72 -2.63
C LYS D 198 -26.85 -15.08 -3.97
N SER D 199 -26.08 -14.00 -3.95
CA SER D 199 -25.69 -13.36 -5.20
C SER D 199 -24.72 -14.22 -5.98
N SER D 200 -24.00 -15.12 -5.34
CA SER D 200 -23.20 -16.08 -6.09
C SER D 200 -23.98 -17.34 -6.45
N GLN D 201 -25.00 -17.70 -5.65
CA GLN D 201 -25.86 -18.81 -6.06
C GLN D 201 -26.70 -18.44 -7.27
N ASP D 202 -26.98 -17.15 -7.47
CA ASP D 202 -27.67 -16.74 -8.69
C ASP D 202 -26.79 -16.99 -9.91
N GLU D 203 -25.51 -16.68 -9.82
CA GLU D 203 -24.60 -16.97 -10.91
C GLU D 203 -24.47 -18.47 -11.14
N LEU D 204 -24.43 -19.24 -10.05
CA LEU D 204 -24.40 -20.69 -10.21
C LEU D 204 -25.67 -21.20 -10.86
N ASN D 205 -26.81 -20.54 -10.60
CA ASN D 205 -28.05 -20.92 -11.27
C ASN D 205 -28.00 -20.60 -12.75
N ASP D 206 -27.39 -19.48 -13.13
CA ASP D 206 -27.21 -19.17 -14.54
C ASP D 206 -26.31 -20.21 -15.22
N PHE D 207 -25.26 -20.64 -14.53
CA PHE D 207 -24.39 -21.66 -15.10
C PHE D 207 -25.12 -23.01 -15.20
N ILE D 208 -26.02 -23.29 -14.27
CA ILE D 208 -26.84 -24.49 -14.37
C ILE D 208 -27.83 -24.37 -15.52
N ILE D 209 -28.27 -23.16 -15.82
CA ILE D 209 -29.08 -22.94 -17.02
C ILE D 209 -28.27 -23.29 -18.26
N GLN D 210 -27.00 -22.87 -18.30
CA GLN D 210 -26.09 -23.31 -19.35
C GLN D 210 -26.05 -24.83 -19.46
N LEU D 211 -25.83 -25.52 -18.34
CA LEU D 211 -25.70 -26.97 -18.36
C LEU D 211 -26.98 -27.65 -18.83
N ASP D 212 -28.14 -27.14 -18.41
CA ASP D 212 -29.38 -27.78 -18.81
C ASP D 212 -29.74 -27.48 -20.26
N GLU D 213 -29.34 -26.32 -20.78
CA GLU D 213 -29.41 -26.10 -22.22
C GLU D 213 -28.57 -27.11 -22.96
N GLU D 214 -27.37 -27.41 -22.45
CA GLU D 214 -26.56 -28.48 -23.04
C GLU D 214 -27.29 -29.81 -22.98
N VAL D 215 -27.95 -30.10 -21.86
CA VAL D 215 -28.73 -31.33 -21.73
C VAL D 215 -29.79 -31.43 -22.81
N GLU D 216 -30.56 -30.34 -22.98
CA GLU D 216 -31.67 -30.40 -23.94
C GLU D 216 -31.16 -30.46 -25.37
N GLY D 217 -30.02 -29.83 -25.65
CA GLY D 217 -29.43 -29.97 -26.98
C GLY D 217 -28.98 -31.38 -27.27
N MET D 218 -28.30 -32.00 -26.31
CA MET D 218 -27.89 -33.40 -26.50
C MET D 218 -29.11 -34.31 -26.62
N GLN D 219 -30.20 -33.99 -25.93
CA GLN D 219 -31.39 -34.83 -26.03
C GLN D 219 -32.05 -34.69 -27.39
N SER D 220 -32.09 -33.47 -27.93
CA SER D 220 -32.60 -33.28 -29.28
C SER D 220 -31.75 -34.02 -30.30
N THR D 221 -30.43 -34.01 -30.09
CA THR D 221 -29.55 -34.74 -31.00
C THR D 221 -29.78 -36.24 -30.88
N ILE D 222 -30.04 -36.73 -29.66
CA ILE D 222 -30.37 -38.14 -29.48
C ILE D 222 -31.63 -38.49 -30.23
N LEU D 223 -32.65 -37.62 -30.15
CA LEU D 223 -33.91 -37.89 -30.84
C LEU D 223 -33.73 -37.94 -32.35
N VAL D 224 -33.01 -36.96 -32.91
CA VAL D 224 -32.83 -36.96 -34.35
C VAL D 224 -31.98 -38.13 -34.80
N LEU D 225 -30.97 -38.52 -34.01
CA LEU D 225 -30.16 -39.67 -34.37
C LEU D 225 -30.97 -40.97 -34.27
N GLN D 226 -31.90 -41.04 -33.31
CA GLN D 226 -32.72 -42.22 -33.19
C GLN D 226 -33.69 -42.34 -34.36
N GLN D 227 -34.26 -41.22 -34.79
CA GLN D 227 -35.13 -41.26 -35.96
C GLN D 227 -34.35 -41.64 -37.21
N GLN D 228 -33.13 -41.11 -37.36
CA GLN D 228 -32.31 -41.48 -38.51
C GLN D 228 -31.95 -42.96 -38.47
N LEU D 229 -31.57 -43.48 -37.30
CA LEU D 229 -31.25 -44.89 -37.18
C LEU D 229 -32.46 -45.76 -37.49
N LYS D 230 -33.64 -45.36 -37.02
CA LYS D 230 -34.84 -46.14 -37.29
C LYS D 230 -35.15 -46.17 -38.78
N GLU D 231 -35.13 -45.00 -39.43
CA GLU D 231 -35.48 -44.98 -40.85
C GLU D 231 -34.44 -45.71 -41.70
N THR D 232 -33.15 -45.57 -41.38
CA THR D 232 -32.14 -46.30 -42.13
C THR D 232 -32.20 -47.80 -41.85
N ARG D 233 -32.59 -48.19 -40.63
CA ARG D 233 -32.67 -49.61 -40.30
C ARG D 233 -33.83 -50.28 -41.02
N GLN D 234 -35.00 -49.64 -41.01
CA GLN D 234 -36.13 -50.19 -41.77
C GLN D 234 -35.86 -50.13 -43.26
N GLN D 235 -35.13 -49.12 -43.73
CA GLN D 235 -34.75 -49.06 -45.14
C GLN D 235 -33.85 -50.23 -45.51
N LEU D 236 -32.89 -50.57 -44.64
CA LEU D 236 -32.03 -51.71 -44.91
C LEU D 236 -32.83 -53.01 -44.87
N ALA D 237 -33.75 -53.14 -43.91
CA ALA D 237 -34.60 -54.34 -43.85
C ALA D 237 -35.37 -54.52 -45.15
N GLN D 238 -36.03 -53.46 -45.62
CA GLN D 238 -36.83 -53.58 -46.84
C GLN D 238 -35.95 -53.78 -48.08
N TYR D 239 -34.80 -53.10 -48.15
CA TYR D 239 -33.93 -53.28 -49.30
C TYR D 239 -33.36 -54.69 -49.36
N GLN D 240 -33.05 -55.29 -48.21
CA GLN D 240 -32.62 -56.67 -48.20
C GLN D 240 -33.75 -57.59 -48.62
N GLN D 241 -34.96 -57.40 -48.07
CA GLN D 241 -36.08 -58.26 -48.41
C GLN D 241 -36.50 -58.12 -49.88
N GLN D 242 -36.14 -57.00 -50.53
CA GLN D 242 -36.41 -56.88 -51.97
C GLN D 242 -35.27 -57.46 -52.79
N GLN D 243 -34.05 -56.96 -52.60
CA GLN D 243 -32.92 -57.36 -53.43
C GLN D 243 -32.35 -58.72 -53.07
N SER D 244 -32.95 -59.45 -52.13
CA SER D 244 -32.59 -60.85 -51.98
C SER D 244 -33.36 -61.73 -52.97
N GLN D 245 -34.59 -61.34 -53.30
CA GLN D 245 -35.35 -62.05 -54.31
C GLN D 245 -35.20 -61.42 -55.70
N ALA D 246 -34.76 -60.16 -55.77
CA ALA D 246 -34.63 -59.47 -57.05
C ALA D 246 -33.19 -59.49 -57.54
N SER D 247 -32.26 -58.98 -56.73
CA SER D 247 -30.85 -58.93 -57.11
C SER D 247 -30.15 -60.25 -56.80
#